data_8T7K
# 
_entry.id   8T7K 
# 
_audit_conform.dict_name       mmcif_pdbx.dic 
_audit_conform.dict_version    5.395 
_audit_conform.dict_location   http://mmcif.pdb.org/dictionaries/ascii/mmcif_pdbx.dic 
# 
loop_
_database_2.database_id 
_database_2.database_code 
_database_2.pdbx_database_accession 
_database_2.pdbx_DOI 
PDB   8T7K         pdb_00008t7k 10.2210/pdb8t7k/pdb 
WWPDB D_1000275113 ?            ?                   
# 
_pdbx_audit_revision_history.ordinal             1 
_pdbx_audit_revision_history.data_content_type   'Structure model' 
_pdbx_audit_revision_history.major_revision      1 
_pdbx_audit_revision_history.minor_revision      0 
_pdbx_audit_revision_history.revision_date       2024-06-26 
# 
_pdbx_audit_revision_details.ordinal             1 
_pdbx_audit_revision_details.revision_ordinal    1 
_pdbx_audit_revision_details.data_content_type   'Structure model' 
_pdbx_audit_revision_details.provider            repository 
_pdbx_audit_revision_details.type                'Initial release' 
_pdbx_audit_revision_details.description         ? 
_pdbx_audit_revision_details.details             ? 
# 
_pdbx_database_status.status_code                     REL 
_pdbx_database_status.status_code_sf                  REL 
_pdbx_database_status.status_code_mr                  ? 
_pdbx_database_status.entry_id                        8T7K 
_pdbx_database_status.recvd_initial_deposition_date   2023-06-20 
_pdbx_database_status.SG_entry                        N 
_pdbx_database_status.deposit_site                    RCSB 
_pdbx_database_status.process_site                    RCSB 
_pdbx_database_status.status_code_cs                  ? 
_pdbx_database_status.status_code_nmr_data            ? 
_pdbx_database_status.methods_development_category    ? 
_pdbx_database_status.pdb_format_compatible           Y 
# 
_pdbx_contact_author.id                 2 
_pdbx_contact_author.email              msuits@wlu.ca 
_pdbx_contact_author.name_first         Michael 
_pdbx_contact_author.name_last          Suits 
_pdbx_contact_author.name_mi            D 
_pdbx_contact_author.role               'principal investigator/group leader' 
_pdbx_contact_author.identifier_ORCID   0000-0002-2594-9162 
# 
loop_
_audit_author.name 
_audit_author.pdbx_ordinal 
_audit_author.identifier_ORCID 
'Corbett, B.W.' 1 ? 
'Suits, M.D.'   2 ? 
# 
_citation.abstract                  ? 
_citation.abstract_id_CAS           ? 
_citation.book_id_ISBN              ? 
_citation.book_publisher            ? 
_citation.book_publisher_city       ? 
_citation.book_title                ? 
_citation.coordinate_linkage        ? 
_citation.country                   ? 
_citation.database_id_Medline       ? 
_citation.details                   ? 
_citation.id                        primary 
_citation.journal_abbrev            'To Be Published' 
_citation.journal_id_ASTM           ? 
_citation.journal_id_CSD            0353 
_citation.journal_id_ISSN           ? 
_citation.journal_full              ? 
_citation.journal_issue             ? 
_citation.journal_volume            ? 
_citation.language                  ? 
_citation.page_first                ? 
_citation.page_last                 ? 
_citation.title                     
'Structural and functional characterization of the high-affinity ferrous iron transport protein HftA from Treponema denticola.' 
_citation.year                      ? 
_citation.database_id_CSD           ? 
_citation.pdbx_database_id_DOI      ? 
_citation.pdbx_database_id_PubMed   ? 
_citation.pdbx_database_id_patent   ? 
_citation.unpublished_flag          ? 
# 
loop_
_citation_author.citation_id 
_citation_author.name 
_citation_author.ordinal 
_citation_author.identifier_ORCID 
primary 'Corbett, B.W.' 1 ? 
primary 'Suits, M.D.'   2 ? 
# 
loop_
_entity.id 
_entity.type 
_entity.src_method 
_entity.pdbx_description 
_entity.formula_weight 
_entity.pdbx_number_of_molecules 
_entity.pdbx_ec 
_entity.pdbx_mutation 
_entity.pdbx_fragment 
_entity.details 
1 polymer man 'Pathogen-specific surface antigen, putative' 17271.174 1  ? ? ? ? 
2 water   nat water                                         18.015    53 ? ? ? ? 
# 
_entity_poly.entity_id                      1 
_entity_poly.type                           'polypeptide(L)' 
_entity_poly.nstd_linkage                   no 
_entity_poly.nstd_monomer                   no 
_entity_poly.pdbx_seq_one_letter_code       
;FDEFPIGDEQDAGILTVAGVYFQPVDMEPAGNSLSKNEADCHMEADISANEKGATLGYGAGDFVPYLHVKAYIQKVGSSK
VQEVAFMPMNASDGPHYGANVKFEEGLGKYNIKFEIKAPGNDYLLHVDKETGVTGRFWTEPIVVEWKDFEWTGPQW
;
_entity_poly.pdbx_seq_one_letter_code_can   
;FDEFPIGDEQDAGILTVAGVYFQPVDMEPAGNSLSKNEADCHMEADISANEKGATLGYGAGDFVPYLHVKAYIQKVGSSK
VQEVAFMPMNASDGPHYGANVKFEEGLGKYNIKFEIKAPGNDYLLHVDKETGVTGRFWTEPIVVEWKDFEWTGPQW
;
_entity_poly.pdbx_strand_id                 A 
_entity_poly.pdbx_target_identifier         ? 
# 
_pdbx_entity_nonpoly.entity_id   2 
_pdbx_entity_nonpoly.name        water 
_pdbx_entity_nonpoly.comp_id     HOH 
# 
loop_
_entity_poly_seq.entity_id 
_entity_poly_seq.num 
_entity_poly_seq.mon_id 
_entity_poly_seq.hetero 
1 1   PHE n 
1 2   ASP n 
1 3   GLU n 
1 4   PHE n 
1 5   PRO n 
1 6   ILE n 
1 7   GLY n 
1 8   ASP n 
1 9   GLU n 
1 10  GLN n 
1 11  ASP n 
1 12  ALA n 
1 13  GLY n 
1 14  ILE n 
1 15  LEU n 
1 16  THR n 
1 17  VAL n 
1 18  ALA n 
1 19  GLY n 
1 20  VAL n 
1 21  TYR n 
1 22  PHE n 
1 23  GLN n 
1 24  PRO n 
1 25  VAL n 
1 26  ASP n 
1 27  MET n 
1 28  GLU n 
1 29  PRO n 
1 30  ALA n 
1 31  GLY n 
1 32  ASN n 
1 33  SER n 
1 34  LEU n 
1 35  SER n 
1 36  LYS n 
1 37  ASN n 
1 38  GLU n 
1 39  ALA n 
1 40  ASP n 
1 41  CYS n 
1 42  HIS n 
1 43  MET n 
1 44  GLU n 
1 45  ALA n 
1 46  ASP n 
1 47  ILE n 
1 48  SER n 
1 49  ALA n 
1 50  ASN n 
1 51  GLU n 
1 52  LYS n 
1 53  GLY n 
1 54  ALA n 
1 55  THR n 
1 56  LEU n 
1 57  GLY n 
1 58  TYR n 
1 59  GLY n 
1 60  ALA n 
1 61  GLY n 
1 62  ASP n 
1 63  PHE n 
1 64  VAL n 
1 65  PRO n 
1 66  TYR n 
1 67  LEU n 
1 68  HIS n 
1 69  VAL n 
1 70  LYS n 
1 71  ALA n 
1 72  TYR n 
1 73  ILE n 
1 74  GLN n 
1 75  LYS n 
1 76  VAL n 
1 77  GLY n 
1 78  SER n 
1 79  SER n 
1 80  LYS n 
1 81  VAL n 
1 82  GLN n 
1 83  GLU n 
1 84  VAL n 
1 85  ALA n 
1 86  PHE n 
1 87  MET n 
1 88  PRO n 
1 89  MET n 
1 90  ASN n 
1 91  ALA n 
1 92  SER n 
1 93  ASP n 
1 94  GLY n 
1 95  PRO n 
1 96  HIS n 
1 97  TYR n 
1 98  GLY n 
1 99  ALA n 
1 100 ASN n 
1 101 VAL n 
1 102 LYS n 
1 103 PHE n 
1 104 GLU n 
1 105 GLU n 
1 106 GLY n 
1 107 LEU n 
1 108 GLY n 
1 109 LYS n 
1 110 TYR n 
1 111 ASN n 
1 112 ILE n 
1 113 LYS n 
1 114 PHE n 
1 115 GLU n 
1 116 ILE n 
1 117 LYS n 
1 118 ALA n 
1 119 PRO n 
1 120 GLY n 
1 121 ASN n 
1 122 ASP n 
1 123 TYR n 
1 124 LEU n 
1 125 LEU n 
1 126 HIS n 
1 127 VAL n 
1 128 ASP n 
1 129 LYS n 
1 130 GLU n 
1 131 THR n 
1 132 GLY n 
1 133 VAL n 
1 134 THR n 
1 135 GLY n 
1 136 ARG n 
1 137 PHE n 
1 138 TRP n 
1 139 THR n 
1 140 GLU n 
1 141 PRO n 
1 142 ILE n 
1 143 VAL n 
1 144 VAL n 
1 145 GLU n 
1 146 TRP n 
1 147 LYS n 
1 148 ASP n 
1 149 PHE n 
1 150 GLU n 
1 151 TRP n 
1 152 THR n 
1 153 GLY n 
1 154 PRO n 
1 155 GLN n 
1 156 TRP n 
# 
_entity_src_gen.entity_id                          1 
_entity_src_gen.pdbx_src_id                        1 
_entity_src_gen.pdbx_alt_source_flag               sample 
_entity_src_gen.pdbx_seq_type                      'Biological sequence' 
_entity_src_gen.pdbx_beg_seq_num                   1 
_entity_src_gen.pdbx_end_seq_num                   156 
_entity_src_gen.gene_src_common_name               ? 
_entity_src_gen.gene_src_genus                     ? 
_entity_src_gen.pdbx_gene_src_gene                 TDE_1511 
_entity_src_gen.gene_src_species                   ? 
_entity_src_gen.gene_src_strain                    ? 
_entity_src_gen.gene_src_tissue                    ? 
_entity_src_gen.gene_src_tissue_fraction           ? 
_entity_src_gen.gene_src_details                   ? 
_entity_src_gen.pdbx_gene_src_fragment             ? 
_entity_src_gen.pdbx_gene_src_scientific_name      'Treponema denticola ATCC 35405' 
_entity_src_gen.pdbx_gene_src_ncbi_taxonomy_id     243275 
_entity_src_gen.pdbx_gene_src_variant              ? 
_entity_src_gen.pdbx_gene_src_cell_line            ? 
_entity_src_gen.pdbx_gene_src_atcc                 ? 
_entity_src_gen.pdbx_gene_src_organ                ? 
_entity_src_gen.pdbx_gene_src_organelle            ? 
_entity_src_gen.pdbx_gene_src_cell                 ? 
_entity_src_gen.pdbx_gene_src_cellular_location    ? 
_entity_src_gen.host_org_common_name               ? 
_entity_src_gen.pdbx_host_org_scientific_name      'Escherichia coli BL21(DE3)' 
_entity_src_gen.pdbx_host_org_ncbi_taxonomy_id     469008 
_entity_src_gen.host_org_genus                     ? 
_entity_src_gen.pdbx_host_org_gene                 ? 
_entity_src_gen.pdbx_host_org_organ                ? 
_entity_src_gen.host_org_species                   ? 
_entity_src_gen.pdbx_host_org_tissue               ? 
_entity_src_gen.pdbx_host_org_tissue_fraction      ? 
_entity_src_gen.pdbx_host_org_strain               ? 
_entity_src_gen.pdbx_host_org_variant              ? 
_entity_src_gen.pdbx_host_org_cell_line            ? 
_entity_src_gen.pdbx_host_org_atcc                 ? 
_entity_src_gen.pdbx_host_org_culture_collection   ? 
_entity_src_gen.pdbx_host_org_cell                 ? 
_entity_src_gen.pdbx_host_org_organelle            ? 
_entity_src_gen.pdbx_host_org_cellular_location    ? 
_entity_src_gen.pdbx_host_org_vector_type          ? 
_entity_src_gen.pdbx_host_org_vector               ? 
_entity_src_gen.host_org_details                   ? 
_entity_src_gen.expression_system_id               ? 
_entity_src_gen.plasmid_name                       pET-21a 
_entity_src_gen.plasmid_details                    ? 
_entity_src_gen.pdbx_description                   ? 
# 
loop_
_chem_comp.id 
_chem_comp.type 
_chem_comp.mon_nstd_flag 
_chem_comp.name 
_chem_comp.pdbx_synonyms 
_chem_comp.formula 
_chem_comp.formula_weight 
ALA 'L-peptide linking' y ALANINE         ? 'C3 H7 N O2'     89.093  
ARG 'L-peptide linking' y ARGININE        ? 'C6 H15 N4 O2 1' 175.209 
ASN 'L-peptide linking' y ASPARAGINE      ? 'C4 H8 N2 O3'    132.118 
ASP 'L-peptide linking' y 'ASPARTIC ACID' ? 'C4 H7 N O4'     133.103 
CYS 'L-peptide linking' y CYSTEINE        ? 'C3 H7 N O2 S'   121.158 
GLN 'L-peptide linking' y GLUTAMINE       ? 'C5 H10 N2 O3'   146.144 
GLU 'L-peptide linking' y 'GLUTAMIC ACID' ? 'C5 H9 N O4'     147.129 
GLY 'peptide linking'   y GLYCINE         ? 'C2 H5 N O2'     75.067  
HIS 'L-peptide linking' y HISTIDINE       ? 'C6 H10 N3 O2 1' 156.162 
HOH non-polymer         . WATER           ? 'H2 O'           18.015  
ILE 'L-peptide linking' y ISOLEUCINE      ? 'C6 H13 N O2'    131.173 
LEU 'L-peptide linking' y LEUCINE         ? 'C6 H13 N O2'    131.173 
LYS 'L-peptide linking' y LYSINE          ? 'C6 H15 N2 O2 1' 147.195 
MET 'L-peptide linking' y METHIONINE      ? 'C5 H11 N O2 S'  149.211 
PHE 'L-peptide linking' y PHENYLALANINE   ? 'C9 H11 N O2'    165.189 
PRO 'L-peptide linking' y PROLINE         ? 'C5 H9 N O2'     115.130 
SER 'L-peptide linking' y SERINE          ? 'C3 H7 N O3'     105.093 
THR 'L-peptide linking' y THREONINE       ? 'C4 H9 N O3'     119.119 
TRP 'L-peptide linking' y TRYPTOPHAN      ? 'C11 H12 N2 O2'  204.225 
TYR 'L-peptide linking' y TYROSINE        ? 'C9 H11 N O3'    181.189 
VAL 'L-peptide linking' y VALINE          ? 'C5 H11 N O2'    117.146 
# 
loop_
_pdbx_poly_seq_scheme.asym_id 
_pdbx_poly_seq_scheme.entity_id 
_pdbx_poly_seq_scheme.seq_id 
_pdbx_poly_seq_scheme.mon_id 
_pdbx_poly_seq_scheme.ndb_seq_num 
_pdbx_poly_seq_scheme.pdb_seq_num 
_pdbx_poly_seq_scheme.auth_seq_num 
_pdbx_poly_seq_scheme.pdb_mon_id 
_pdbx_poly_seq_scheme.auth_mon_id 
_pdbx_poly_seq_scheme.pdb_strand_id 
_pdbx_poly_seq_scheme.pdb_ins_code 
_pdbx_poly_seq_scheme.hetero 
A 1 1   PHE 1   53  53  PHE PHE A . n 
A 1 2   ASP 2   54  54  ASP ASP A . n 
A 1 3   GLU 3   55  55  GLU GLU A . n 
A 1 4   PHE 4   56  56  PHE PHE A . n 
A 1 5   PRO 5   57  57  PRO PRO A . n 
A 1 6   ILE 6   58  58  ILE ILE A . n 
A 1 7   GLY 7   59  59  GLY GLY A . n 
A 1 8   ASP 8   60  60  ASP ASP A . n 
A 1 9   GLU 9   61  61  GLU GLU A . n 
A 1 10  GLN 10  62  62  GLN GLN A . n 
A 1 11  ASP 11  63  63  ASP ASP A . n 
A 1 12  ALA 12  64  64  ALA ALA A . n 
A 1 13  GLY 13  65  65  GLY GLY A . n 
A 1 14  ILE 14  66  66  ILE ILE A . n 
A 1 15  LEU 15  67  67  LEU LEU A . n 
A 1 16  THR 16  68  68  THR THR A . n 
A 1 17  VAL 17  69  69  VAL VAL A . n 
A 1 18  ALA 18  70  70  ALA ALA A . n 
A 1 19  GLY 19  71  71  GLY GLY A . n 
A 1 20  VAL 20  72  72  VAL VAL A . n 
A 1 21  TYR 21  73  73  TYR TYR A . n 
A 1 22  PHE 22  74  74  PHE PHE A . n 
A 1 23  GLN 23  75  75  GLN GLN A . n 
A 1 24  PRO 24  76  76  PRO PRO A . n 
A 1 25  VAL 25  77  77  VAL VAL A . n 
A 1 26  ASP 26  78  78  ASP ASP A . n 
A 1 27  MET 27  79  79  MET MET A . n 
A 1 28  GLU 28  80  80  GLU GLU A . n 
A 1 29  PRO 29  81  81  PRO PRO A . n 
A 1 30  ALA 30  82  82  ALA ALA A . n 
A 1 31  GLY 31  83  83  GLY GLY A . n 
A 1 32  ASN 32  84  84  ASN ASN A . n 
A 1 33  SER 33  85  85  SER SER A . n 
A 1 34  LEU 34  86  86  LEU LEU A . n 
A 1 35  SER 35  87  87  SER SER A . n 
A 1 36  LYS 36  88  88  LYS LYS A . n 
A 1 37  ASN 37  89  89  ASN ASN A . n 
A 1 38  GLU 38  90  90  GLU GLU A . n 
A 1 39  ALA 39  91  91  ALA ALA A . n 
A 1 40  ASP 40  92  92  ASP ASP A . n 
A 1 41  CYS 41  93  93  CYS CYS A . n 
A 1 42  HIS 42  94  94  HIS HIS A . n 
A 1 43  MET 43  95  95  MET MET A . n 
A 1 44  GLU 44  96  96  GLU GLU A . n 
A 1 45  ALA 45  97  97  ALA ALA A . n 
A 1 46  ASP 46  98  98  ASP ASP A . n 
A 1 47  ILE 47  99  99  ILE ILE A . n 
A 1 48  SER 48  100 100 SER SER A . n 
A 1 49  ALA 49  101 101 ALA ALA A . n 
A 1 50  ASN 50  102 102 ASN ASN A . n 
A 1 51  GLU 51  103 103 GLU GLU A . n 
A 1 52  LYS 52  104 104 LYS LYS A . n 
A 1 53  GLY 53  105 105 GLY GLY A . n 
A 1 54  ALA 54  106 106 ALA ALA A . n 
A 1 55  THR 55  107 107 THR THR A . n 
A 1 56  LEU 56  108 108 LEU LEU A . n 
A 1 57  GLY 57  109 109 GLY GLY A . n 
A 1 58  TYR 58  110 110 TYR TYR A . n 
A 1 59  GLY 59  111 111 GLY GLY A . n 
A 1 60  ALA 60  112 112 ALA ALA A . n 
A 1 61  GLY 61  113 113 GLY GLY A . n 
A 1 62  ASP 62  114 114 ASP ASP A . n 
A 1 63  PHE 63  115 115 PHE PHE A . n 
A 1 64  VAL 64  116 116 VAL VAL A . n 
A 1 65  PRO 65  117 117 PRO PRO A . n 
A 1 66  TYR 66  118 118 TYR TYR A . n 
A 1 67  LEU 67  119 119 LEU LEU A . n 
A 1 68  HIS 68  120 120 HIS HIS A . n 
A 1 69  VAL 69  121 121 VAL VAL A . n 
A 1 70  LYS 70  122 122 LYS LYS A . n 
A 1 71  ALA 71  123 123 ALA ALA A . n 
A 1 72  TYR 72  124 124 TYR TYR A . n 
A 1 73  ILE 73  125 125 ILE ILE A . n 
A 1 74  GLN 74  126 126 GLN GLN A . n 
A 1 75  LYS 75  127 127 LYS LYS A . n 
A 1 76  VAL 76  128 128 VAL VAL A . n 
A 1 77  GLY 77  129 129 GLY GLY A . n 
A 1 78  SER 78  130 130 SER SER A . n 
A 1 79  SER 79  131 131 SER SER A . n 
A 1 80  LYS 80  132 132 LYS LYS A . n 
A 1 81  VAL 81  133 133 VAL VAL A . n 
A 1 82  GLN 82  134 134 GLN GLN A . n 
A 1 83  GLU 83  135 135 GLU GLU A . n 
A 1 84  VAL 84  136 136 VAL VAL A . n 
A 1 85  ALA 85  137 137 ALA ALA A . n 
A 1 86  PHE 86  138 138 PHE PHE A . n 
A 1 87  MET 87  139 139 MET MET A . n 
A 1 88  PRO 88  140 140 PRO PRO A . n 
A 1 89  MET 89  141 141 MET MET A . n 
A 1 90  ASN 90  142 142 ASN ASN A . n 
A 1 91  ALA 91  143 143 ALA ALA A . n 
A 1 92  SER 92  144 144 SER SER A . n 
A 1 93  ASP 93  145 145 ASP ASP A . n 
A 1 94  GLY 94  146 146 GLY GLY A . n 
A 1 95  PRO 95  147 147 PRO PRO A . n 
A 1 96  HIS 96  148 148 HIS HIS A . n 
A 1 97  TYR 97  149 149 TYR TYR A . n 
A 1 98  GLY 98  150 150 GLY GLY A . n 
A 1 99  ALA 99  151 151 ALA ALA A . n 
A 1 100 ASN 100 152 152 ASN ASN A . n 
A 1 101 VAL 101 153 153 VAL VAL A . n 
A 1 102 LYS 102 154 154 LYS LYS A . n 
A 1 103 PHE 103 155 155 PHE PHE A . n 
A 1 104 GLU 104 156 156 GLU GLU A . n 
A 1 105 GLU 105 157 157 GLU GLU A . n 
A 1 106 GLY 106 158 158 GLY GLY A . n 
A 1 107 LEU 107 159 159 LEU LEU A . n 
A 1 108 GLY 108 160 160 GLY GLY A . n 
A 1 109 LYS 109 161 161 LYS LYS A . n 
A 1 110 TYR 110 162 162 TYR TYR A . n 
A 1 111 ASN 111 163 163 ASN ASN A . n 
A 1 112 ILE 112 164 164 ILE ILE A . n 
A 1 113 LYS 113 165 165 LYS LYS A . n 
A 1 114 PHE 114 166 166 PHE PHE A . n 
A 1 115 GLU 115 167 167 GLU GLU A . n 
A 1 116 ILE 116 168 168 ILE ILE A . n 
A 1 117 LYS 117 169 169 LYS LYS A . n 
A 1 118 ALA 118 170 170 ALA ALA A . n 
A 1 119 PRO 119 171 171 PRO PRO A . n 
A 1 120 GLY 120 172 172 GLY GLY A . n 
A 1 121 ASN 121 173 173 ASN ASN A . n 
A 1 122 ASP 122 174 174 ASP ASP A . n 
A 1 123 TYR 123 175 175 TYR TYR A . n 
A 1 124 LEU 124 176 176 LEU LEU A . n 
A 1 125 LEU 125 177 177 LEU LEU A . n 
A 1 126 HIS 126 178 178 HIS HIS A . n 
A 1 127 VAL 127 179 179 VAL VAL A . n 
A 1 128 ASP 128 180 180 ASP ASP A . n 
A 1 129 LYS 129 181 181 LYS LYS A . n 
A 1 130 GLU 130 182 182 GLU GLU A . n 
A 1 131 THR 131 183 183 THR THR A . n 
A 1 132 GLY 132 184 184 GLY GLY A . n 
A 1 133 VAL 133 185 185 VAL VAL A . n 
A 1 134 THR 134 186 186 THR THR A . n 
A 1 135 GLY 135 187 187 GLY GLY A . n 
A 1 136 ARG 136 188 188 ARG ARG A . n 
A 1 137 PHE 137 189 189 PHE PHE A . n 
A 1 138 TRP 138 190 190 TRP TRP A . n 
A 1 139 THR 139 191 191 THR THR A . n 
A 1 140 GLU 140 192 192 GLU GLU A . n 
A 1 141 PRO 141 193 193 PRO PRO A . n 
A 1 142 ILE 142 194 194 ILE ILE A . n 
A 1 143 VAL 143 195 195 VAL VAL A . n 
A 1 144 VAL 144 196 196 VAL VAL A . n 
A 1 145 GLU 145 197 197 GLU GLU A . n 
A 1 146 TRP 146 198 198 TRP TRP A . n 
A 1 147 LYS 147 199 199 LYS LYS A . n 
A 1 148 ASP 148 200 200 ASP ASP A . n 
A 1 149 PHE 149 201 201 PHE PHE A . n 
A 1 150 GLU 150 202 202 GLU GLU A . n 
A 1 151 TRP 151 203 203 TRP TRP A . n 
A 1 152 THR 152 204 204 THR THR A . n 
A 1 153 GLY 153 205 205 GLY GLY A . n 
A 1 154 PRO 154 206 206 PRO PRO A . n 
A 1 155 GLN 155 207 207 GLN GLN A . n 
A 1 156 TRP 156 208 208 TRP TRP A . n 
# 
loop_
_pdbx_nonpoly_scheme.asym_id 
_pdbx_nonpoly_scheme.entity_id 
_pdbx_nonpoly_scheme.mon_id 
_pdbx_nonpoly_scheme.ndb_seq_num 
_pdbx_nonpoly_scheme.pdb_seq_num 
_pdbx_nonpoly_scheme.auth_seq_num 
_pdbx_nonpoly_scheme.pdb_mon_id 
_pdbx_nonpoly_scheme.auth_mon_id 
_pdbx_nonpoly_scheme.pdb_strand_id 
_pdbx_nonpoly_scheme.pdb_ins_code 
B 2 HOH 1  301 305 HOH HOH A . 
B 2 HOH 2  302 301 HOH HOH A . 
B 2 HOH 3  303 304 HOH HOH A . 
B 2 HOH 4  304 303 HOH HOH A . 
B 2 HOH 5  305 302 HOH HOH A . 
B 2 HOH 6  306 309 HOH HOH A . 
B 2 HOH 7  307 306 HOH HOH A . 
B 2 HOH 8  308 308 HOH HOH A . 
B 2 HOH 9  309 2   HOH HOH A . 
B 2 HOH 10 310 310 HOH HOH A . 
B 2 HOH 11 311 318 HOH HOH A . 
B 2 HOH 12 312 311 HOH HOH A . 
B 2 HOH 13 313 320 HOH HOH A . 
B 2 HOH 14 314 312 HOH HOH A . 
B 2 HOH 15 315 322 HOH HOH A . 
B 2 HOH 16 316 319 HOH HOH A . 
B 2 HOH 17 317 307 HOH HOH A . 
B 2 HOH 18 318 314 HOH HOH A . 
B 2 HOH 19 319 315 HOH HOH A . 
B 2 HOH 20 320 326 HOH HOH A . 
B 2 HOH 21 321 316 HOH HOH A . 
B 2 HOH 22 322 317 HOH HOH A . 
B 2 HOH 23 323 329 HOH HOH A . 
B 2 HOH 24 324 323 HOH HOH A . 
B 2 HOH 25 325 321 HOH HOH A . 
B 2 HOH 26 326 313 HOH HOH A . 
B 2 HOH 27 327 335 HOH HOH A . 
B 2 HOH 28 328 331 HOH HOH A . 
B 2 HOH 29 329 5   HOH HOH A . 
B 2 HOH 30 330 325 HOH HOH A . 
B 2 HOH 31 331 327 HOH HOH A . 
B 2 HOH 32 332 328 HOH HOH A . 
B 2 HOH 33 333 334 HOH HOH A . 
B 2 HOH 34 334 337 HOH HOH A . 
B 2 HOH 35 335 336 HOH HOH A . 
B 2 HOH 36 336 324 HOH HOH A . 
B 2 HOH 37 337 339 HOH HOH A . 
B 2 HOH 38 338 333 HOH HOH A . 
B 2 HOH 39 339 338 HOH HOH A . 
B 2 HOH 40 340 340 HOH HOH A . 
B 2 HOH 41 341 341 HOH HOH A . 
B 2 HOH 42 342 342 HOH HOH A . 
B 2 HOH 43 343 343 HOH HOH A . 
B 2 HOH 44 344 345 HOH HOH A . 
B 2 HOH 45 345 344 HOH HOH A . 
B 2 HOH 46 346 346 HOH HOH A . 
B 2 HOH 47 347 347 HOH HOH A . 
B 2 HOH 48 348 348 HOH HOH A . 
B 2 HOH 49 349 3   HOH HOH A . 
B 2 HOH 50 350 349 HOH HOH A . 
B 2 HOH 51 351 1   HOH HOH A . 
B 2 HOH 52 352 350 HOH HOH A . 
B 2 HOH 53 353 4   HOH HOH A . 
# 
loop_
_software.citation_id 
_software.classification 
_software.compiler_name 
_software.compiler_version 
_software.contact_author 
_software.contact_author_email 
_software.date 
_software.description 
_software.dependencies 
_software.hardware 
_software.language 
_software.location 
_software.mods 
_software.name 
_software.os 
_software.os_version 
_software.type 
_software.version 
_software.pdbx_ordinal 
? refinement       ? ? ? ? ? ? ? ? ? ? ? PHENIX   ? ? ? '(1.20.1_4487: ???)' 1 
? 'data reduction' ? ? ? ? ? ? ? ? ? ? ? autoPROC ? ? ? .                    2 
? 'data scaling'   ? ? ? ? ? ? ? ? ? ? ? SCALA    ? ? ? .                    3 
? phasing          ? ? ? ? ? ? ? ? ? ? ? PHASER   ? ? ? .                    4 
# 
_cell.angle_alpha                  90.00 
_cell.angle_alpha_esd              ? 
_cell.angle_beta                   90.00 
_cell.angle_beta_esd               ? 
_cell.angle_gamma                  90.00 
_cell.angle_gamma_esd              ? 
_cell.entry_id                     8T7K 
_cell.details                      ? 
_cell.formula_units_Z              ? 
_cell.length_a                     54.735 
_cell.length_a_esd                 ? 
_cell.length_b                     74.968 
_cell.length_b_esd                 ? 
_cell.length_c                     79.803 
_cell.length_c_esd                 ? 
_cell.volume                       ? 
_cell.volume_esd                   ? 
_cell.Z_PDB                        8 
_cell.reciprocal_angle_alpha       ? 
_cell.reciprocal_angle_beta        ? 
_cell.reciprocal_angle_gamma       ? 
_cell.reciprocal_angle_alpha_esd   ? 
_cell.reciprocal_angle_beta_esd    ? 
_cell.reciprocal_angle_gamma_esd   ? 
_cell.reciprocal_length_a          ? 
_cell.reciprocal_length_b          ? 
_cell.reciprocal_length_c          ? 
_cell.reciprocal_length_a_esd      ? 
_cell.reciprocal_length_b_esd      ? 
_cell.reciprocal_length_c_esd      ? 
_cell.pdbx_unique_axis             ? 
_cell.pdbx_esd_method              ? 
# 
_symmetry.entry_id                         8T7K 
_symmetry.cell_setting                     ? 
_symmetry.Int_Tables_number                20 
_symmetry.space_group_name_Hall            ? 
_symmetry.space_group_name_H-M             'C 2 2 21' 
_symmetry.pdbx_full_space_group_name_H-M   ? 
# 
_exptl.absorpt_coefficient_mu     ? 
_exptl.absorpt_correction_T_max   ? 
_exptl.absorpt_correction_T_min   ? 
_exptl.absorpt_correction_type    ? 
_exptl.absorpt_process_details    ? 
_exptl.entry_id                   8T7K 
_exptl.crystals_number            1 
_exptl.details                    ? 
_exptl.method                     'X-RAY DIFFRACTION' 
_exptl.method_details             ? 
# 
_exptl_crystal.colour                       ? 
_exptl_crystal.density_diffrn               ? 
_exptl_crystal.density_Matthews             2.37 
_exptl_crystal.density_method               ? 
_exptl_crystal.density_percent_sol          48.06 
_exptl_crystal.description                  ? 
_exptl_crystal.F_000                        ? 
_exptl_crystal.id                           1 
_exptl_crystal.preparation                  ? 
_exptl_crystal.size_max                     ? 
_exptl_crystal.size_mid                     ? 
_exptl_crystal.size_min                     ? 
_exptl_crystal.size_rad                     ? 
_exptl_crystal.colour_lustre                ? 
_exptl_crystal.colour_modifier              ? 
_exptl_crystal.colour_primary               ? 
_exptl_crystal.density_meas                 ? 
_exptl_crystal.density_meas_esd             ? 
_exptl_crystal.density_meas_gt              ? 
_exptl_crystal.density_meas_lt              ? 
_exptl_crystal.density_meas_temp            ? 
_exptl_crystal.density_meas_temp_esd        ? 
_exptl_crystal.density_meas_temp_gt         ? 
_exptl_crystal.density_meas_temp_lt         ? 
_exptl_crystal.pdbx_crystal_image_url       ? 
_exptl_crystal.pdbx_crystal_image_format    ? 
_exptl_crystal.pdbx_mosaicity               ? 
_exptl_crystal.pdbx_mosaicity_esd           ? 
_exptl_crystal.pdbx_mosaic_method           ? 
_exptl_crystal.pdbx_mosaic_block_size       ? 
_exptl_crystal.pdbx_mosaic_block_size_esd   ? 
# 
_exptl_crystal_grow.apparatus       ? 
_exptl_crystal_grow.atmosphere      ? 
_exptl_crystal_grow.crystal_id      1 
_exptl_crystal_grow.details         ? 
_exptl_crystal_grow.method          'VAPOR DIFFUSION, HANGING DROP' 
_exptl_crystal_grow.method_ref      ? 
_exptl_crystal_grow.pH              ? 
_exptl_crystal_grow.pressure        ? 
_exptl_crystal_grow.pressure_esd    ? 
_exptl_crystal_grow.seeding         ? 
_exptl_crystal_grow.seeding_ref     ? 
_exptl_crystal_grow.temp_details    ? 
_exptl_crystal_grow.temp_esd        ? 
_exptl_crystal_grow.time            ? 
_exptl_crystal_grow.pdbx_details    'Sodium acetate, ammonium sulphate, glycerol' 
_exptl_crystal_grow.pdbx_pH_range   ? 
_exptl_crystal_grow.temp            291 
# 
_diffrn.ambient_environment              ? 
_diffrn.ambient_temp                     100 
_diffrn.ambient_temp_details             ? 
_diffrn.ambient_temp_esd                 ? 
_diffrn.crystal_id                       1 
_diffrn.crystal_support                  ? 
_diffrn.crystal_treatment                ? 
_diffrn.details                          ? 
_diffrn.id                               1 
_diffrn.ambient_pressure                 ? 
_diffrn.ambient_pressure_esd             ? 
_diffrn.ambient_pressure_gt              ? 
_diffrn.ambient_pressure_lt              ? 
_diffrn.ambient_temp_gt                  ? 
_diffrn.ambient_temp_lt                  ? 
_diffrn.pdbx_serial_crystal_experiment   N 
# 
_diffrn_detector.details                      ? 
_diffrn_detector.detector                     PIXEL 
_diffrn_detector.diffrn_id                    1 
_diffrn_detector.type                         'DECTRIS EIGER2 X 16M' 
_diffrn_detector.area_resol_mean              ? 
_diffrn_detector.dtime                        ? 
_diffrn_detector.pdbx_frames_total            ? 
_diffrn_detector.pdbx_collection_time_total   ? 
_diffrn_detector.pdbx_collection_date         2022-02-22 
_diffrn_detector.pdbx_frequency               ? 
_diffrn_detector.id                           ? 
_diffrn_detector.number_of_axes               ? 
# 
_diffrn_radiation.collimation                      ? 
_diffrn_radiation.diffrn_id                        1 
_diffrn_radiation.filter_edge                      ? 
_diffrn_radiation.inhomogeneity                    ? 
_diffrn_radiation.monochromator                    ? 
_diffrn_radiation.polarisn_norm                    ? 
_diffrn_radiation.polarisn_ratio                   ? 
_diffrn_radiation.probe                            ? 
_diffrn_radiation.type                             ? 
_diffrn_radiation.xray_symbol                      ? 
_diffrn_radiation.wavelength_id                    1 
_diffrn_radiation.pdbx_monochromatic_or_laue_m_l   M 
_diffrn_radiation.pdbx_wavelength_list             ? 
_diffrn_radiation.pdbx_wavelength                  ? 
_diffrn_radiation.pdbx_diffrn_protocol             'SINGLE WAVELENGTH' 
_diffrn_radiation.pdbx_analyzer                    ? 
_diffrn_radiation.pdbx_scattering_type             x-ray 
# 
_diffrn_radiation_wavelength.id           1 
_diffrn_radiation_wavelength.wavelength   0.9686 
_diffrn_radiation_wavelength.wt           1.0 
# 
_diffrn_source.current                     ? 
_diffrn_source.details                     ? 
_diffrn_source.diffrn_id                   1 
_diffrn_source.power                       ? 
_diffrn_source.size                        ? 
_diffrn_source.source                      SYNCHROTRON 
_diffrn_source.target                      ? 
_diffrn_source.type                        'CHESS BEAMLINE 7B2' 
_diffrn_source.voltage                     ? 
_diffrn_source.take-off_angle              ? 
_diffrn_source.pdbx_wavelength_list        0.9686 
_diffrn_source.pdbx_wavelength             ? 
_diffrn_source.pdbx_synchrotron_beamline   7B2 
_diffrn_source.pdbx_synchrotron_site       CHESS 
# 
_reflns.B_iso_Wilson_estimate                          27.34 
_reflns.entry_id                                       8T7K 
_reflns.data_reduction_details                         ? 
_reflns.data_reduction_method                          ? 
_reflns.d_resolution_high                              1.78 
_reflns.d_resolution_low                               29.62 
_reflns.details                                        ? 
_reflns.limit_h_max                                    ? 
_reflns.limit_h_min                                    ? 
_reflns.limit_k_max                                    ? 
_reflns.limit_k_min                                    ? 
_reflns.limit_l_max                                    ? 
_reflns.limit_l_min                                    ? 
_reflns.number_all                                     ? 
_reflns.number_obs                                     16097 
_reflns.observed_criterion                             ? 
_reflns.observed_criterion_F_max                       ? 
_reflns.observed_criterion_F_min                       ? 
_reflns.observed_criterion_I_max                       ? 
_reflns.observed_criterion_I_min                       ? 
_reflns.observed_criterion_sigma_F                     ? 
_reflns.observed_criterion_sigma_I                     ? 
_reflns.percent_possible_obs                           100 
_reflns.R_free_details                                 ? 
_reflns.Rmerge_F_all                                   ? 
_reflns.Rmerge_F_obs                                   ? 
_reflns.Friedel_coverage                               ? 
_reflns.number_gt                                      ? 
_reflns.threshold_expression                           ? 
_reflns.pdbx_redundancy                                6.6 
_reflns.pdbx_netI_over_av_sigmaI                       ? 
_reflns.pdbx_netI_over_sigmaI                          15.2 
_reflns.pdbx_res_netI_over_av_sigmaI_2                 ? 
_reflns.pdbx_res_netI_over_sigmaI_2                    ? 
_reflns.pdbx_chi_squared                               ? 
_reflns.pdbx_scaling_rejects                           ? 
_reflns.pdbx_d_res_high_opt                            ? 
_reflns.pdbx_d_res_low_opt                             ? 
_reflns.pdbx_d_res_opt_method                          ? 
_reflns.phase_calculation_details                      ? 
_reflns.pdbx_Rrim_I_all                                ? 
_reflns.pdbx_Rpim_I_all                                ? 
_reflns.pdbx_d_opt                                     ? 
_reflns.pdbx_number_measured_all                       ? 
_reflns.pdbx_diffrn_id                                 1 
_reflns.pdbx_ordinal                                   1 
_reflns.pdbx_CC_half                                   0.998 
_reflns.pdbx_CC_star                                   ? 
_reflns.pdbx_R_split                                   ? 
_reflns.pdbx_Rmerge_I_obs                              ? 
_reflns.pdbx_Rmerge_I_all                              ? 
_reflns.pdbx_Rsym_value                                ? 
_reflns.pdbx_CC_split_method                           ? 
_reflns.pdbx_aniso_diffraction_limit_axis_1_ortho[1]   ? 
_reflns.pdbx_aniso_diffraction_limit_axis_1_ortho[2]   ? 
_reflns.pdbx_aniso_diffraction_limit_axis_1_ortho[3]   ? 
_reflns.pdbx_aniso_diffraction_limit_axis_2_ortho[1]   ? 
_reflns.pdbx_aniso_diffraction_limit_axis_2_ortho[2]   ? 
_reflns.pdbx_aniso_diffraction_limit_axis_2_ortho[3]   ? 
_reflns.pdbx_aniso_diffraction_limit_axis_3_ortho[1]   ? 
_reflns.pdbx_aniso_diffraction_limit_axis_3_ortho[2]   ? 
_reflns.pdbx_aniso_diffraction_limit_axis_3_ortho[3]   ? 
_reflns.pdbx_aniso_diffraction_limit_1                 ? 
_reflns.pdbx_aniso_diffraction_limit_2                 ? 
_reflns.pdbx_aniso_diffraction_limit_3                 ? 
_reflns.pdbx_aniso_B_tensor_eigenvector_1_ortho[1]     ? 
_reflns.pdbx_aniso_B_tensor_eigenvector_1_ortho[2]     ? 
_reflns.pdbx_aniso_B_tensor_eigenvector_1_ortho[3]     ? 
_reflns.pdbx_aniso_B_tensor_eigenvector_2_ortho[1]     ? 
_reflns.pdbx_aniso_B_tensor_eigenvector_2_ortho[2]     ? 
_reflns.pdbx_aniso_B_tensor_eigenvector_2_ortho[3]     ? 
_reflns.pdbx_aniso_B_tensor_eigenvector_3_ortho[1]     ? 
_reflns.pdbx_aniso_B_tensor_eigenvector_3_ortho[2]     ? 
_reflns.pdbx_aniso_B_tensor_eigenvector_3_ortho[3]     ? 
_reflns.pdbx_aniso_B_tensor_eigenvalue_1               ? 
_reflns.pdbx_aniso_B_tensor_eigenvalue_2               ? 
_reflns.pdbx_aniso_B_tensor_eigenvalue_3               ? 
_reflns.pdbx_orthogonalization_convention              ? 
_reflns.pdbx_percent_possible_ellipsoidal              ? 
_reflns.pdbx_percent_possible_spherical                ? 
_reflns.pdbx_percent_possible_ellipsoidal_anomalous    ? 
_reflns.pdbx_percent_possible_spherical_anomalous      ? 
_reflns.pdbx_redundancy_anomalous                      ? 
_reflns.pdbx_CC_half_anomalous                         ? 
_reflns.pdbx_absDiff_over_sigma_anomalous              ? 
_reflns.pdbx_percent_possible_anomalous                ? 
_reflns.pdbx_observed_signal_threshold                 ? 
_reflns.pdbx_signal_type                               ? 
_reflns.pdbx_signal_details                            ? 
_reflns.pdbx_signal_software_id                        ? 
# 
_reflns_shell.d_res_high                                    1.78 
_reflns_shell.d_res_low                                     1.88 
_reflns_shell.meanI_over_sigI_all                           ? 
_reflns_shell.meanI_over_sigI_obs                           3.5 
_reflns_shell.number_measured_all                           ? 
_reflns_shell.number_measured_obs                           ? 
_reflns_shell.number_possible                               ? 
_reflns_shell.number_unique_all                             ? 
_reflns_shell.number_unique_obs                             2296 
_reflns_shell.percent_possible_obs                          ? 
_reflns_shell.Rmerge_F_all                                  ? 
_reflns_shell.Rmerge_F_obs                                  ? 
_reflns_shell.meanI_over_sigI_gt                            ? 
_reflns_shell.meanI_over_uI_all                             ? 
_reflns_shell.meanI_over_uI_gt                              ? 
_reflns_shell.number_measured_gt                            ? 
_reflns_shell.number_unique_gt                              ? 
_reflns_shell.percent_possible_gt                           ? 
_reflns_shell.Rmerge_F_gt                                   ? 
_reflns_shell.Rmerge_I_gt                                   ? 
_reflns_shell.pdbx_redundancy                               ? 
_reflns_shell.pdbx_chi_squared                              ? 
_reflns_shell.pdbx_netI_over_sigmaI_all                     ? 
_reflns_shell.pdbx_netI_over_sigmaI_obs                     ? 
_reflns_shell.pdbx_Rrim_I_all                               ? 
_reflns_shell.pdbx_Rpim_I_all                               ? 
_reflns_shell.pdbx_rejects                                  ? 
_reflns_shell.pdbx_ordinal                                  1 
_reflns_shell.pdbx_diffrn_id                                1 
_reflns_shell.pdbx_CC_half                                  0.950 
_reflns_shell.pdbx_CC_star                                  ? 
_reflns_shell.pdbx_R_split                                  ? 
_reflns_shell.percent_possible_all                          ? 
_reflns_shell.Rmerge_I_all                                  ? 
_reflns_shell.Rmerge_I_obs                                  ? 
_reflns_shell.pdbx_Rsym_value                               ? 
_reflns_shell.pdbx_percent_possible_ellipsoidal             ? 
_reflns_shell.pdbx_percent_possible_spherical               ? 
_reflns_shell.pdbx_percent_possible_ellipsoidal_anomalous   ? 
_reflns_shell.pdbx_percent_possible_spherical_anomalous     ? 
_reflns_shell.pdbx_redundancy_anomalous                     ? 
_reflns_shell.pdbx_CC_half_anomalous                        ? 
_reflns_shell.pdbx_absDiff_over_sigma_anomalous             ? 
_reflns_shell.pdbx_percent_possible_anomalous               ? 
# 
_refine.aniso_B[1][1]                            ? 
_refine.aniso_B[1][2]                            ? 
_refine.aniso_B[1][3]                            ? 
_refine.aniso_B[2][2]                            ? 
_refine.aniso_B[2][3]                            ? 
_refine.aniso_B[3][3]                            ? 
_refine.B_iso_max                                ? 
_refine.B_iso_mean                               ? 
_refine.B_iso_min                                ? 
_refine.correlation_coeff_Fo_to_Fc               ? 
_refine.correlation_coeff_Fo_to_Fc_free          ? 
_refine.details                                  ? 
_refine.diff_density_max                         ? 
_refine.diff_density_max_esd                     ? 
_refine.diff_density_min                         ? 
_refine.diff_density_min_esd                     ? 
_refine.diff_density_rms                         ? 
_refine.diff_density_rms_esd                     ? 
_refine.entry_id                                 8T7K 
_refine.pdbx_refine_id                           'X-RAY DIFFRACTION' 
_refine.ls_abs_structure_details                 ? 
_refine.ls_abs_structure_Flack                   ? 
_refine.ls_abs_structure_Flack_esd               ? 
_refine.ls_abs_structure_Rogers                  ? 
_refine.ls_abs_structure_Rogers_esd              ? 
_refine.ls_d_res_high                            1.78 
_refine.ls_d_res_low                             29.62 
_refine.ls_extinction_coef                       ? 
_refine.ls_extinction_coef_esd                   ? 
_refine.ls_extinction_expression                 ? 
_refine.ls_extinction_method                     ? 
_refine.ls_goodness_of_fit_all                   ? 
_refine.ls_goodness_of_fit_all_esd               ? 
_refine.ls_goodness_of_fit_obs                   ? 
_refine.ls_goodness_of_fit_obs_esd               ? 
_refine.ls_hydrogen_treatment                    ? 
_refine.ls_matrix_type                           ? 
_refine.ls_number_constraints                    ? 
_refine.ls_number_parameters                     ? 
_refine.ls_number_reflns_all                     ? 
_refine.ls_number_reflns_obs                     16053 
_refine.ls_number_reflns_R_free                  747 
_refine.ls_number_reflns_R_work                  ? 
_refine.ls_number_restraints                     ? 
_refine.ls_percent_reflns_obs                    99.84 
_refine.ls_percent_reflns_R_free                 4.65 
_refine.ls_R_factor_all                          ? 
_refine.ls_R_factor_obs                          0.2163 
_refine.ls_R_factor_R_free                       0.2394 
_refine.ls_R_factor_R_free_error                 ? 
_refine.ls_R_factor_R_free_error_details         ? 
_refine.ls_R_factor_R_work                       0.2153 
_refine.ls_R_Fsqd_factor_obs                     ? 
_refine.ls_R_I_factor_obs                        ? 
_refine.ls_redundancy_reflns_all                 ? 
_refine.ls_redundancy_reflns_obs                 ? 
_refine.ls_restrained_S_all                      ? 
_refine.ls_restrained_S_obs                      ? 
_refine.ls_shift_over_esd_max                    ? 
_refine.ls_shift_over_esd_mean                   ? 
_refine.ls_structure_factor_coef                 ? 
_refine.ls_weighting_details                     ? 
_refine.ls_weighting_scheme                      ? 
_refine.ls_wR_factor_all                         ? 
_refine.ls_wR_factor_obs                         ? 
_refine.ls_wR_factor_R_free                      ? 
_refine.ls_wR_factor_R_work                      ? 
_refine.occupancy_max                            ? 
_refine.occupancy_min                            ? 
_refine.solvent_model_details                    'FLAT BULK SOLVENT MODEL' 
_refine.solvent_model_param_bsol                 ? 
_refine.solvent_model_param_ksol                 ? 
_refine.pdbx_R_complete                          ? 
_refine.ls_R_factor_gt                           ? 
_refine.ls_goodness_of_fit_gt                    ? 
_refine.ls_goodness_of_fit_ref                   ? 
_refine.ls_shift_over_su_max                     ? 
_refine.ls_shift_over_su_max_lt                  ? 
_refine.ls_shift_over_su_mean                    ? 
_refine.ls_shift_over_su_mean_lt                 ? 
_refine.pdbx_ls_sigma_I                          ? 
_refine.pdbx_ls_sigma_F                          1.35 
_refine.pdbx_ls_sigma_Fsqd                       ? 
_refine.pdbx_data_cutoff_high_absF               ? 
_refine.pdbx_data_cutoff_high_rms_absF           ? 
_refine.pdbx_data_cutoff_low_absF                ? 
_refine.pdbx_isotropic_thermal_model             ? 
_refine.pdbx_ls_cross_valid_method               'FREE R-VALUE' 
_refine.pdbx_method_to_determine_struct          'MOLECULAR REPLACEMENT' 
_refine.pdbx_starting_model                      3PJL 
_refine.pdbx_stereochemistry_target_values       ML 
_refine.pdbx_R_Free_selection_details            RANDOM 
_refine.pdbx_stereochem_target_val_spec_case     ? 
_refine.pdbx_overall_ESU_R                       ? 
_refine.pdbx_overall_ESU_R_Free                  ? 
_refine.pdbx_solvent_vdw_probe_radii             1.10 
_refine.pdbx_solvent_ion_probe_radii             ? 
_refine.pdbx_solvent_shrinkage_radii             0.90 
_refine.pdbx_real_space_R                        ? 
_refine.pdbx_density_correlation                 ? 
_refine.pdbx_pd_number_of_powder_patterns        ? 
_refine.pdbx_pd_number_of_points                 ? 
_refine.pdbx_pd_meas_number_of_points            ? 
_refine.pdbx_pd_proc_ls_prof_R_factor            ? 
_refine.pdbx_pd_proc_ls_prof_wR_factor           ? 
_refine.pdbx_pd_Marquardt_correlation_coeff      ? 
_refine.pdbx_pd_Fsqrd_R_factor                   ? 
_refine.pdbx_pd_ls_matrix_band_width             ? 
_refine.pdbx_overall_phase_error                 31.50 
_refine.pdbx_overall_SU_R_free_Cruickshank_DPI   ? 
_refine.pdbx_overall_SU_R_free_Blow_DPI          ? 
_refine.pdbx_overall_SU_R_Blow_DPI               ? 
_refine.pdbx_TLS_residual_ADP_flag               ? 
_refine.pdbx_diffrn_id                           1 
_refine.overall_SU_B                             ? 
_refine.overall_SU_ML                            0.16 
_refine.overall_SU_R_Cruickshank_DPI             ? 
_refine.overall_SU_R_free                        ? 
_refine.overall_FOM_free_R_set                   ? 
_refine.overall_FOM_work_R_set                   ? 
_refine.pdbx_average_fsc_overall                 ? 
_refine.pdbx_average_fsc_work                    ? 
_refine.pdbx_average_fsc_free                    ? 
# 
_refine_hist.pdbx_refine_id                   'X-RAY DIFFRACTION' 
_refine_hist.cycle_id                         LAST 
_refine_hist.details                          ? 
_refine_hist.d_res_high                       1.78 
_refine_hist.d_res_low                        29.62 
_refine_hist.number_atoms_solvent             53 
_refine_hist.number_atoms_total               1273 
_refine_hist.number_reflns_all                ? 
_refine_hist.number_reflns_obs                ? 
_refine_hist.number_reflns_R_free             ? 
_refine_hist.number_reflns_R_work             ? 
_refine_hist.R_factor_all                     ? 
_refine_hist.R_factor_obs                     ? 
_refine_hist.R_factor_R_free                  ? 
_refine_hist.R_factor_R_work                  ? 
_refine_hist.pdbx_number_residues_total       ? 
_refine_hist.pdbx_B_iso_mean_ligand           ? 
_refine_hist.pdbx_B_iso_mean_solvent          ? 
_refine_hist.pdbx_number_atoms_protein        1220 
_refine_hist.pdbx_number_atoms_nucleic_acid   0 
_refine_hist.pdbx_number_atoms_ligand         0 
_refine_hist.pdbx_number_atoms_lipid          ? 
_refine_hist.pdbx_number_atoms_carb           ? 
_refine_hist.pdbx_pseudo_atom_details         ? 
# 
loop_
_refine_ls_restr.pdbx_refine_id 
_refine_ls_restr.criterion 
_refine_ls_restr.dev_ideal 
_refine_ls_restr.dev_ideal_target 
_refine_ls_restr.number 
_refine_ls_restr.rejects 
_refine_ls_restr.type 
_refine_ls_restr.weight 
_refine_ls_restr.pdbx_restraint_function 
'X-RAY DIFFRACTION' ? 0.007 ? ?   ? f_bond_d           ? ? 
'X-RAY DIFFRACTION' ? 0.909 ? ?   ? f_angle_d          ? ? 
'X-RAY DIFFRACTION' ? 7.065 ? 164 ? f_dihedral_angle_d ? ? 
'X-RAY DIFFRACTION' ? 0.066 ? 172 ? f_chiral_restr     ? ? 
'X-RAY DIFFRACTION' ? 0.009 ? 227 ? f_plane_restr      ? ? 
# 
loop_
_refine_ls_shell.pdbx_refine_id 
_refine_ls_shell.d_res_high 
_refine_ls_shell.d_res_low 
_refine_ls_shell.number_reflns_all 
_refine_ls_shell.number_reflns_obs 
_refine_ls_shell.number_reflns_R_free 
_refine_ls_shell.number_reflns_R_work 
_refine_ls_shell.percent_reflns_obs 
_refine_ls_shell.percent_reflns_R_free 
_refine_ls_shell.R_factor_all 
_refine_ls_shell.R_factor_obs 
_refine_ls_shell.R_factor_R_free_error 
_refine_ls_shell.R_factor_R_work 
_refine_ls_shell.redundancy_reflns_all 
_refine_ls_shell.redundancy_reflns_obs 
_refine_ls_shell.wR_factor_all 
_refine_ls_shell.wR_factor_obs 
_refine_ls_shell.wR_factor_R_free 
_refine_ls_shell.wR_factor_R_work 
_refine_ls_shell.pdbx_R_complete 
_refine_ls_shell.pdbx_total_number_of_bins_used 
_refine_ls_shell.pdbx_phase_error 
_refine_ls_shell.pdbx_fsc_work 
_refine_ls_shell.pdbx_fsc_free 
_refine_ls_shell.R_factor_R_free 
'X-RAY DIFFRACTION' 1.78 1.92  . . 135 3013 100.00 . . . . 0.2612 . . . . . . . . . . . 0.2993 
'X-RAY DIFFRACTION' 1.92 2.11  . . 157 3040 100.00 . . . . 0.2213 . . . . . . . . . . . 0.2500 
'X-RAY DIFFRACTION' 2.11 2.42  . . 152 3013 100.00 . . . . 0.2239 . . . . . . . . . . . 0.2471 
'X-RAY DIFFRACTION' 2.42 3.04  . . 149 3055 100.00 . . . . 0.2540 . . . . . . . . . . . 0.2870 
'X-RAY DIFFRACTION' 3.04 29.62 . . 154 3185 100.00 . . . . 0.1927 . . . . . . . . . . . 0.2126 
# 
_struct.entry_id                     8T7K 
_struct.title                        'Apo HftA from Treponema denticola' 
_struct.pdbx_model_details           ? 
_struct.pdbx_formula_weight          ? 
_struct.pdbx_formula_weight_method   ? 
_struct.pdbx_model_type_details      ? 
_struct.pdbx_CASP_flag               N 
# 
_struct_keywords.entry_id        8T7K 
_struct_keywords.text            'Lipoprotein, Iron transport, Periplasmic, METAL BINDING PROTEIN' 
_struct_keywords.pdbx_keywords   'METAL BINDING PROTEIN' 
# 
loop_
_struct_asym.id 
_struct_asym.pdbx_blank_PDB_chainid_flag 
_struct_asym.pdbx_modified 
_struct_asym.entity_id 
_struct_asym.details 
A N N 1 ? 
B N N 2 ? 
# 
_struct_ref.id                         1 
_struct_ref.db_name                    UNP 
_struct_ref.db_code                    Q73MJ7_TREDE 
_struct_ref.pdbx_db_accession          Q73MJ7 
_struct_ref.pdbx_db_isoform            ? 
_struct_ref.entity_id                  1 
_struct_ref.pdbx_seq_one_letter_code   
;FDEFPIGDEQDAGILTVAGVYFQPVDMEPAGNSLSKNEADCHMEADISANEKGATLGYGAGDFVPYLHVKAYIQKVGSSK
VQEVAFMPMNASDGPHYGANVKFEEGLGKYNIKFEIKAPGNDYLLHVDKETGVTGRFWTEPIVVEWKDFEWTGPQW
;
_struct_ref.pdbx_align_begin           53 
# 
_struct_ref_seq.align_id                      1 
_struct_ref_seq.ref_id                        1 
_struct_ref_seq.pdbx_PDB_id_code              8T7K 
_struct_ref_seq.pdbx_strand_id                A 
_struct_ref_seq.seq_align_beg                 1 
_struct_ref_seq.pdbx_seq_align_beg_ins_code   ? 
_struct_ref_seq.seq_align_end                 156 
_struct_ref_seq.pdbx_seq_align_end_ins_code   ? 
_struct_ref_seq.pdbx_db_accession             Q73MJ7 
_struct_ref_seq.db_align_beg                  53 
_struct_ref_seq.pdbx_db_align_beg_ins_code    ? 
_struct_ref_seq.db_align_end                  208 
_struct_ref_seq.pdbx_db_align_end_ins_code    ? 
_struct_ref_seq.pdbx_auth_seq_align_beg       53 
_struct_ref_seq.pdbx_auth_seq_align_end       208 
# 
_pdbx_struct_assembly.id                   1 
_pdbx_struct_assembly.details              author_defined_assembly 
_pdbx_struct_assembly.method_details       ? 
_pdbx_struct_assembly.oligomeric_details   monomeric 
_pdbx_struct_assembly.oligomeric_count     1 
# 
_pdbx_struct_assembly_gen.assembly_id       1 
_pdbx_struct_assembly_gen.oper_expression   1 
_pdbx_struct_assembly_gen.asym_id_list      A,B 
# 
_pdbx_struct_assembly_auth_evidence.id                     1 
_pdbx_struct_assembly_auth_evidence.assembly_id            1 
_pdbx_struct_assembly_auth_evidence.experimental_support   homology 
_pdbx_struct_assembly_auth_evidence.details                'PISA was used to support the assembly state being monomeric' 
# 
_pdbx_struct_oper_list.id                   1 
_pdbx_struct_oper_list.type                 'identity operation' 
_pdbx_struct_oper_list.name                 1_555 
_pdbx_struct_oper_list.symmetry_operation   x,y,z 
_pdbx_struct_oper_list.matrix[1][1]         1.0000000000 
_pdbx_struct_oper_list.matrix[1][2]         0.0000000000 
_pdbx_struct_oper_list.matrix[1][3]         0.0000000000 
_pdbx_struct_oper_list.vector[1]            0.0000000000 
_pdbx_struct_oper_list.matrix[2][1]         0.0000000000 
_pdbx_struct_oper_list.matrix[2][2]         1.0000000000 
_pdbx_struct_oper_list.matrix[2][3]         0.0000000000 
_pdbx_struct_oper_list.vector[2]            0.0000000000 
_pdbx_struct_oper_list.matrix[3][1]         0.0000000000 
_pdbx_struct_oper_list.matrix[3][2]         0.0000000000 
_pdbx_struct_oper_list.matrix[3][3]         1.0000000000 
_pdbx_struct_oper_list.vector[3]            0.0000000000 
# 
loop_
_struct_conf.conf_type_id 
_struct_conf.id 
_struct_conf.pdbx_PDB_helix_id 
_struct_conf.beg_label_comp_id 
_struct_conf.beg_label_asym_id 
_struct_conf.beg_label_seq_id 
_struct_conf.pdbx_beg_PDB_ins_code 
_struct_conf.end_label_comp_id 
_struct_conf.end_label_asym_id 
_struct_conf.end_label_seq_id 
_struct_conf.pdbx_end_PDB_ins_code 
_struct_conf.beg_auth_comp_id 
_struct_conf.beg_auth_asym_id 
_struct_conf.beg_auth_seq_id 
_struct_conf.end_auth_comp_id 
_struct_conf.end_auth_asym_id 
_struct_conf.end_auth_seq_id 
_struct_conf.pdbx_PDB_helix_class 
_struct_conf.details 
_struct_conf.pdbx_PDB_helix_length 
HELX_P HELX_P1 AA1 GLU A 51  ? GLY A 57  ? GLU A 103 GLY A 109 5 ? 7 
HELX_P HELX_P2 AA2 PRO A 119 ? TYR A 123 ? PRO A 171 TYR A 175 5 ? 5 
# 
_struct_conf_type.id          HELX_P 
_struct_conf_type.criteria    ? 
_struct_conf_type.reference   ? 
# 
_struct_mon_prot_cis.pdbx_id                1 
_struct_mon_prot_cis.label_comp_id          GLU 
_struct_mon_prot_cis.label_seq_id           28 
_struct_mon_prot_cis.label_asym_id          A 
_struct_mon_prot_cis.label_alt_id           . 
_struct_mon_prot_cis.pdbx_PDB_ins_code      ? 
_struct_mon_prot_cis.auth_comp_id           GLU 
_struct_mon_prot_cis.auth_seq_id            80 
_struct_mon_prot_cis.auth_asym_id           A 
_struct_mon_prot_cis.pdbx_label_comp_id_2   PRO 
_struct_mon_prot_cis.pdbx_label_seq_id_2    29 
_struct_mon_prot_cis.pdbx_label_asym_id_2   A 
_struct_mon_prot_cis.pdbx_PDB_ins_code_2    ? 
_struct_mon_prot_cis.pdbx_auth_comp_id_2    PRO 
_struct_mon_prot_cis.pdbx_auth_seq_id_2     81 
_struct_mon_prot_cis.pdbx_auth_asym_id_2    A 
_struct_mon_prot_cis.pdbx_PDB_model_num     1 
_struct_mon_prot_cis.pdbx_omega_angle       -0.33 
# 
loop_
_struct_sheet.id 
_struct_sheet.type 
_struct_sheet.number_strands 
_struct_sheet.details 
AA1 ? 3 ? 
AA2 ? 5 ? 
AA3 ? 4 ? 
# 
loop_
_struct_sheet_order.sheet_id 
_struct_sheet_order.range_id_1 
_struct_sheet_order.range_id_2 
_struct_sheet_order.offset 
_struct_sheet_order.sense 
AA1 1 2 ? anti-parallel 
AA1 2 3 ? anti-parallel 
AA2 1 2 ? anti-parallel 
AA2 2 3 ? anti-parallel 
AA2 3 4 ? anti-parallel 
AA2 4 5 ? anti-parallel 
AA3 1 2 ? anti-parallel 
AA3 2 3 ? anti-parallel 
AA3 3 4 ? anti-parallel 
# 
loop_
_struct_sheet_range.sheet_id 
_struct_sheet_range.id 
_struct_sheet_range.beg_label_comp_id 
_struct_sheet_range.beg_label_asym_id 
_struct_sheet_range.beg_label_seq_id 
_struct_sheet_range.pdbx_beg_PDB_ins_code 
_struct_sheet_range.end_label_comp_id 
_struct_sheet_range.end_label_asym_id 
_struct_sheet_range.end_label_seq_id 
_struct_sheet_range.pdbx_end_PDB_ins_code 
_struct_sheet_range.beg_auth_comp_id 
_struct_sheet_range.beg_auth_asym_id 
_struct_sheet_range.beg_auth_seq_id 
_struct_sheet_range.end_auth_comp_id 
_struct_sheet_range.end_auth_asym_id 
_struct_sheet_range.end_auth_seq_id 
AA1 1 PHE A 4   ? PRO A 5   ? PHE A 56  PRO A 57  
AA1 2 LEU A 15  ? PHE A 22  ? LEU A 67  PHE A 74  
AA1 3 GLN A 10  ? ALA A 12  ? GLN A 62  ALA A 64  
AA2 1 PHE A 4   ? PRO A 5   ? PHE A 56  PRO A 57  
AA2 2 LEU A 15  ? PHE A 22  ? LEU A 67  PHE A 74  
AA2 3 CYS A 41  ? ALA A 49  ? CYS A 93  ALA A 101 
AA2 4 GLY A 94  ? VAL A 101 ? GLY A 146 VAL A 153 
AA2 5 MET A 87  ? ALA A 91  ? MET A 139 ALA A 143 
AA3 1 GLN A 82  ? ALA A 85  ? GLN A 134 ALA A 137 
AA3 2 HIS A 68  ? LYS A 75  ? HIS A 120 LYS A 127 
AA3 3 GLY A 108 ? LYS A 117 ? GLY A 160 LYS A 169 
AA3 4 ILE A 142 ? TRP A 151 ? ILE A 194 TRP A 203 
# 
loop_
_pdbx_struct_sheet_hbond.sheet_id 
_pdbx_struct_sheet_hbond.range_id_1 
_pdbx_struct_sheet_hbond.range_id_2 
_pdbx_struct_sheet_hbond.range_1_label_atom_id 
_pdbx_struct_sheet_hbond.range_1_label_comp_id 
_pdbx_struct_sheet_hbond.range_1_label_asym_id 
_pdbx_struct_sheet_hbond.range_1_label_seq_id 
_pdbx_struct_sheet_hbond.range_1_PDB_ins_code 
_pdbx_struct_sheet_hbond.range_1_auth_atom_id 
_pdbx_struct_sheet_hbond.range_1_auth_comp_id 
_pdbx_struct_sheet_hbond.range_1_auth_asym_id 
_pdbx_struct_sheet_hbond.range_1_auth_seq_id 
_pdbx_struct_sheet_hbond.range_2_label_atom_id 
_pdbx_struct_sheet_hbond.range_2_label_comp_id 
_pdbx_struct_sheet_hbond.range_2_label_asym_id 
_pdbx_struct_sheet_hbond.range_2_label_seq_id 
_pdbx_struct_sheet_hbond.range_2_PDB_ins_code 
_pdbx_struct_sheet_hbond.range_2_auth_atom_id 
_pdbx_struct_sheet_hbond.range_2_auth_comp_id 
_pdbx_struct_sheet_hbond.range_2_auth_asym_id 
_pdbx_struct_sheet_hbond.range_2_auth_seq_id 
AA1 1 2 N PHE A 4   ? N PHE A 56  O TYR A 21  ? O TYR A 73  
AA1 2 3 O VAL A 17  ? O VAL A 69  N GLN A 10  ? N GLN A 62  
AA2 1 2 N PHE A 4   ? N PHE A 56  O TYR A 21  ? O TYR A 73  
AA2 2 3 N THR A 16  ? N THR A 68  O SER A 48  ? O SER A 100 
AA2 3 4 N ALA A 45  ? N ALA A 97  O TYR A 97  ? O TYR A 149 
AA2 4 5 O GLY A 98  ? O GLY A 150 N MET A 87  ? N MET A 139 
AA3 1 2 O VAL A 84  ? O VAL A 136 N ALA A 71  ? N ALA A 123 
AA3 2 3 N LYS A 70  ? N LYS A 122 O GLU A 115 ? O GLU A 167 
AA3 3 4 N TYR A 110 ? N TYR A 162 O PHE A 149 ? O PHE A 201 
# 
loop_
_pdbx_validate_torsion.id 
_pdbx_validate_torsion.PDB_model_num 
_pdbx_validate_torsion.auth_comp_id 
_pdbx_validate_torsion.auth_asym_id 
_pdbx_validate_torsion.auth_seq_id 
_pdbx_validate_torsion.PDB_ins_code 
_pdbx_validate_torsion.label_alt_id 
_pdbx_validate_torsion.phi 
_pdbx_validate_torsion.psi 
1 1 PHE A 74 ? ? -163.49 -166.08 
2 1 SER A 85 ? ? -110.60 -162.13 
# 
loop_
_chem_comp_atom.comp_id 
_chem_comp_atom.atom_id 
_chem_comp_atom.type_symbol 
_chem_comp_atom.pdbx_aromatic_flag 
_chem_comp_atom.pdbx_stereo_config 
_chem_comp_atom.pdbx_ordinal 
ALA N    N N N 1   
ALA CA   C N S 2   
ALA C    C N N 3   
ALA O    O N N 4   
ALA CB   C N N 5   
ALA OXT  O N N 6   
ALA H    H N N 7   
ALA H2   H N N 8   
ALA HA   H N N 9   
ALA HB1  H N N 10  
ALA HB2  H N N 11  
ALA HB3  H N N 12  
ALA HXT  H N N 13  
ARG N    N N N 14  
ARG CA   C N S 15  
ARG C    C N N 16  
ARG O    O N N 17  
ARG CB   C N N 18  
ARG CG   C N N 19  
ARG CD   C N N 20  
ARG NE   N N N 21  
ARG CZ   C N N 22  
ARG NH1  N N N 23  
ARG NH2  N N N 24  
ARG OXT  O N N 25  
ARG H    H N N 26  
ARG H2   H N N 27  
ARG HA   H N N 28  
ARG HB2  H N N 29  
ARG HB3  H N N 30  
ARG HG2  H N N 31  
ARG HG3  H N N 32  
ARG HD2  H N N 33  
ARG HD3  H N N 34  
ARG HE   H N N 35  
ARG HH11 H N N 36  
ARG HH12 H N N 37  
ARG HH21 H N N 38  
ARG HH22 H N N 39  
ARG HXT  H N N 40  
ASN N    N N N 41  
ASN CA   C N S 42  
ASN C    C N N 43  
ASN O    O N N 44  
ASN CB   C N N 45  
ASN CG   C N N 46  
ASN OD1  O N N 47  
ASN ND2  N N N 48  
ASN OXT  O N N 49  
ASN H    H N N 50  
ASN H2   H N N 51  
ASN HA   H N N 52  
ASN HB2  H N N 53  
ASN HB3  H N N 54  
ASN HD21 H N N 55  
ASN HD22 H N N 56  
ASN HXT  H N N 57  
ASP N    N N N 58  
ASP CA   C N S 59  
ASP C    C N N 60  
ASP O    O N N 61  
ASP CB   C N N 62  
ASP CG   C N N 63  
ASP OD1  O N N 64  
ASP OD2  O N N 65  
ASP OXT  O N N 66  
ASP H    H N N 67  
ASP H2   H N N 68  
ASP HA   H N N 69  
ASP HB2  H N N 70  
ASP HB3  H N N 71  
ASP HD2  H N N 72  
ASP HXT  H N N 73  
CYS N    N N N 74  
CYS CA   C N R 75  
CYS C    C N N 76  
CYS O    O N N 77  
CYS CB   C N N 78  
CYS SG   S N N 79  
CYS OXT  O N N 80  
CYS H    H N N 81  
CYS H2   H N N 82  
CYS HA   H N N 83  
CYS HB2  H N N 84  
CYS HB3  H N N 85  
CYS HG   H N N 86  
CYS HXT  H N N 87  
GLN N    N N N 88  
GLN CA   C N S 89  
GLN C    C N N 90  
GLN O    O N N 91  
GLN CB   C N N 92  
GLN CG   C N N 93  
GLN CD   C N N 94  
GLN OE1  O N N 95  
GLN NE2  N N N 96  
GLN OXT  O N N 97  
GLN H    H N N 98  
GLN H2   H N N 99  
GLN HA   H N N 100 
GLN HB2  H N N 101 
GLN HB3  H N N 102 
GLN HG2  H N N 103 
GLN HG3  H N N 104 
GLN HE21 H N N 105 
GLN HE22 H N N 106 
GLN HXT  H N N 107 
GLU N    N N N 108 
GLU CA   C N S 109 
GLU C    C N N 110 
GLU O    O N N 111 
GLU CB   C N N 112 
GLU CG   C N N 113 
GLU CD   C N N 114 
GLU OE1  O N N 115 
GLU OE2  O N N 116 
GLU OXT  O N N 117 
GLU H    H N N 118 
GLU H2   H N N 119 
GLU HA   H N N 120 
GLU HB2  H N N 121 
GLU HB3  H N N 122 
GLU HG2  H N N 123 
GLU HG3  H N N 124 
GLU HE2  H N N 125 
GLU HXT  H N N 126 
GLY N    N N N 127 
GLY CA   C N N 128 
GLY C    C N N 129 
GLY O    O N N 130 
GLY OXT  O N N 131 
GLY H    H N N 132 
GLY H2   H N N 133 
GLY HA2  H N N 134 
GLY HA3  H N N 135 
GLY HXT  H N N 136 
HIS N    N N N 137 
HIS CA   C N S 138 
HIS C    C N N 139 
HIS O    O N N 140 
HIS CB   C N N 141 
HIS CG   C Y N 142 
HIS ND1  N Y N 143 
HIS CD2  C Y N 144 
HIS CE1  C Y N 145 
HIS NE2  N Y N 146 
HIS OXT  O N N 147 
HIS H    H N N 148 
HIS H2   H N N 149 
HIS HA   H N N 150 
HIS HB2  H N N 151 
HIS HB3  H N N 152 
HIS HD1  H N N 153 
HIS HD2  H N N 154 
HIS HE1  H N N 155 
HIS HE2  H N N 156 
HIS HXT  H N N 157 
HOH O    O N N 158 
HOH H1   H N N 159 
HOH H2   H N N 160 
ILE N    N N N 161 
ILE CA   C N S 162 
ILE C    C N N 163 
ILE O    O N N 164 
ILE CB   C N S 165 
ILE CG1  C N N 166 
ILE CG2  C N N 167 
ILE CD1  C N N 168 
ILE OXT  O N N 169 
ILE H    H N N 170 
ILE H2   H N N 171 
ILE HA   H N N 172 
ILE HB   H N N 173 
ILE HG12 H N N 174 
ILE HG13 H N N 175 
ILE HG21 H N N 176 
ILE HG22 H N N 177 
ILE HG23 H N N 178 
ILE HD11 H N N 179 
ILE HD12 H N N 180 
ILE HD13 H N N 181 
ILE HXT  H N N 182 
LEU N    N N N 183 
LEU CA   C N S 184 
LEU C    C N N 185 
LEU O    O N N 186 
LEU CB   C N N 187 
LEU CG   C N N 188 
LEU CD1  C N N 189 
LEU CD2  C N N 190 
LEU OXT  O N N 191 
LEU H    H N N 192 
LEU H2   H N N 193 
LEU HA   H N N 194 
LEU HB2  H N N 195 
LEU HB3  H N N 196 
LEU HG   H N N 197 
LEU HD11 H N N 198 
LEU HD12 H N N 199 
LEU HD13 H N N 200 
LEU HD21 H N N 201 
LEU HD22 H N N 202 
LEU HD23 H N N 203 
LEU HXT  H N N 204 
LYS N    N N N 205 
LYS CA   C N S 206 
LYS C    C N N 207 
LYS O    O N N 208 
LYS CB   C N N 209 
LYS CG   C N N 210 
LYS CD   C N N 211 
LYS CE   C N N 212 
LYS NZ   N N N 213 
LYS OXT  O N N 214 
LYS H    H N N 215 
LYS H2   H N N 216 
LYS HA   H N N 217 
LYS HB2  H N N 218 
LYS HB3  H N N 219 
LYS HG2  H N N 220 
LYS HG3  H N N 221 
LYS HD2  H N N 222 
LYS HD3  H N N 223 
LYS HE2  H N N 224 
LYS HE3  H N N 225 
LYS HZ1  H N N 226 
LYS HZ2  H N N 227 
LYS HZ3  H N N 228 
LYS HXT  H N N 229 
MET N    N N N 230 
MET CA   C N S 231 
MET C    C N N 232 
MET O    O N N 233 
MET CB   C N N 234 
MET CG   C N N 235 
MET SD   S N N 236 
MET CE   C N N 237 
MET OXT  O N N 238 
MET H    H N N 239 
MET H2   H N N 240 
MET HA   H N N 241 
MET HB2  H N N 242 
MET HB3  H N N 243 
MET HG2  H N N 244 
MET HG3  H N N 245 
MET HE1  H N N 246 
MET HE2  H N N 247 
MET HE3  H N N 248 
MET HXT  H N N 249 
PHE N    N N N 250 
PHE CA   C N S 251 
PHE C    C N N 252 
PHE O    O N N 253 
PHE CB   C N N 254 
PHE CG   C Y N 255 
PHE CD1  C Y N 256 
PHE CD2  C Y N 257 
PHE CE1  C Y N 258 
PHE CE2  C Y N 259 
PHE CZ   C Y N 260 
PHE OXT  O N N 261 
PHE H    H N N 262 
PHE H2   H N N 263 
PHE HA   H N N 264 
PHE HB2  H N N 265 
PHE HB3  H N N 266 
PHE HD1  H N N 267 
PHE HD2  H N N 268 
PHE HE1  H N N 269 
PHE HE2  H N N 270 
PHE HZ   H N N 271 
PHE HXT  H N N 272 
PRO N    N N N 273 
PRO CA   C N S 274 
PRO C    C N N 275 
PRO O    O N N 276 
PRO CB   C N N 277 
PRO CG   C N N 278 
PRO CD   C N N 279 
PRO OXT  O N N 280 
PRO H    H N N 281 
PRO HA   H N N 282 
PRO HB2  H N N 283 
PRO HB3  H N N 284 
PRO HG2  H N N 285 
PRO HG3  H N N 286 
PRO HD2  H N N 287 
PRO HD3  H N N 288 
PRO HXT  H N N 289 
SER N    N N N 290 
SER CA   C N S 291 
SER C    C N N 292 
SER O    O N N 293 
SER CB   C N N 294 
SER OG   O N N 295 
SER OXT  O N N 296 
SER H    H N N 297 
SER H2   H N N 298 
SER HA   H N N 299 
SER HB2  H N N 300 
SER HB3  H N N 301 
SER HG   H N N 302 
SER HXT  H N N 303 
THR N    N N N 304 
THR CA   C N S 305 
THR C    C N N 306 
THR O    O N N 307 
THR CB   C N R 308 
THR OG1  O N N 309 
THR CG2  C N N 310 
THR OXT  O N N 311 
THR H    H N N 312 
THR H2   H N N 313 
THR HA   H N N 314 
THR HB   H N N 315 
THR HG1  H N N 316 
THR HG21 H N N 317 
THR HG22 H N N 318 
THR HG23 H N N 319 
THR HXT  H N N 320 
TRP N    N N N 321 
TRP CA   C N S 322 
TRP C    C N N 323 
TRP O    O N N 324 
TRP CB   C N N 325 
TRP CG   C Y N 326 
TRP CD1  C Y N 327 
TRP CD2  C Y N 328 
TRP NE1  N Y N 329 
TRP CE2  C Y N 330 
TRP CE3  C Y N 331 
TRP CZ2  C Y N 332 
TRP CZ3  C Y N 333 
TRP CH2  C Y N 334 
TRP OXT  O N N 335 
TRP H    H N N 336 
TRP H2   H N N 337 
TRP HA   H N N 338 
TRP HB2  H N N 339 
TRP HB3  H N N 340 
TRP HD1  H N N 341 
TRP HE1  H N N 342 
TRP HE3  H N N 343 
TRP HZ2  H N N 344 
TRP HZ3  H N N 345 
TRP HH2  H N N 346 
TRP HXT  H N N 347 
TYR N    N N N 348 
TYR CA   C N S 349 
TYR C    C N N 350 
TYR O    O N N 351 
TYR CB   C N N 352 
TYR CG   C Y N 353 
TYR CD1  C Y N 354 
TYR CD2  C Y N 355 
TYR CE1  C Y N 356 
TYR CE2  C Y N 357 
TYR CZ   C Y N 358 
TYR OH   O N N 359 
TYR OXT  O N N 360 
TYR H    H N N 361 
TYR H2   H N N 362 
TYR HA   H N N 363 
TYR HB2  H N N 364 
TYR HB3  H N N 365 
TYR HD1  H N N 366 
TYR HD2  H N N 367 
TYR HE1  H N N 368 
TYR HE2  H N N 369 
TYR HH   H N N 370 
TYR HXT  H N N 371 
VAL N    N N N 372 
VAL CA   C N S 373 
VAL C    C N N 374 
VAL O    O N N 375 
VAL CB   C N N 376 
VAL CG1  C N N 377 
VAL CG2  C N N 378 
VAL OXT  O N N 379 
VAL H    H N N 380 
VAL H2   H N N 381 
VAL HA   H N N 382 
VAL HB   H N N 383 
VAL HG11 H N N 384 
VAL HG12 H N N 385 
VAL HG13 H N N 386 
VAL HG21 H N N 387 
VAL HG22 H N N 388 
VAL HG23 H N N 389 
VAL HXT  H N N 390 
# 
loop_
_chem_comp_bond.comp_id 
_chem_comp_bond.atom_id_1 
_chem_comp_bond.atom_id_2 
_chem_comp_bond.value_order 
_chem_comp_bond.pdbx_aromatic_flag 
_chem_comp_bond.pdbx_stereo_config 
_chem_comp_bond.pdbx_ordinal 
ALA N   CA   sing N N 1   
ALA N   H    sing N N 2   
ALA N   H2   sing N N 3   
ALA CA  C    sing N N 4   
ALA CA  CB   sing N N 5   
ALA CA  HA   sing N N 6   
ALA C   O    doub N N 7   
ALA C   OXT  sing N N 8   
ALA CB  HB1  sing N N 9   
ALA CB  HB2  sing N N 10  
ALA CB  HB3  sing N N 11  
ALA OXT HXT  sing N N 12  
ARG N   CA   sing N N 13  
ARG N   H    sing N N 14  
ARG N   H2   sing N N 15  
ARG CA  C    sing N N 16  
ARG CA  CB   sing N N 17  
ARG CA  HA   sing N N 18  
ARG C   O    doub N N 19  
ARG C   OXT  sing N N 20  
ARG CB  CG   sing N N 21  
ARG CB  HB2  sing N N 22  
ARG CB  HB3  sing N N 23  
ARG CG  CD   sing N N 24  
ARG CG  HG2  sing N N 25  
ARG CG  HG3  sing N N 26  
ARG CD  NE   sing N N 27  
ARG CD  HD2  sing N N 28  
ARG CD  HD3  sing N N 29  
ARG NE  CZ   sing N N 30  
ARG NE  HE   sing N N 31  
ARG CZ  NH1  sing N N 32  
ARG CZ  NH2  doub N N 33  
ARG NH1 HH11 sing N N 34  
ARG NH1 HH12 sing N N 35  
ARG NH2 HH21 sing N N 36  
ARG NH2 HH22 sing N N 37  
ARG OXT HXT  sing N N 38  
ASN N   CA   sing N N 39  
ASN N   H    sing N N 40  
ASN N   H2   sing N N 41  
ASN CA  C    sing N N 42  
ASN CA  CB   sing N N 43  
ASN CA  HA   sing N N 44  
ASN C   O    doub N N 45  
ASN C   OXT  sing N N 46  
ASN CB  CG   sing N N 47  
ASN CB  HB2  sing N N 48  
ASN CB  HB3  sing N N 49  
ASN CG  OD1  doub N N 50  
ASN CG  ND2  sing N N 51  
ASN ND2 HD21 sing N N 52  
ASN ND2 HD22 sing N N 53  
ASN OXT HXT  sing N N 54  
ASP N   CA   sing N N 55  
ASP N   H    sing N N 56  
ASP N   H2   sing N N 57  
ASP CA  C    sing N N 58  
ASP CA  CB   sing N N 59  
ASP CA  HA   sing N N 60  
ASP C   O    doub N N 61  
ASP C   OXT  sing N N 62  
ASP CB  CG   sing N N 63  
ASP CB  HB2  sing N N 64  
ASP CB  HB3  sing N N 65  
ASP CG  OD1  doub N N 66  
ASP CG  OD2  sing N N 67  
ASP OD2 HD2  sing N N 68  
ASP OXT HXT  sing N N 69  
CYS N   CA   sing N N 70  
CYS N   H    sing N N 71  
CYS N   H2   sing N N 72  
CYS CA  C    sing N N 73  
CYS CA  CB   sing N N 74  
CYS CA  HA   sing N N 75  
CYS C   O    doub N N 76  
CYS C   OXT  sing N N 77  
CYS CB  SG   sing N N 78  
CYS CB  HB2  sing N N 79  
CYS CB  HB3  sing N N 80  
CYS SG  HG   sing N N 81  
CYS OXT HXT  sing N N 82  
GLN N   CA   sing N N 83  
GLN N   H    sing N N 84  
GLN N   H2   sing N N 85  
GLN CA  C    sing N N 86  
GLN CA  CB   sing N N 87  
GLN CA  HA   sing N N 88  
GLN C   O    doub N N 89  
GLN C   OXT  sing N N 90  
GLN CB  CG   sing N N 91  
GLN CB  HB2  sing N N 92  
GLN CB  HB3  sing N N 93  
GLN CG  CD   sing N N 94  
GLN CG  HG2  sing N N 95  
GLN CG  HG3  sing N N 96  
GLN CD  OE1  doub N N 97  
GLN CD  NE2  sing N N 98  
GLN NE2 HE21 sing N N 99  
GLN NE2 HE22 sing N N 100 
GLN OXT HXT  sing N N 101 
GLU N   CA   sing N N 102 
GLU N   H    sing N N 103 
GLU N   H2   sing N N 104 
GLU CA  C    sing N N 105 
GLU CA  CB   sing N N 106 
GLU CA  HA   sing N N 107 
GLU C   O    doub N N 108 
GLU C   OXT  sing N N 109 
GLU CB  CG   sing N N 110 
GLU CB  HB2  sing N N 111 
GLU CB  HB3  sing N N 112 
GLU CG  CD   sing N N 113 
GLU CG  HG2  sing N N 114 
GLU CG  HG3  sing N N 115 
GLU CD  OE1  doub N N 116 
GLU CD  OE2  sing N N 117 
GLU OE2 HE2  sing N N 118 
GLU OXT HXT  sing N N 119 
GLY N   CA   sing N N 120 
GLY N   H    sing N N 121 
GLY N   H2   sing N N 122 
GLY CA  C    sing N N 123 
GLY CA  HA2  sing N N 124 
GLY CA  HA3  sing N N 125 
GLY C   O    doub N N 126 
GLY C   OXT  sing N N 127 
GLY OXT HXT  sing N N 128 
HIS N   CA   sing N N 129 
HIS N   H    sing N N 130 
HIS N   H2   sing N N 131 
HIS CA  C    sing N N 132 
HIS CA  CB   sing N N 133 
HIS CA  HA   sing N N 134 
HIS C   O    doub N N 135 
HIS C   OXT  sing N N 136 
HIS CB  CG   sing N N 137 
HIS CB  HB2  sing N N 138 
HIS CB  HB3  sing N N 139 
HIS CG  ND1  sing Y N 140 
HIS CG  CD2  doub Y N 141 
HIS ND1 CE1  doub Y N 142 
HIS ND1 HD1  sing N N 143 
HIS CD2 NE2  sing Y N 144 
HIS CD2 HD2  sing N N 145 
HIS CE1 NE2  sing Y N 146 
HIS CE1 HE1  sing N N 147 
HIS NE2 HE2  sing N N 148 
HIS OXT HXT  sing N N 149 
HOH O   H1   sing N N 150 
HOH O   H2   sing N N 151 
ILE N   CA   sing N N 152 
ILE N   H    sing N N 153 
ILE N   H2   sing N N 154 
ILE CA  C    sing N N 155 
ILE CA  CB   sing N N 156 
ILE CA  HA   sing N N 157 
ILE C   O    doub N N 158 
ILE C   OXT  sing N N 159 
ILE CB  CG1  sing N N 160 
ILE CB  CG2  sing N N 161 
ILE CB  HB   sing N N 162 
ILE CG1 CD1  sing N N 163 
ILE CG1 HG12 sing N N 164 
ILE CG1 HG13 sing N N 165 
ILE CG2 HG21 sing N N 166 
ILE CG2 HG22 sing N N 167 
ILE CG2 HG23 sing N N 168 
ILE CD1 HD11 sing N N 169 
ILE CD1 HD12 sing N N 170 
ILE CD1 HD13 sing N N 171 
ILE OXT HXT  sing N N 172 
LEU N   CA   sing N N 173 
LEU N   H    sing N N 174 
LEU N   H2   sing N N 175 
LEU CA  C    sing N N 176 
LEU CA  CB   sing N N 177 
LEU CA  HA   sing N N 178 
LEU C   O    doub N N 179 
LEU C   OXT  sing N N 180 
LEU CB  CG   sing N N 181 
LEU CB  HB2  sing N N 182 
LEU CB  HB3  sing N N 183 
LEU CG  CD1  sing N N 184 
LEU CG  CD2  sing N N 185 
LEU CG  HG   sing N N 186 
LEU CD1 HD11 sing N N 187 
LEU CD1 HD12 sing N N 188 
LEU CD1 HD13 sing N N 189 
LEU CD2 HD21 sing N N 190 
LEU CD2 HD22 sing N N 191 
LEU CD2 HD23 sing N N 192 
LEU OXT HXT  sing N N 193 
LYS N   CA   sing N N 194 
LYS N   H    sing N N 195 
LYS N   H2   sing N N 196 
LYS CA  C    sing N N 197 
LYS CA  CB   sing N N 198 
LYS CA  HA   sing N N 199 
LYS C   O    doub N N 200 
LYS C   OXT  sing N N 201 
LYS CB  CG   sing N N 202 
LYS CB  HB2  sing N N 203 
LYS CB  HB3  sing N N 204 
LYS CG  CD   sing N N 205 
LYS CG  HG2  sing N N 206 
LYS CG  HG3  sing N N 207 
LYS CD  CE   sing N N 208 
LYS CD  HD2  sing N N 209 
LYS CD  HD3  sing N N 210 
LYS CE  NZ   sing N N 211 
LYS CE  HE2  sing N N 212 
LYS CE  HE3  sing N N 213 
LYS NZ  HZ1  sing N N 214 
LYS NZ  HZ2  sing N N 215 
LYS NZ  HZ3  sing N N 216 
LYS OXT HXT  sing N N 217 
MET N   CA   sing N N 218 
MET N   H    sing N N 219 
MET N   H2   sing N N 220 
MET CA  C    sing N N 221 
MET CA  CB   sing N N 222 
MET CA  HA   sing N N 223 
MET C   O    doub N N 224 
MET C   OXT  sing N N 225 
MET CB  CG   sing N N 226 
MET CB  HB2  sing N N 227 
MET CB  HB3  sing N N 228 
MET CG  SD   sing N N 229 
MET CG  HG2  sing N N 230 
MET CG  HG3  sing N N 231 
MET SD  CE   sing N N 232 
MET CE  HE1  sing N N 233 
MET CE  HE2  sing N N 234 
MET CE  HE3  sing N N 235 
MET OXT HXT  sing N N 236 
PHE N   CA   sing N N 237 
PHE N   H    sing N N 238 
PHE N   H2   sing N N 239 
PHE CA  C    sing N N 240 
PHE CA  CB   sing N N 241 
PHE CA  HA   sing N N 242 
PHE C   O    doub N N 243 
PHE C   OXT  sing N N 244 
PHE CB  CG   sing N N 245 
PHE CB  HB2  sing N N 246 
PHE CB  HB3  sing N N 247 
PHE CG  CD1  doub Y N 248 
PHE CG  CD2  sing Y N 249 
PHE CD1 CE1  sing Y N 250 
PHE CD1 HD1  sing N N 251 
PHE CD2 CE2  doub Y N 252 
PHE CD2 HD2  sing N N 253 
PHE CE1 CZ   doub Y N 254 
PHE CE1 HE1  sing N N 255 
PHE CE2 CZ   sing Y N 256 
PHE CE2 HE2  sing N N 257 
PHE CZ  HZ   sing N N 258 
PHE OXT HXT  sing N N 259 
PRO N   CA   sing N N 260 
PRO N   CD   sing N N 261 
PRO N   H    sing N N 262 
PRO CA  C    sing N N 263 
PRO CA  CB   sing N N 264 
PRO CA  HA   sing N N 265 
PRO C   O    doub N N 266 
PRO C   OXT  sing N N 267 
PRO CB  CG   sing N N 268 
PRO CB  HB2  sing N N 269 
PRO CB  HB3  sing N N 270 
PRO CG  CD   sing N N 271 
PRO CG  HG2  sing N N 272 
PRO CG  HG3  sing N N 273 
PRO CD  HD2  sing N N 274 
PRO CD  HD3  sing N N 275 
PRO OXT HXT  sing N N 276 
SER N   CA   sing N N 277 
SER N   H    sing N N 278 
SER N   H2   sing N N 279 
SER CA  C    sing N N 280 
SER CA  CB   sing N N 281 
SER CA  HA   sing N N 282 
SER C   O    doub N N 283 
SER C   OXT  sing N N 284 
SER CB  OG   sing N N 285 
SER CB  HB2  sing N N 286 
SER CB  HB3  sing N N 287 
SER OG  HG   sing N N 288 
SER OXT HXT  sing N N 289 
THR N   CA   sing N N 290 
THR N   H    sing N N 291 
THR N   H2   sing N N 292 
THR CA  C    sing N N 293 
THR CA  CB   sing N N 294 
THR CA  HA   sing N N 295 
THR C   O    doub N N 296 
THR C   OXT  sing N N 297 
THR CB  OG1  sing N N 298 
THR CB  CG2  sing N N 299 
THR CB  HB   sing N N 300 
THR OG1 HG1  sing N N 301 
THR CG2 HG21 sing N N 302 
THR CG2 HG22 sing N N 303 
THR CG2 HG23 sing N N 304 
THR OXT HXT  sing N N 305 
TRP N   CA   sing N N 306 
TRP N   H    sing N N 307 
TRP N   H2   sing N N 308 
TRP CA  C    sing N N 309 
TRP CA  CB   sing N N 310 
TRP CA  HA   sing N N 311 
TRP C   O    doub N N 312 
TRP C   OXT  sing N N 313 
TRP CB  CG   sing N N 314 
TRP CB  HB2  sing N N 315 
TRP CB  HB3  sing N N 316 
TRP CG  CD1  doub Y N 317 
TRP CG  CD2  sing Y N 318 
TRP CD1 NE1  sing Y N 319 
TRP CD1 HD1  sing N N 320 
TRP CD2 CE2  doub Y N 321 
TRP CD2 CE3  sing Y N 322 
TRP NE1 CE2  sing Y N 323 
TRP NE1 HE1  sing N N 324 
TRP CE2 CZ2  sing Y N 325 
TRP CE3 CZ3  doub Y N 326 
TRP CE3 HE3  sing N N 327 
TRP CZ2 CH2  doub Y N 328 
TRP CZ2 HZ2  sing N N 329 
TRP CZ3 CH2  sing Y N 330 
TRP CZ3 HZ3  sing N N 331 
TRP CH2 HH2  sing N N 332 
TRP OXT HXT  sing N N 333 
TYR N   CA   sing N N 334 
TYR N   H    sing N N 335 
TYR N   H2   sing N N 336 
TYR CA  C    sing N N 337 
TYR CA  CB   sing N N 338 
TYR CA  HA   sing N N 339 
TYR C   O    doub N N 340 
TYR C   OXT  sing N N 341 
TYR CB  CG   sing N N 342 
TYR CB  HB2  sing N N 343 
TYR CB  HB3  sing N N 344 
TYR CG  CD1  doub Y N 345 
TYR CG  CD2  sing Y N 346 
TYR CD1 CE1  sing Y N 347 
TYR CD1 HD1  sing N N 348 
TYR CD2 CE2  doub Y N 349 
TYR CD2 HD2  sing N N 350 
TYR CE1 CZ   doub Y N 351 
TYR CE1 HE1  sing N N 352 
TYR CE2 CZ   sing Y N 353 
TYR CE2 HE2  sing N N 354 
TYR CZ  OH   sing N N 355 
TYR OH  HH   sing N N 356 
TYR OXT HXT  sing N N 357 
VAL N   CA   sing N N 358 
VAL N   H    sing N N 359 
VAL N   H2   sing N N 360 
VAL CA  C    sing N N 361 
VAL CA  CB   sing N N 362 
VAL CA  HA   sing N N 363 
VAL C   O    doub N N 364 
VAL C   OXT  sing N N 365 
VAL CB  CG1  sing N N 366 
VAL CB  CG2  sing N N 367 
VAL CB  HB   sing N N 368 
VAL CG1 HG11 sing N N 369 
VAL CG1 HG12 sing N N 370 
VAL CG1 HG13 sing N N 371 
VAL CG2 HG21 sing N N 372 
VAL CG2 HG22 sing N N 373 
VAL CG2 HG23 sing N N 374 
VAL OXT HXT  sing N N 375 
# 
_pdbx_audit_support.funding_organization   'Natural Sciences and Engineering Research Council (NSERC, Canada)' 
_pdbx_audit_support.country                Canada 
_pdbx_audit_support.grant_number           RGPIN-2022-05457 
_pdbx_audit_support.ordinal                1 
# 
_pdbx_initial_refinement_model.id               1 
_pdbx_initial_refinement_model.entity_id_list   ? 
_pdbx_initial_refinement_model.type             'experimental model' 
_pdbx_initial_refinement_model.source_name      PDB 
_pdbx_initial_refinement_model.accession_code   3PJL 
_pdbx_initial_refinement_model.details          ? 
# 
_atom_sites.entry_id                    8T7K 
_atom_sites.Cartn_transf_matrix[1][1]   ? 
_atom_sites.Cartn_transf_matrix[1][2]   ? 
_atom_sites.Cartn_transf_matrix[1][3]   ? 
_atom_sites.Cartn_transf_matrix[2][1]   ? 
_atom_sites.Cartn_transf_matrix[2][2]   ? 
_atom_sites.Cartn_transf_matrix[2][3]   ? 
_atom_sites.Cartn_transf_matrix[3][1]   ? 
_atom_sites.Cartn_transf_matrix[3][2]   ? 
_atom_sites.Cartn_transf_matrix[3][3]   ? 
_atom_sites.Cartn_transf_vector[1]      ? 
_atom_sites.Cartn_transf_vector[2]      ? 
_atom_sites.Cartn_transf_vector[3]      ? 
_atom_sites.Cartn_transform_axes        ? 
_atom_sites.fract_transf_matrix[1][1]   -0.00459875 
_atom_sites.fract_transf_matrix[1][2]   0.01752069 
_atom_sites.fract_transf_matrix[1][3]   -0.00238114 
_atom_sites.fract_transf_matrix[2][1]   -0.00422738 
_atom_sites.fract_transf_matrix[2][2]   0.00060782 
_atom_sites.fract_transf_matrix[2][3]   0.01263680 
_atom_sites.fract_transf_matrix[3][1]   0.01145888 
_atom_sites.fract_transf_matrix[3][2]   0.00350572 
_atom_sites.fract_transf_matrix[3][3]   0.00366470 
_atom_sites.fract_transf_vector[1]      0.250838 
_atom_sites.fract_transf_vector[2]      0.072781 
_atom_sites.fract_transf_vector[3]      0.158049 
_atom_sites.solution_primary            ? 
_atom_sites.solution_secondary          ? 
_atom_sites.solution_hydrogens          ? 
_atom_sites.special_details             ? 
# 
loop_
_atom_type.symbol 
C 
H 
N 
O 
S 
# 
loop_
_atom_site.group_PDB 
_atom_site.id 
_atom_site.type_symbol 
_atom_site.label_atom_id 
_atom_site.label_alt_id 
_atom_site.label_comp_id 
_atom_site.label_asym_id 
_atom_site.label_entity_id 
_atom_site.label_seq_id 
_atom_site.pdbx_PDB_ins_code 
_atom_site.Cartn_x 
_atom_site.Cartn_y 
_atom_site.Cartn_z 
_atom_site.occupancy 
_atom_site.B_iso_or_equiv 
_atom_site.pdbx_formal_charge 
_atom_site.auth_seq_id 
_atom_site.auth_comp_id 
_atom_site.auth_asym_id 
_atom_site.auth_atom_id 
_atom_site.pdbx_PDB_model_num 
ATOM   1    N N   . PHE A 1 1   ? -12.635 9.800   9.913   1.00 53.53 ? 53  PHE A N   1 
ATOM   2    C CA  . PHE A 1 1   ? -11.674 9.370   10.919  1.00 47.37 ? 53  PHE A CA  1 
ATOM   3    C C   . PHE A 1 1   ? -10.342 10.072  10.680  1.00 50.83 ? 53  PHE A C   1 
ATOM   4    O O   . PHE A 1 1   ? -10.080 10.571  9.583   1.00 50.23 ? 53  PHE A O   1 
ATOM   5    C CB  . PHE A 1 1   ? -11.470 7.844   10.911  1.00 48.19 ? 53  PHE A CB  1 
ATOM   6    C CG  . PHE A 1 1   ? -11.323 7.234   9.533   1.00 48.82 ? 53  PHE A CG  1 
ATOM   7    C CD1 . PHE A 1 1   ? -12.396 7.163   8.649   1.00 45.75 ? 53  PHE A CD1 1 
ATOM   8    C CD2 . PHE A 1 1   ? -10.088 6.742   9.120   1.00 46.57 ? 53  PHE A CD2 1 
ATOM   9    C CE1 . PHE A 1 1   ? -12.242 6.603   7.386   1.00 42.38 ? 53  PHE A CE1 1 
ATOM   10   C CE2 . PHE A 1 1   ? -9.930  6.181   7.862   1.00 46.43 ? 53  PHE A CE2 1 
ATOM   11   C CZ  . PHE A 1 1   ? -11.009 6.111   6.995   1.00 46.14 ? 53  PHE A CZ  1 
ATOM   12   N N   . ASP A 1 2   ? -9.500  10.114  11.709  1.00 51.70 ? 54  ASP A N   1 
ATOM   13   C CA  . ASP A 1 2   ? -8.204  10.768  11.610  1.00 50.97 ? 54  ASP A CA  1 
ATOM   14   C C   . ASP A 1 2   ? -7.176  9.775   11.081  1.00 47.74 ? 54  ASP A C   1 
ATOM   15   O O   . ASP A 1 2   ? -7.129  8.626   11.531  1.00 48.65 ? 54  ASP A O   1 
ATOM   16   C CB  . ASP A 1 2   ? -7.773  11.313  12.971  1.00 53.52 ? 54  ASP A CB  1 
ATOM   17   C CG  . ASP A 1 2   ? -8.480  12.607  13.328  1.00 57.93 ? 54  ASP A CG  1 
ATOM   18   O OD1 . ASP A 1 2   ? -8.370  13.583  12.555  1.00 61.82 ? 54  ASP A OD1 1 
ATOM   19   O OD2 . ASP A 1 2   ? -9.137  12.650  14.390  1.00 61.25 ? 54  ASP A OD2 1 
ATOM   20   N N   . GLU A 1 3   ? -6.370  10.211  10.114  1.00 46.38 ? 55  GLU A N   1 
ATOM   21   C CA  . GLU A 1 3   ? -5.340  9.378   9.508   1.00 43.58 ? 55  GLU A CA  1 
ATOM   22   C C   . GLU A 1 3   ? -3.988  10.046  9.722   1.00 41.60 ? 55  GLU A C   1 
ATOM   23   O O   . GLU A 1 3   ? -3.890  11.276  9.703   1.00 43.30 ? 55  GLU A O   1 
ATOM   24   C CB  . GLU A 1 3   ? -5.568  9.191   8.000   1.00 41.46 ? 55  GLU A CB  1 
ATOM   25   C CG  . GLU A 1 3   ? -6.961  8.723   7.589   1.00 47.08 ? 55  GLU A CG  1 
ATOM   26   C CD  . GLU A 1 3   ? -7.061  8.471   6.094   1.00 48.38 ? 55  GLU A CD  1 
ATOM   27   O OE1 . GLU A 1 3   ? -6.695  9.378   5.316   1.00 50.04 ? 55  GLU A OE1 1 
ATOM   28   O OE2 . GLU A 1 3   ? -7.569  7.395   5.693   1.00 52.92 ? 55  GLU A OE2 1 
ATOM   29   N N   . PHE A 1 4   ? -2.941  9.244   9.908   1.00 38.44 ? 56  PHE A N   1 
ATOM   30   C CA  . PHE A 1 4   ? -1.618  9.792   10.162  1.00 38.01 ? 56  PHE A CA  1 
ATOM   31   C C   . PHE A 1 4   ? -0.652  9.350   9.081   1.00 36.48 ? 56  PHE A C   1 
ATOM   32   O O   . PHE A 1 4   ? -0.541  8.145   8.810   1.00 36.44 ? 56  PHE A O   1 
ATOM   33   C CB  . PHE A 1 4   ? -1.091  9.368   11.547  1.00 35.35 ? 56  PHE A CB  1 
ATOM   34   C CG  . PHE A 1 4   ? -1.991  9.771   12.668  1.00 36.81 ? 56  PHE A CG  1 
ATOM   35   C CD1 . PHE A 1 4   ? -3.062  8.977   13.029  1.00 39.94 ? 56  PHE A CD1 1 
ATOM   36   C CD2 . PHE A 1 4   ? -1.814  10.979  13.306  1.00 42.32 ? 56  PHE A CD2 1 
ATOM   37   C CE1 . PHE A 1 4   ? -3.916  9.359   14.037  1.00 40.61 ? 56  PHE A CE1 1 
ATOM   38   C CE2 . PHE A 1 4   ? -2.663  11.366  14.322  1.00 43.22 ? 56  PHE A CE2 1 
ATOM   39   C CZ  . PHE A 1 4   ? -3.713  10.556  14.686  1.00 39.87 ? 56  PHE A CZ  1 
ATOM   40   N N   . PRO A 1 5   ? 0.094   10.264  8.465   1.00 41.25 ? 57  PRO A N   1 
ATOM   41   C CA  . PRO A 1 5   ? 1.001   9.867   7.386   1.00 38.77 ? 57  PRO A CA  1 
ATOM   42   C C   . PRO A 1 5   ? 2.225   9.132   7.911   1.00 37.22 ? 57  PRO A C   1 
ATOM   43   O O   . PRO A 1 5   ? 2.777   9.468   8.962   1.00 35.42 ? 57  PRO A O   1 
ATOM   44   C CB  . PRO A 1 5   ? 1.390   11.198  6.739   1.00 41.41 ? 57  PRO A CB  1 
ATOM   45   C CG  . PRO A 1 5   ? 1.289   12.199  7.871   1.00 45.24 ? 57  PRO A CG  1 
ATOM   46   C CD  . PRO A 1 5   ? 0.337   11.651  8.915   1.00 42.67 ? 57  PRO A CD  1 
ATOM   47   N N   . ILE A 1 6   ? 2.652   8.118   7.158   1.00 33.54 ? 58  ILE A N   1 
ATOM   48   C CA  . ILE A 1 6   ? 3.945   7.506   7.430   1.00 34.23 ? 58  ILE A CA  1 
ATOM   49   C C   . ILE A 1 6   ? 5.052   8.450   6.990   1.00 33.77 ? 58  ILE A C   1 
ATOM   50   O O   . ILE A 1 6   ? 6.113   8.530   7.625   1.00 37.76 ? 58  ILE A O   1 
ATOM   51   C CB  . ILE A 1 6   ? 4.044   6.141   6.724   1.00 34.90 ? 58  ILE A CB  1 
ATOM   52   C CG1 . ILE A 1 6   ? 2.967   5.183   7.237   1.00 33.56 ? 58  ILE A CG1 1 
ATOM   53   C CG2 . ILE A 1 6   ? 5.430   5.532   6.932   1.00 34.25 ? 58  ILE A CG2 1 
ATOM   54   C CD1 . ILE A 1 6   ? 2.884   3.896   6.420   1.00 31.33 ? 58  ILE A CD1 1 
ATOM   55   N N   . GLY A 1 7   ? 4.803   9.192   5.919   1.00 33.44 ? 59  GLY A N   1 
ATOM   56   C CA  . GLY A 1 7   ? 5.762   10.126  5.363   1.00 35.74 ? 59  GLY A CA  1 
ATOM   57   C C   . GLY A 1 7   ? 5.094   10.832  4.205   1.00 38.28 ? 59  GLY A C   1 
ATOM   58   O O   . GLY A 1 7   ? 3.889   10.692  4.001   1.00 37.68 ? 59  GLY A O   1 
ATOM   59   N N   . ASP A 1 8   ? 5.873   11.586  3.434   1.00 38.17 ? 60  ASP A N   1 
ATOM   60   C CA  . ASP A 1 8   ? 5.282   12.264  2.288   1.00 38.91 ? 60  ASP A CA  1 
ATOM   61   C C   . ASP A 1 8   ? 4.924   11.256  1.199   1.00 36.91 ? 60  ASP A C   1 
ATOM   62   O O   . ASP A 1 8   ? 5.593   10.232  1.026   1.00 34.81 ? 60  ASP A O   1 
ATOM   63   C CB  . ASP A 1 8   ? 6.231   13.328  1.729   1.00 41.48 ? 60  ASP A CB  1 
ATOM   64   C CG  . ASP A 1 8   ? 6.517   14.432  2.725   1.00 44.64 ? 60  ASP A CG  1 
ATOM   65   O OD1 . ASP A 1 8   ? 5.549   15.036  3.245   1.00 48.83 ? 60  ASP A OD1 1 
ATOM   66   O OD2 . ASP A 1 8   ? 7.703   14.719  2.967   1.00 47.17 ? 60  ASP A OD2 1 
ATOM   67   N N   . GLU A 1 9   ? 3.857   11.552  0.458   1.00 39.59 ? 61  GLU A N   1 
ATOM   68   C CA  . GLU A 1 9   ? 3.492   10.700  -0.665  1.00 37.07 ? 61  GLU A CA  1 
ATOM   69   C C   . GLU A 1 9   ? 4.586   10.771  -1.729  1.00 38.29 ? 61  GLU A C   1 
ATOM   70   O O   . GLU A 1 9   ? 5.365   11.728  -1.782  1.00 38.64 ? 61  GLU A O   1 
ATOM   71   C CB  . GLU A 1 9   ? 2.126   11.105  -1.230  1.00 39.42 ? 61  GLU A CB  1 
ATOM   72   C CG  . GLU A 1 9   ? 2.133   12.366  -2.070  1.00 45.15 ? 61  GLU A CG  1 
ATOM   73   C CD  . GLU A 1 9   ? 0.756   12.716  -2.622  1.00 47.20 ? 61  GLU A CD  1 
ATOM   74   O OE1 . GLU A 1 9   ? -0.214  11.983  -2.336  1.00 45.04 ? 61  GLU A OE1 1 
ATOM   75   O OE2 . GLU A 1 9   ? 0.646   13.727  -3.346  1.00 52.99 ? 61  GLU A OE2 1 
ATOM   76   N N   . GLN A 1 10  ? 4.684   9.718   -2.538  1.00 34.05 ? 62  GLN A N   1 
ATOM   77   C CA  . GLN A 1 10  ? 5.765   9.548   -3.495  1.00 34.91 ? 62  GLN A CA  1 
ATOM   78   C C   . GLN A 1 10  ? 5.206   9.077   -4.827  1.00 36.34 ? 62  GLN A C   1 
ATOM   79   O O   . GLN A 1 10  ? 4.351   8.190   -4.864  1.00 35.01 ? 62  GLN A O   1 
ATOM   80   C CB  . GLN A 1 10  ? 6.806   8.524   -2.996  1.00 36.78 ? 62  GLN A CB  1 
ATOM   81   C CG  . GLN A 1 10  ? 7.419   8.861   -1.645  1.00 32.02 ? 62  GLN A CG  1 
ATOM   82   C CD  . GLN A 1 10  ? 8.532   7.901   -1.236  1.00 34.97 ? 62  GLN A CD  1 
ATOM   83   O OE1 . GLN A 1 10  ? 9.523   7.722   -1.954  1.00 35.12 ? 62  GLN A OE1 1 
ATOM   84   N NE2 . GLN A 1 10  ? 8.390   7.309   -0.056  1.00 35.61 ? 62  GLN A NE2 1 
ATOM   85   N N   . ASP A 1 11  ? 5.703   9.649   -5.920  1.00 35.04 ? 63  ASP A N   1 
ATOM   86   C CA  . ASP A 1 11  ? 5.310   9.193   -7.249  1.00 35.47 ? 63  ASP A CA  1 
ATOM   87   C C   . ASP A 1 11  ? 6.282   8.131   -7.740  1.00 36.22 ? 63  ASP A C   1 
ATOM   88   O O   . ASP A 1 11  ? 7.492   8.242   -7.538  1.00 35.76 ? 63  ASP A O   1 
ATOM   89   C CB  . ASP A 1 11  ? 5.281   10.340  -8.254  1.00 38.45 ? 63  ASP A CB  1 
ATOM   90   C CG  . ASP A 1 11  ? 4.065   11.208  -8.114  1.00 42.02 ? 63  ASP A CG  1 
ATOM   91   O OD1 . ASP A 1 11  ? 3.333   11.055  -7.116  1.00 42.50 ? 63  ASP A OD1 1 
ATOM   92   O OD2 . ASP A 1 11  ? 3.807   12.002  -9.046  1.00 47.25 ? 63  ASP A OD2 1 
ATOM   93   N N   . ALA A 1 12  ? 5.754   7.107   -8.401  1.00 33.17 ? 64  ALA A N   1 
ATOM   94   C CA  . ALA A 1 12  ? 6.617   6.093   -8.995  1.00 36.77 ? 64  ALA A CA  1 
ATOM   95   C C   . ALA A 1 12  ? 5.978   5.631   -10.296 1.00 38.87 ? 64  ALA A C   1 
ATOM   96   O O   . ALA A 1 12  ? 4.969   4.917   -10.282 1.00 35.38 ? 64  ALA A O   1 
ATOM   97   C CB  . ALA A 1 12  ? 6.843   4.928   -8.037  1.00 37.05 ? 64  ALA A CB  1 
ATOM   98   N N   . GLY A 1 13  ? 6.558   6.035   -11.422 1.00 35.86 ? 65  GLY A N   1 
ATOM   99   C CA  . GLY A 1 13  ? 5.938   5.683   -12.691 1.00 35.64 ? 65  GLY A CA  1 
ATOM   100  C C   . GLY A 1 13  ? 4.566   6.323   -12.795 1.00 34.84 ? 65  GLY A C   1 
ATOM   101  O O   . GLY A 1 13  ? 4.397   7.521   -12.536 1.00 35.42 ? 65  GLY A O   1 
ATOM   102  N N   . ILE A 1 14  ? 3.560   5.517   -13.141 1.00 33.62 ? 66  ILE A N   1 
ATOM   103  C CA  . ILE A 1 14  ? 2.205   6.036   -13.316 1.00 31.27 ? 66  ILE A CA  1 
ATOM   104  C C   . ILE A 1 14  ? 1.463   6.148   -11.986 1.00 34.34 ? 66  ILE A C   1 
ATOM   105  O O   . ILE A 1 14  ? 0.283   6.515   -11.965 1.00 31.68 ? 66  ILE A O   1 
ATOM   106  C CB  . ILE A 1 14  ? 1.405   5.171   -14.312 1.00 32.47 ? 66  ILE A CB  1 
ATOM   107  C CG1 . ILE A 1 14  ? 1.088   3.805   -13.705 1.00 31.45 ? 66  ILE A CG1 1 
ATOM   108  C CG2 . ILE A 1 14  ? 2.144   5.038   -15.653 1.00 34.25 ? 66  ILE A CG2 1 
ATOM   109  C CD1 . ILE A 1 14  ? -0.162  3.167   -14.267 1.00 33.60 ? 66  ILE A CD1 1 
ATOM   110  N N   . LEU A 1 15  ? 2.136   5.863   -10.873 1.00 32.65 ? 67  LEU A N   1 
ATOM   111  C CA  . LEU A 1 15  ? 1.475   5.753   -9.576  1.00 32.06 ? 67  LEU A CA  1 
ATOM   112  C C   . LEU A 1 15  ? 1.794   6.943   -8.676  1.00 33.96 ? 67  LEU A C   1 
ATOM   113  O O   . LEU A 1 15  ? 2.924   7.460   -8.668  1.00 32.42 ? 67  LEU A O   1 
ATOM   114  C CB  . LEU A 1 15  ? 1.896   4.471   -8.850  1.00 30.50 ? 67  LEU A CB  1 
ATOM   115  C CG  . LEU A 1 15  ? 1.586   3.134   -9.518  1.00 30.23 ? 67  LEU A CG  1 
ATOM   116  C CD1 . LEU A 1 15  ? 2.023   1.990   -8.617  1.00 30.42 ? 67  LEU A CD1 1 
ATOM   117  C CD2 . LEU A 1 15  ? 0.102   3.031   -9.868  1.00 29.29 ? 67  LEU A CD2 1 
ATOM   118  N N   . THR A 1 16  ? 0.791   7.364   -7.916  1.00 32.06 ? 68  THR A N   1 
ATOM   119  C CA  . THR A 1 16  ? 0.969   8.199   -6.735  1.00 33.97 ? 68  THR A CA  1 
ATOM   120  C C   . THR A 1 16  ? 0.678   7.338   -5.514  1.00 35.28 ? 68  THR A C   1 
ATOM   121  O O   . THR A 1 16  ? -0.404  6.752   -5.418  1.00 31.88 ? 68  THR A O   1 
ATOM   122  C CB  . THR A 1 16  ? 0.028   9.404   -6.749  1.00 36.48 ? 68  THR A CB  1 
ATOM   123  O OG1 . THR A 1 16  ? 0.425   10.310  -7.783  1.00 39.11 ? 68  THR A OG1 1 
ATOM   124  C CG2 . THR A 1 16  ? 0.064   10.122  -5.400  1.00 39.22 ? 68  THR A CG2 1 
ATOM   125  N N   . VAL A 1 17  ? 1.638   7.261   -4.594  1.00 33.59 ? 69  VAL A N   1 
ATOM   126  C CA  . VAL A 1 17  ? 1.602   6.293   -3.504  1.00 32.74 ? 69  VAL A CA  1 
ATOM   127  C C   . VAL A 1 17  ? 1.699   7.064   -2.196  1.00 31.95 ? 69  VAL A C   1 
ATOM   128  O O   . VAL A 1 17  ? 2.690   7.765   -1.956  1.00 33.70 ? 69  VAL A O   1 
ATOM   129  C CB  . VAL A 1 17  ? 2.737   5.259   -3.620  1.00 33.61 ? 69  VAL A CB  1 
ATOM   130  C CG1 . VAL A 1 17  ? 2.705   4.291   -2.445  1.00 33.25 ? 69  VAL A CG1 1 
ATOM   131  C CG2 . VAL A 1 17  ? 2.663   4.511   -4.957  1.00 31.39 ? 69  VAL A CG2 1 
ATOM   132  N N   . ALA A 1 18  ? 0.674   6.936   -1.363  1.00 32.35 ? 70  ALA A N   1 
ATOM   133  C CA  . ALA A 1 18  ? 0.676   7.503   -0.023  1.00 31.80 ? 70  ALA A CA  1 
ATOM   134  C C   . ALA A 1 18  ? 0.623   6.374   0.990   1.00 32.02 ? 70  ALA A C   1 
ATOM   135  O O   . ALA A 1 18  ? 0.028   5.324   0.735   1.00 29.31 ? 70  ALA A O   1 
ATOM   136  C CB  . ALA A 1 18  ? -0.513  8.442   0.179   1.00 35.77 ? 70  ALA A CB  1 
ATOM   137  N N   . GLY A 1 19  ? 1.255   6.591   2.140   1.00 31.25 ? 71  GLY A N   1 
ATOM   138  C CA  . GLY A 1 19  ? 1.187   5.625   3.219   1.00 30.57 ? 71  GLY A CA  1 
ATOM   139  C C   . GLY A 1 19  ? 0.630   6.271   4.468   1.00 31.27 ? 71  GLY A C   1 
ATOM   140  O O   . GLY A 1 19  ? 1.087   7.351   4.845   1.00 32.71 ? 71  GLY A O   1 
ATOM   141  N N   . VAL A 1 20  ? -0.376  5.659   5.102   1.00 30.74 ? 72  VAL A N   1 
ATOM   142  C CA  . VAL A 1 20  ? -0.991  6.242   6.289   1.00 31.89 ? 72  VAL A CA  1 
ATOM   143  C C   . VAL A 1 20  ? -1.236  5.128   7.297   1.00 32.62 ? 72  VAL A C   1 
ATOM   144  O O   . VAL A 1 20  ? -1.260  3.944   6.951   1.00 31.21 ? 72  VAL A O   1 
ATOM   145  C CB  . VAL A 1 20  ? -2.321  6.989   5.988   1.00 38.76 ? 72  VAL A CB  1 
ATOM   146  C CG1 . VAL A 1 20  ? -2.228  7.814   4.704   1.00 40.35 ? 72  VAL A CG1 1 
ATOM   147  C CG2 . VAL A 1 20  ? -3.484  6.052   5.940   1.00 38.31 ? 72  VAL A CG2 1 
ATOM   148  N N   . TYR A 1 21  ? -1.408  5.514   8.563   1.00 29.62 ? 73  TYR A N   1 
ATOM   149  C CA  . TYR A 1 21  ? -1.819  4.558   9.582   1.00 30.14 ? 73  TYR A CA  1 
ATOM   150  C C   . TYR A 1 21  ? -2.805  5.215   10.539  1.00 30.56 ? 73  TYR A C   1 
ATOM   151  O O   . TYR A 1 21  ? -2.886  6.442   10.624  1.00 31.81 ? 73  TYR A O   1 
ATOM   152  C CB  . TYR A 1 21  ? -0.616  4.001   10.353  1.00 30.74 ? 73  TYR A CB  1 
ATOM   153  C CG  . TYR A 1 21  ? 0.052   4.991   11.284  1.00 31.70 ? 73  TYR A CG  1 
ATOM   154  C CD1 . TYR A 1 21  ? 0.855   6.013   10.790  1.00 33.34 ? 73  TYR A CD1 1 
ATOM   155  C CD2 . TYR A 1 21  ? -0.107  4.890   12.663  1.00 35.35 ? 73  TYR A CD2 1 
ATOM   156  C CE1 . TYR A 1 21  ? 1.487   6.915   11.661  1.00 35.33 ? 73  TYR A CE1 1 
ATOM   157  C CE2 . TYR A 1 21  ? 0.508   5.782   13.524  1.00 35.51 ? 73  TYR A CE2 1 
ATOM   158  C CZ  . TYR A 1 21  ? 1.298   6.791   13.019  1.00 35.47 ? 73  TYR A CZ  1 
ATOM   159  O OH  . TYR A 1 21  ? 1.907   7.665   13.902  1.00 39.36 ? 73  TYR A OH  1 
ATOM   160  N N   . PHE A 1 22  ? -3.568  4.377   11.240  1.00 28.83 ? 74  PHE A N   1 
ATOM   161  C CA  . PHE A 1 22  ? -4.503  4.824   12.277  1.00 31.93 ? 74  PHE A CA  1 
ATOM   162  C C   . PHE A 1 22  ? -4.883  3.613   13.133  1.00 29.44 ? 74  PHE A C   1 
ATOM   163  O O   . PHE A 1 22  ? -4.216  2.577   13.087  1.00 29.23 ? 74  PHE A O   1 
ATOM   164  C CB  . PHE A 1 22  ? -5.690  5.561   11.640  1.00 33.90 ? 74  PHE A CB  1 
ATOM   165  C CG  . PHE A 1 22  ? -6.294  4.865   10.436  1.00 33.84 ? 74  PHE A CG  1 
ATOM   166  C CD1 . PHE A 1 22  ? -7.257  3.876   10.589  1.00 34.49 ? 74  PHE A CD1 1 
ATOM   167  C CD2 . PHE A 1 22  ? -5.884  5.198   9.150   1.00 35.34 ? 74  PHE A CD2 1 
ATOM   168  C CE1 . PHE A 1 22  ? -7.817  3.247   9.485   1.00 35.18 ? 74  PHE A CE1 1 
ATOM   169  C CE2 . PHE A 1 22  ? -6.443  4.567   8.038   1.00 36.92 ? 74  PHE A CE2 1 
ATOM   170  C CZ  . PHE A 1 22  ? -7.406  3.593   8.208   1.00 33.41 ? 74  PHE A CZ  1 
ATOM   171  N N   . GLN A 1 23  ? -5.934  3.740   13.948  1.00 30.95 ? 75  GLN A N   1 
ATOM   172  C CA  . GLN A 1 23  ? -6.285  2.656   14.864  1.00 33.64 ? 75  GLN A CA  1 
ATOM   173  C C   . GLN A 1 23  ? -6.578  1.364   14.100  1.00 32.03 ? 75  GLN A C   1 
ATOM   174  O O   . GLN A 1 23  ? -7.030  1.404   12.955  1.00 32.56 ? 75  GLN A O   1 
ATOM   175  C CB  . GLN A 1 23  ? -7.521  3.004   15.693  1.00 35.22 ? 75  GLN A CB  1 
ATOM   176  C CG  . GLN A 1 23  ? -8.670  3.400   14.814  1.00 38.18 ? 75  GLN A CG  1 
ATOM   177  C CD  . GLN A 1 23  ? -8.792  4.893   14.750  1.00 45.93 ? 75  GLN A CD  1 
ATOM   178  O OE1 . GLN A 1 23  ? -7.934  5.566   14.184  1.00 41.30 ? 75  GLN A OE1 1 
ATOM   179  N NE2 . GLN A 1 23  ? -9.871  5.427   15.314  1.00 48.15 ? 75  GLN A NE2 1 
ATOM   180  N N   . PRO A 1 24  ? -6.353  0.206   14.722  1.00 32.06 ? 76  PRO A N   1 
ATOM   181  C CA  . PRO A 1 24  ? -6.756  -1.053  14.089  1.00 32.81 ? 76  PRO A CA  1 
ATOM   182  C C   . PRO A 1 24  ? -8.257  -1.050  13.835  1.00 33.98 ? 76  PRO A C   1 
ATOM   183  O O   . PRO A 1 24  ? -9.026  -0.415  14.562  1.00 32.43 ? 76  PRO A O   1 
ATOM   184  C CB  . PRO A 1 24  ? -6.373  -2.114  15.129  1.00 34.87 ? 76  PRO A CB  1 
ATOM   185  C CG  . PRO A 1 24  ? -5.312  -1.469  15.947  1.00 37.48 ? 76  PRO A CG  1 
ATOM   186  C CD  . PRO A 1 24  ? -5.715  -0.020  16.029  1.00 36.38 ? 76  PRO A CD  1 
ATOM   187  N N   . VAL A 1 25  ? -8.663  -1.767  12.790  1.00 32.21 ? 77  VAL A N   1 
ATOM   188  C CA  . VAL A 1 25  ? -10.047 -1.774  12.318  1.00 30.58 ? 77  VAL A CA  1 
ATOM   189  C C   . VAL A 1 25  ? -10.576 -3.203  12.289  1.00 30.82 ? 77  VAL A C   1 
ATOM   190  O O   . VAL A 1 25  ? -9.819  -4.173  12.308  1.00 32.28 ? 77  VAL A O   1 
ATOM   191  C CB  . VAL A 1 25  ? -10.174 -1.124  10.923  1.00 34.35 ? 77  VAL A CB  1 
ATOM   192  C CG1 . VAL A 1 25  ? -9.620  0.289   10.941  1.00 35.80 ? 77  VAL A CG1 1 
ATOM   193  C CG2 . VAL A 1 25  ? -9.437  -1.952  9.890   1.00 32.00 ? 77  VAL A CG2 1 
ATOM   194  N N   . ASP A 1 26  ? -11.908 -3.325  12.260  1.00 34.41 ? 78  ASP A N   1 
ATOM   195  C CA  . ASP A 1 26  ? -12.571 -4.593  11.966  1.00 33.06 ? 78  ASP A CA  1 
ATOM   196  C C   . ASP A 1 26  ? -12.856 -4.689  10.474  1.00 31.53 ? 78  ASP A C   1 
ATOM   197  O O   . ASP A 1 26  ? -13.310 -3.725  9.856   1.00 30.77 ? 78  ASP A O   1 
ATOM   198  C CB  . ASP A 1 26  ? -13.891 -4.726  12.734  1.00 34.10 ? 78  ASP A CB  1 
ATOM   199  C CG  . ASP A 1 26  ? -13.711 -4.621  14.224  1.00 37.39 ? 78  ASP A CG  1 
ATOM   200  O OD1 . ASP A 1 26  ? -12.896 -5.382  14.787  1.00 37.65 ? 78  ASP A OD1 1 
ATOM   201  O OD2 . ASP A 1 26  ? -14.384 -3.761  14.822  1.00 39.22 ? 78  ASP A OD2 1 
ATOM   202  N N   . MET A 1 27  ? -12.612 -5.862  9.903   1.00 31.51 ? 79  MET A N   1 
ATOM   203  C CA  . MET A 1 27  ? -12.756 -6.071  8.467   1.00 33.03 ? 79  MET A CA  1 
ATOM   204  C C   . MET A 1 27  ? -13.704 -7.236  8.204   1.00 37.29 ? 79  MET A C   1 
ATOM   205  O O   . MET A 1 27  ? -13.756 -8.193  8.985   1.00 37.33 ? 79  MET A O   1 
ATOM   206  C CB  . MET A 1 27  ? -11.367 -6.300  7.851   1.00 33.90 ? 79  MET A CB  1 
ATOM   207  C CG  . MET A 1 27  ? -10.612 -4.988  7.602   1.00 30.28 ? 79  MET A CG  1 
ATOM   208  S SD  . MET A 1 27  ? -8.838  -5.189  7.327   1.00 40.14 ? 79  MET A SD  1 
ATOM   209  C CE  . MET A 1 27  ? -8.354  -6.188  8.739   1.00 38.81 ? 79  MET A CE  1 
ATOM   210  N N   . GLU A 1 28  ? -14.477 -7.147  7.115   1.00 34.84 ? 80  GLU A N   1 
ATOM   211  C CA  . GLU A 1 28  ? -15.392 -8.216  6.722   1.00 35.86 ? 80  GLU A CA  1 
ATOM   212  C C   . GLU A 1 28  ? -15.215 -8.535  5.236   1.00 34.29 ? 80  GLU A C   1 
ATOM   213  O O   . GLU A 1 28  ? -15.380 -7.634  4.391   1.00 32.90 ? 80  GLU A O   1 
ATOM   214  C CB  . GLU A 1 28  ? -16.844 -7.849  7.025   1.00 38.65 ? 80  GLU A CB  1 
ATOM   215  C CG  . GLU A 1 28  ? -17.635 -9.007  7.630   1.00 47.43 ? 80  GLU A CG  1 
ATOM   216  C CD  . GLU A 1 28  ? -16.905 -9.673  8.797   1.00 49.55 ? 80  GLU A CD  1 
ATOM   217  O OE1 . GLU A 1 28  ? -16.292 -10.747 8.579   1.00 50.25 ? 80  GLU A OE1 1 
ATOM   218  O OE2 . GLU A 1 28  ? -16.941 -9.132  9.928   1.00 53.92 ? 80  GLU A OE2 1 
ATOM   219  N N   . PRO A 1 29  ? -14.903 -9.784  4.875   1.00 36.08 ? 81  PRO A N   1 
ATOM   220  C CA  . PRO A 1 29  ? -14.689 -10.952 5.739   1.00 34.84 ? 81  PRO A CA  1 
ATOM   221  C C   . PRO A 1 29  ? -13.445 -10.752 6.583   1.00 40.78 ? 81  PRO A C   1 
ATOM   222  O O   . PRO A 1 29  ? -12.553 -9.996  6.215   1.00 40.24 ? 81  PRO A O   1 
ATOM   223  C CB  . PRO A 1 29  ? -14.518 -12.111 4.739   1.00 39.79 ? 81  PRO A CB  1 
ATOM   224  C CG  . PRO A 1 29  ? -14.132 -11.449 3.449   1.00 36.23 ? 81  PRO A CG  1 
ATOM   225  C CD  . PRO A 1 29  ? -14.883 -10.160 3.449   1.00 33.49 ? 81  PRO A CD  1 
ATOM   226  N N   . ALA A 1 30  ? -13.380 -11.402 7.735   1.00 45.65 ? 82  ALA A N   1 
ATOM   227  C CA  . ALA A 1 30  ? -12.257 -11.270 8.643   1.00 49.00 ? 82  ALA A CA  1 
ATOM   228  C C   . ALA A 1 30  ? -11.294 -12.431 8.425   1.00 52.69 ? 82  ALA A C   1 
ATOM   229  O O   . ALA A 1 30  ? -11.536 -13.333 7.618   1.00 54.69 ? 82  ALA A O   1 
ATOM   230  C CB  . ALA A 1 30  ? -12.758 -11.208 10.089  1.00 46.88 ? 82  ALA A CB  1 
ATOM   231  N N   . GLY A 1 31  ? -10.179 -12.400 9.148   1.00 52.35 ? 83  GLY A N   1 
ATOM   232  C CA  . GLY A 1 31  ? -9.257  -13.515 9.178   1.00 55.09 ? 83  GLY A CA  1 
ATOM   233  C C   . GLY A 1 31  ? -8.057  -13.404 8.266   1.00 55.51 ? 83  GLY A C   1 
ATOM   234  O O   . GLY A 1 31  ? -7.226  -14.321 8.262   1.00 61.61 ? 83  GLY A O   1 
ATOM   235  N N   . ASN A 1 32  ? -7.926  -12.316 7.505   1.00 54.71 ? 84  ASN A N   1 
ATOM   236  C CA  . ASN A 1 32  ? -6.773  -12.154 6.617   1.00 52.22 ? 84  ASN A CA  1 
ATOM   237  C C   . ASN A 1 32  ? -5.524  -11.695 7.378   1.00 53.46 ? 84  ASN A C   1 
ATOM   238  O O   . ASN A 1 32  ? -4.478  -12.358 7.341   1.00 50.74 ? 84  ASN A O   1 
ATOM   239  C CB  . ASN A 1 32  ? -7.125  -11.175 5.496   1.00 54.19 ? 84  ASN A CB  1 
ATOM   240  C CG  . ASN A 1 32  ? -8.292  -11.655 4.648   1.00 55.49 ? 84  ASN A CG  1 
ATOM   241  O OD1 . ASN A 1 32  ? -9.442  -11.686 5.101   1.00 56.31 ? 84  ASN A OD1 1 
ATOM   242  N ND2 . ASN A 1 32  ? -7.996  -12.047 3.410   1.00 57.21 ? 84  ASN A ND2 1 
ATOM   243  N N   . SER A 1 33  ? -5.609  -10.557 8.070   1.00 50.55 ? 85  SER A N   1 
ATOM   244  C CA  . SER A 1 33  ? -4.523  -10.075 8.910   1.00 44.51 ? 85  SER A CA  1 
ATOM   245  C C   . SER A 1 33  ? -4.941  -10.181 10.381  1.00 45.02 ? 85  SER A C   1 
ATOM   246  O O   . SER A 1 33  ? -5.909  -10.882 10.718  1.00 46.01 ? 85  SER A O   1 
ATOM   247  C CB  . SER A 1 33  ? -4.147  -8.641  8.514   1.00 40.25 ? 85  SER A CB  1 
ATOM   248  O OG  . SER A 1 33  ? -5.243  -7.752  8.687   1.00 38.05 ? 85  SER A OG  1 
ATOM   249  N N   . LEU A 1 34  ? -4.235  -9.458  11.244  1.00 41.15 ? 86  LEU A N   1 
ATOM   250  C CA  . LEU A 1 34  ? -4.449  -9.554  12.683  1.00 40.88 ? 86  LEU A CA  1 
ATOM   251  C C   . LEU A 1 34  ? -5.805  -8.993  13.092  1.00 40.77 ? 86  LEU A C   1 
ATOM   252  O O   . LEU A 1 34  ? -6.346  -8.083  12.460  1.00 40.98 ? 86  LEU A O   1 
ATOM   253  C CB  . LEU A 1 34  ? -3.354  -8.788  13.425  1.00 38.64 ? 86  LEU A CB  1 
ATOM   254  C CG  . LEU A 1 34  ? -1.967  -9.411  13.479  1.00 40.72 ? 86  LEU A CG  1 
ATOM   255  C CD1 . LEU A 1 34  ? -1.054  -8.456  14.220  1.00 37.95 ? 86  LEU A CD1 1 
ATOM   256  C CD2 . LEU A 1 34  ? -2.008  -10.774 14.153  1.00 43.80 ? 86  LEU A CD2 1 
ATOM   257  N N   . SER A 1 35  ? -6.343  -9.523  14.187  1.00 39.84 ? 87  SER A N   1 
ATOM   258  C CA  . SER A 1 35  ? -7.569  -8.962  14.730  1.00 42.31 ? 87  SER A CA  1 
ATOM   259  C C   . SER A 1 35  ? -7.293  -7.577  15.304  1.00 40.81 ? 87  SER A C   1 
ATOM   260  O O   . SER A 1 35  ? -6.171  -7.245  15.701  1.00 38.97 ? 87  SER A O   1 
ATOM   261  C CB  . SER A 1 35  ? -8.153  -9.838  15.842  1.00 43.37 ? 87  SER A CB  1 
ATOM   262  O OG  . SER A 1 35  ? -7.126  -10.437 16.620  1.00 46.36 ? 87  SER A OG  1 
ATOM   263  N N   . LYS A 1 36  ? -8.356  -6.775  15.368  1.00 40.62 ? 88  LYS A N   1 
ATOM   264  C CA  . LYS A 1 36  ? -8.230  -5.420  15.892  1.00 39.56 ? 88  LYS A CA  1 
ATOM   265  C C   . LYS A 1 36  ? -7.592  -5.424  17.276  1.00 42.10 ? 88  LYS A C   1 
ATOM   266  O O   . LYS A 1 36  ? -6.741  -4.577  17.582  1.00 42.61 ? 88  LYS A O   1 
ATOM   267  C CB  . LYS A 1 36  ? -9.615  -4.772  15.909  1.00 39.74 ? 88  LYS A CB  1 
ATOM   268  C CG  . LYS A 1 36  ? -9.728  -3.461  16.646  1.00 42.83 ? 88  LYS A CG  1 
ATOM   269  C CD  . LYS A 1 36  ? -10.951 -2.704  16.141  1.00 41.43 ? 88  LYS A CD  1 
ATOM   270  C CE  . LYS A 1 36  ? -11.957 -2.488  17.256  1.00 44.03 ? 88  LYS A CE  1 
ATOM   271  N NZ  . LYS A 1 36  ? -11.586 -1.295  18.071  1.00 50.42 ? 88  LYS A NZ  1 
ATOM   272  N N   . ASN A 1 37  ? -7.943  -6.412  18.108  1.00 42.62 ? 89  ASN A N   1 
ATOM   273  C CA  . ASN A 1 37  ? -7.426  -6.441  19.472  1.00 43.73 ? 89  ASN A CA  1 
ATOM   274  C C   . ASN A 1 37  ? -5.968  -6.875  19.516  1.00 45.42 ? 89  ASN A C   1 
ATOM   275  O O   . ASN A 1 37  ? -5.254  -6.538  20.467  1.00 46.63 ? 89  ASN A O   1 
ATOM   276  C CB  . ASN A 1 37  ? -8.270  -7.373  20.335  1.00 45.25 ? 89  ASN A CB  1 
ATOM   277  C CG  . ASN A 1 37  ? -9.582  -6.757  20.712  1.00 49.17 ? 89  ASN A CG  1 
ATOM   278  O OD1 . ASN A 1 37  ? -9.749  -5.540  20.627  1.00 48.61 ? 89  ASN A OD1 1 
ATOM   279  N ND2 . ASN A 1 37  ? -10.531 -7.587  21.139  1.00 55.22 ? 89  ASN A ND2 1 
ATOM   280  N N   . GLU A 1 38  ? -5.517  -7.632  18.517  1.00 43.81 ? 90  GLU A N   1 
ATOM   281  C CA  . GLU A 1 38  ? -4.140  -8.100  18.461  1.00 42.86 ? 90  GLU A CA  1 
ATOM   282  C C   . GLU A 1 38  ? -3.187  -7.097  17.821  1.00 42.08 ? 90  GLU A C   1 
ATOM   283  O O   . GLU A 1 38  ? -1.971  -7.229  17.993  1.00 43.55 ? 90  GLU A O   1 
ATOM   284  C CB  . GLU A 1 38  ? -4.072  -9.432  17.701  1.00 48.02 ? 90  GLU A CB  1 
ATOM   285  C CG  . GLU A 1 38  ? -4.110  -10.672 18.595  1.00 52.27 ? 90  GLU A CG  1 
ATOM   286  C CD  . GLU A 1 38  ? -3.159  -10.569 19.777  1.00 56.98 ? 90  GLU A CD  1 
ATOM   287  O OE1 . GLU A 1 38  ? -3.485  -9.849  20.736  1.00 60.11 ? 90  GLU A OE1 1 
ATOM   288  O OE2 . GLU A 1 38  ? -2.085  -11.213 19.767  1.00 59.64 ? 90  GLU A OE2 1 
ATOM   289  N N   . ALA A 1 39  ? -3.705  -6.094  17.124  1.00 36.22 ? 91  ALA A N   1 
ATOM   290  C CA  . ALA A 1 39  ? -2.924  -5.208  16.274  1.00 33.47 ? 91  ALA A CA  1 
ATOM   291  C C   . ALA A 1 39  ? -2.570  -3.911  16.990  1.00 33.13 ? 91  ALA A C   1 
ATOM   292  O O   . ALA A 1 39  ? -3.208  -3.514  17.973  1.00 31.12 ? 91  ALA A O   1 
ATOM   293  C CB  . ALA A 1 39  ? -3.705  -4.896  14.989  1.00 31.93 ? 91  ALA A CB  1 
ATOM   294  N N   . ASP A 1 40  ? -1.536  -3.244  16.469  1.00 28.53 ? 92  ASP A N   1 
ATOM   295  C CA  . ASP A 1 40  ? -1.119  -1.933  16.951  1.00 29.66 ? 92  ASP A CA  1 
ATOM   296  C C   . ASP A 1 40  ? -1.783  -0.818  16.169  1.00 30.30 ? 92  ASP A C   1 
ATOM   297  O O   . ASP A 1 40  ? -2.115  0.232   16.731  1.00 27.44 ? 92  ASP A O   1 
ATOM   298  C CB  . ASP A 1 40  ? 0.400   -1.773  16.833  1.00 29.39 ? 92  ASP A CB  1 
ATOM   299  C CG  . ASP A 1 40  ? 1.126   -2.415  17.969  1.00 35.54 ? 92  ASP A CG  1 
ATOM   300  O OD1 . ASP A 1 40  ? 0.517   -2.506  19.044  1.00 32.74 ? 92  ASP A OD1 1 
ATOM   301  O OD2 . ASP A 1 40  ? 2.298   -2.810  17.788  1.00 30.14 ? 92  ASP A OD2 1 
ATOM   302  N N   . CYS A 1 41  ? -1.968  -1.041  14.873  1.00 31.44 ? 93  CYS A N   1 
ATOM   303  C CA  . CYS A 1 41  ? -2.517  -0.038  13.981  1.00 28.35 ? 93  CYS A CA  1 
ATOM   304  C C   . CYS A 1 41  ? -3.103  -0.740  12.765  1.00 28.09 ? 93  CYS A C   1 
ATOM   305  O O   . CYS A 1 41  ? -2.873  -1.930  12.534  1.00 26.07 ? 93  CYS A O   1 
ATOM   306  C CB  . CYS A 1 41  ? -1.446  0.976   13.580  1.00 29.12 ? 93  CYS A CB  1 
ATOM   307  S SG  . CYS A 1 41  ? -0.282  0.362   12.309  1.00 28.64 ? 93  CYS A SG  1 
ATOM   308  N N   . HIS A 1 42  ? -3.914  0.003   12.029  1.00 25.80 ? 94  HIS A N   1 
ATOM   309  C CA  . HIS A 1 42  ? -4.212  -0.324  10.643  1.00 28.65 ? 94  HIS A CA  1 
ATOM   310  C C   . HIS A 1 42  ? -3.282  0.516   9.774   1.00 28.72 ? 94  HIS A C   1 
ATOM   311  O O   . HIS A 1 42  ? -3.076  1.701   10.045  1.00 30.43 ? 94  HIS A O   1 
ATOM   312  C CB  . HIS A 1 42  ? -5.666  -0.020  10.310  1.00 27.60 ? 94  HIS A CB  1 
ATOM   313  C CG  . HIS A 1 42  ? -6.080  -0.498  8.954   1.00 28.55 ? 94  HIS A CG  1 
ATOM   314  N ND1 . HIS A 1 42  ? -6.290  -1.831  8.669   1.00 27.66 ? 94  HIS A ND1 1 
ATOM   315  C CD2 . HIS A 1 42  ? -6.220  0.164   7.786   1.00 29.86 ? 94  HIS A CD2 1 
ATOM   316  C CE1 . HIS A 1 42  ? -6.603  -1.957  7.393   1.00 28.72 ? 94  HIS A CE1 1 
ATOM   317  N NE2 . HIS A 1 42  ? -6.558  -0.761  6.833   1.00 27.15 ? 94  HIS A NE2 1 
ATOM   318  N N   . MET A 1 43  ? -2.702  -0.099  8.742   1.00 27.55 ? 95  MET A N   1 
ATOM   319  C CA  . MET A 1 43  ? -1.752  0.572   7.869   1.00 27.02 ? 95  MET A CA  1 
ATOM   320  C C   . MET A 1 43  ? -2.191  0.328   6.434   1.00 29.23 ? 95  MET A C   1 
ATOM   321  O O   . MET A 1 43  ? -2.635  -0.773  6.096   1.00 26.74 ? 95  MET A O   1 
ATOM   322  C CB  . MET A 1 43  ? -0.316  0.072   8.139   1.00 28.28 ? 95  MET A CB  1 
ATOM   323  C CG  . MET A 1 43  ? 0.793   0.697   7.265   1.00 28.14 ? 95  MET A CG  1 
ATOM   324  S SD  . MET A 1 43  ? 2.440   -0.043  7.492   1.00 29.56 ? 95  MET A SD  1 
ATOM   325  C CE  . MET A 1 43  ? 2.666   0.188   9.248   1.00 27.94 ? 95  MET A CE  1 
ATOM   326  N N   . GLU A 1 44  ? -2.144  1.367   5.609   1.00 28.21 ? 96  GLU A N   1 
ATOM   327  C CA  . GLU A 1 44  ? -2.659  1.214   4.255   1.00 29.06 ? 96  GLU A CA  1 
ATOM   328  C C   . GLU A 1 44  ? -1.772  1.938   3.254   1.00 28.88 ? 96  GLU A C   1 
ATOM   329  O O   . GLU A 1 44  ? -1.055  2.886   3.588   1.00 28.69 ? 96  GLU A O   1 
ATOM   330  C CB  . GLU A 1 44  ? -4.106  1.697   4.133   1.00 35.03 ? 96  GLU A CB  1 
ATOM   331  C CG  . GLU A 1 44  ? -4.358  3.052   4.715   1.00 36.56 ? 96  GLU A CG  1 
ATOM   332  C CD  . GLU A 1 44  ? -5.799  3.500   4.590   1.00 38.04 ? 96  GLU A CD  1 
ATOM   333  O OE1 . GLU A 1 44  ? -6.703  2.740   4.997   1.00 38.37 ? 96  GLU A OE1 1 
ATOM   334  O OE2 . GLU A 1 44  ? -6.028  4.632   4.124   1.00 43.14 ? 96  GLU A OE2 1 
ATOM   335  N N   . ALA A 1 45  ? -1.820  1.438   2.023   1.00 28.36 ? 97  ALA A N   1 
ATOM   336  C CA  . ALA A 1 45  ? -1.196  2.039   0.855   1.00 28.80 ? 97  ALA A CA  1 
ATOM   337  C C   . ALA A 1 45  ? -2.307  2.627   0.002   1.00 32.69 ? 97  ALA A C   1 
ATOM   338  O O   . ALA A 1 45  ? -3.191  1.892   -0.465  1.00 31.72 ? 97  ALA A O   1 
ATOM   339  C CB  . ALA A 1 45  ? -0.406  1.000   0.067   1.00 29.97 ? 97  ALA A CB  1 
ATOM   340  N N   . ASP A 1 46  ? -2.296  3.944   -0.159  1.00 28.76 ? 98  ASP A N   1 
ATOM   341  C CA  . ASP A 1 46  ? -3.242  4.634   -1.026  1.00 32.79 ? 98  ASP A CA  1 
ATOM   342  C C   . ASP A 1 46  ? -2.558  4.763   -2.376  1.00 31.76 ? 98  ASP A C   1 
ATOM   343  O O   . ASP A 1 46  ? -1.584  5.505   -2.500  1.00 31.59 ? 98  ASP A O   1 
ATOM   344  C CB  . ASP A 1 46  ? -3.613  5.997   -0.452  1.00 34.09 ? 98  ASP A CB  1 
ATOM   345  C CG  . ASP A 1 46  ? -4.377  5.894   0.852   1.00 41.52 ? 98  ASP A CG  1 
ATOM   346  O OD1 . ASP A 1 46  ? -4.360  6.879   1.625   1.00 49.41 ? 98  ASP A OD1 1 
ATOM   347  O OD2 . ASP A 1 46  ? -5.043  4.857   1.074   1.00 41.12 ? 98  ASP A OD2 1 
ATOM   348  N N   . ILE A 1 47  ? -3.038  4.015   -3.369  1.00 33.38 ? 99  ILE A N   1 
ATOM   349  C CA  . ILE A 1 47  ? -2.383  3.927   -4.674  1.00 30.02 ? 99  ILE A CA  1 
ATOM   350  C C   . ILE A 1 47  ? -3.356  4.366   -5.760  1.00 33.45 ? 99  ILE A C   1 
ATOM   351  O O   . ILE A 1 47  ? -4.373  3.700   -6.014  1.00 29.89 ? 99  ILE A O   1 
ATOM   352  C CB  . ILE A 1 47  ? -1.840  2.518   -4.963  1.00 30.15 ? 99  ILE A CB  1 
ATOM   353  C CG1 . ILE A 1 47  ? -0.954  2.040   -3.808  1.00 30.62 ? 99  ILE A CG1 1 
ATOM   354  C CG2 . ILE A 1 47  ? -1.063  2.514   -6.289  1.00 27.64 ? 99  ILE A CG2 1 
ATOM   355  C CD1 . ILE A 1 47  ? -0.438  0.615   -3.952  1.00 30.31 ? 99  ILE A CD1 1 
ATOM   356  N N   . SER A 1 48  ? -3.009  5.453   -6.444  1.00 31.88 ? 100 SER A N   1 
ATOM   357  C CA  . SER A 1 48  ? -3.863  6.037   -7.458  1.00 32.53 ? 100 SER A CA  1 
ATOM   358  C C   . SER A 1 48  ? -3.019  6.361   -8.681  1.00 32.88 ? 100 SER A C   1 
ATOM   359  O O   . SER A 1 48  ? -1.791  6.454   -8.611  1.00 32.29 ? 100 SER A O   1 
ATOM   360  C CB  . SER A 1 48  ? -4.571  7.290   -6.930  1.00 35.29 ? 100 SER A CB  1 
ATOM   361  O OG  . SER A 1 48  ? -3.632  8.300   -6.624  1.00 37.79 ? 100 SER A OG  1 
ATOM   362  N N   . ALA A 1 49  ? -3.694  6.512   -9.810  1.00 34.38 ? 101 ALA A N   1 
ATOM   363  C CA  . ALA A 1 49  ? -3.001  6.835   -11.041 1.00 32.84 ? 101 ALA A CA  1 
ATOM   364  C C   . ALA A 1 49  ? -2.715  8.327   -11.098 1.00 36.68 ? 101 ALA A C   1 
ATOM   365  O O   . ALA A 1 49  ? -3.554  9.151   -10.721 1.00 36.63 ? 101 ALA A O   1 
ATOM   366  C CB  . ALA A 1 49  ? -3.831  6.406   -12.244 1.00 33.88 ? 101 ALA A CB  1 
ATOM   367  N N   . ASN A 1 50  ? -1.518  8.678   -11.558 1.00 35.68 ? 102 ASN A N   1 
ATOM   368  C CA  . ASN A 1 50  ? -1.232  10.078  -11.814 1.00 38.86 ? 102 ASN A CA  1 
ATOM   369  C C   . ASN A 1 50  ? -1.499  10.367  -13.291 1.00 38.67 ? 102 ASN A C   1 
ATOM   370  O O   . ASN A 1 50  ? -1.958  9.506   -14.041 1.00 36.92 ? 102 ASN A O   1 
ATOM   371  C CB  . ASN A 1 50  ? 0.200   10.442  -11.423 1.00 38.19 ? 102 ASN A CB  1 
ATOM   372  C CG  . ASN A 1 50  ? 1.236   9.569   -12.101 1.00 38.40 ? 102 ASN A CG  1 
ATOM   373  O OD1 . ASN A 1 50  ? 1.139   9.303   -13.293 1.00 38.34 ? 102 ASN A OD1 1 
ATOM   374  N ND2 . ASN A 1 50  ? 2.263   9.161   -11.353 1.00 35.98 ? 102 ASN A ND2 1 
ATOM   375  N N   . GLU A 1 51  ? -1.141  11.576  -13.725 1.00 42.43 ? 103 GLU A N   1 
ATOM   376  C CA  . GLU A 1 51  ? -1.372  12.016  -15.097 1.00 43.55 ? 103 GLU A CA  1 
ATOM   377  C C   . GLU A 1 51  ? -0.764  11.073  -16.135 1.00 42.17 ? 103 GLU A C   1 
ATOM   378  O O   . GLU A 1 51  ? -1.239  11.024  -17.275 1.00 40.58 ? 103 GLU A O   1 
ATOM   379  C CB  . GLU A 1 51  ? -0.810  13.429  -15.242 1.00 46.20 ? 103 GLU A CB  1 
ATOM   380  C CG  . GLU A 1 51  ? 0.589   13.438  -15.827 1.00 52.46 ? 103 GLU A CG  1 
ATOM   381  C CD  . GLU A 1 51  ? 1.329   14.751  -15.616 1.00 56.98 ? 103 GLU A CD  1 
ATOM   382  O OE1 . GLU A 1 51  ? 0.680   15.822  -15.631 1.00 62.74 ? 103 GLU A OE1 1 
ATOM   383  O OE2 . GLU A 1 51  ? 2.571   14.705  -15.464 1.00 61.04 ? 103 GLU A OE2 1 
ATOM   384  N N   . LYS A 1 52  ? 0.280   10.324  -15.772 1.00 38.04 ? 104 LYS A N   1 
ATOM   385  C CA  . LYS A 1 52  ? 0.903   9.393   -16.703 1.00 37.33 ? 104 LYS A CA  1 
ATOM   386  C C   . LYS A 1 52  ? 0.108   8.105   -16.872 1.00 35.71 ? 104 LYS A C   1 
ATOM   387  O O   . LYS A 1 52  ? 0.345   7.368   -17.836 1.00 33.86 ? 104 LYS A O   1 
ATOM   388  C CB  . LYS A 1 52  ? 2.307   9.039   -16.222 1.00 37.58 ? 104 LYS A CB  1 
ATOM   389  C CG  . LYS A 1 52  ? 3.196   10.233  -15.890 1.00 42.42 ? 104 LYS A CG  1 
ATOM   390  C CD  . LYS A 1 52  ? 4.595   9.738   -15.555 1.00 41.32 ? 104 LYS A CD  1 
ATOM   391  C CE  . LYS A 1 52  ? 5.550   10.873  -15.170 1.00 43.05 ? 104 LYS A CE  1 
ATOM   392  N NZ  . LYS A 1 52  ? 6.927   10.353  -14.912 1.00 45.85 ? 104 LYS A NZ  1 
ATOM   393  N N   . GLY A 1 53  ? -0.804  7.802   -15.950 1.00 35.44 ? 105 GLY A N   1 
ATOM   394  C CA  . GLY A 1 53  ? -1.586  6.582   -16.046 1.00 34.79 ? 105 GLY A CA  1 
ATOM   395  C C   . GLY A 1 53  ? -2.460  6.493   -17.278 1.00 34.60 ? 105 GLY A C   1 
ATOM   396  O O   . GLY A 1 53  ? -2.918  5.395   -17.614 1.00 33.04 ? 105 GLY A O   1 
ATOM   397  N N   . ALA A 1 54  ? -2.694  7.612   -17.965 1.00 35.33 ? 106 ALA A N   1 
ATOM   398  C CA  . ALA A 1 54  ? -3.502  7.567   -19.177 1.00 36.56 ? 106 ALA A CA  1 
ATOM   399  C C   . ALA A 1 54  ? -2.840  6.715   -20.256 1.00 37.77 ? 106 ALA A C   1 
ATOM   400  O O   . ALA A 1 54  ? -3.532  6.165   -21.127 1.00 35.98 ? 106 ALA A O   1 
ATOM   401  C CB  . ALA A 1 54  ? -3.758  8.987   -19.679 1.00 42.06 ? 106 ALA A CB  1 
ATOM   402  N N   . THR A 1 55  ? -1.508  6.578   -20.209 1.00 37.53 ? 107 THR A N   1 
ATOM   403  C CA  . THR A 1 55  ? -0.828  5.695   -21.149 1.00 37.32 ? 107 THR A CA  1 
ATOM   404  C C   . THR A 1 55  ? -1.272  4.248   -20.997 1.00 36.90 ? 107 THR A C   1 
ATOM   405  O O   . THR A 1 55  ? -1.077  3.454   -21.923 1.00 34.93 ? 107 THR A O   1 
ATOM   406  C CB  . THR A 1 55  ? 0.695   5.777   -20.986 1.00 36.42 ? 107 THR A CB  1 
ATOM   407  O OG1 . THR A 1 55  ? 1.068   5.409   -19.650 1.00 34.98 ? 107 THR A OG1 1 
ATOM   408  C CG2 . THR A 1 55  ? 1.175   7.196   -21.252 1.00 36.76 ? 107 THR A CG2 1 
ATOM   409  N N   . LEU A 1 56  ? -1.852  3.883   -19.850 1.00 36.47 ? 108 LEU A N   1 
ATOM   410  C CA  . LEU A 1 56  ? -2.359  2.536   -19.639 1.00 33.35 ? 108 LEU A CA  1 
ATOM   411  C C   . LEU A 1 56  ? -3.877  2.496   -19.606 1.00 34.51 ? 108 LEU A C   1 
ATOM   412  O O   . LEU A 1 56  ? -4.451  1.430   -19.356 1.00 34.56 ? 108 LEU A O   1 
ATOM   413  C CB  . LEU A 1 56  ? -1.813  1.951   -18.331 1.00 33.61 ? 108 LEU A CB  1 
ATOM   414  C CG  . LEU A 1 56  ? -0.480  1.203   -18.427 1.00 34.06 ? 108 LEU A CG  1 
ATOM   415  C CD1 . LEU A 1 56  ? 0.048   0.967   -17.031 1.00 35.84 ? 108 LEU A CD1 1 
ATOM   416  C CD2 . LEU A 1 56  ? -0.578  -0.075  -19.181 1.00 36.05 ? 108 LEU A CD2 1 
ATOM   417  N N   . GLY A 1 57  ? -4.541  3.626   -19.838 1.00 35.35 ? 109 GLY A N   1 
ATOM   418  C CA  . GLY A 1 57  ? -5.984  3.690   -19.810 1.00 36.18 ? 109 GLY A CA  1 
ATOM   419  C C   . GLY A 1 57  ? -6.577  4.195   -18.512 1.00 36.17 ? 109 GLY A C   1 
ATOM   420  O O   . GLY A 1 57  ? -7.800  4.346   -18.436 1.00 33.26 ? 109 GLY A O   1 
ATOM   421  N N   . TYR A 1 58  ? -5.755  4.473   -17.497 1.00 35.79 ? 110 TYR A N   1 
ATOM   422  C CA  . TYR A 1 58  ? -6.252  4.989   -16.225 1.00 36.62 ? 110 TYR A CA  1 
ATOM   423  C C   . TYR A 1 58  ? -6.567  6.475   -16.330 1.00 38.89 ? 110 TYR A C   1 
ATOM   424  O O   . TYR A 1 58  ? -5.848  7.230   -16.987 1.00 40.14 ? 110 TYR A O   1 
ATOM   425  C CB  . TYR A 1 58  ? -5.219  4.765   -15.108 1.00 35.18 ? 110 TYR A CB  1 
ATOM   426  C CG  . TYR A 1 58  ? -4.912  3.307   -14.831 1.00 33.26 ? 110 TYR A CG  1 
ATOM   427  C CD1 . TYR A 1 58  ? -5.802  2.519   -14.107 1.00 33.54 ? 110 TYR A CD1 1 
ATOM   428  C CD2 . TYR A 1 58  ? -3.756  2.710   -15.325 1.00 30.84 ? 110 TYR A CD2 1 
ATOM   429  C CE1 . TYR A 1 58  ? -5.544  1.178   -13.861 1.00 30.92 ? 110 TYR A CE1 1 
ATOM   430  C CE2 . TYR A 1 58  ? -3.487  1.371   -15.089 1.00 31.69 ? 110 TYR A CE2 1 
ATOM   431  C CZ  . TYR A 1 58  ? -4.389  0.611   -14.349 1.00 33.16 ? 110 TYR A CZ  1 
ATOM   432  O OH  . TYR A 1 58  ? -4.141  -0.719  -14.099 1.00 29.31 ? 110 TYR A OH  1 
ATOM   433  N N   . GLY A 1 59  ? -7.648  6.893   -15.682 1.00 37.43 ? 111 GLY A N   1 
ATOM   434  C CA  . GLY A 1 59  ? -7.862  8.311   -15.460 1.00 40.81 ? 111 GLY A CA  1 
ATOM   435  C C   . GLY A 1 59  ? -7.108  8.809   -14.238 1.00 40.33 ? 111 GLY A C   1 
ATOM   436  O O   . GLY A 1 59  ? -6.874  8.075   -13.277 1.00 39.14 ? 111 GLY A O   1 
ATOM   437  N N   . ALA A 1 60  ? -6.707  10.081  -14.277 1.00 43.39 ? 112 ALA A N   1 
ATOM   438  C CA  . ALA A 1 60  ? -5.918  10.630  -13.180 1.00 41.76 ? 112 ALA A CA  1 
ATOM   439  C C   . ALA A 1 60  ? -6.725  10.627  -11.885 1.00 41.01 ? 112 ALA A C   1 
ATOM   440  O O   . ALA A 1 60  ? -7.894  11.026  -11.861 1.00 41.10 ? 112 ALA A O   1 
ATOM   441  C CB  . ALA A 1 60  ? -5.449  12.044  -13.515 1.00 43.57 ? 112 ALA A CB  1 
ATOM   442  N N   . GLY A 1 61  ? -6.096  10.159  -10.808 1.00 39.17 ? 113 GLY A N   1 
ATOM   443  C CA  . GLY A 1 61  ? -6.755  10.018  -9.529  1.00 39.26 ? 113 GLY A CA  1 
ATOM   444  C C   . GLY A 1 61  ? -7.529  8.733   -9.343  1.00 40.30 ? 113 GLY A C   1 
ATOM   445  O O   . GLY A 1 61  ? -8.026  8.487   -8.238  1.00 41.60 ? 113 GLY A O   1 
ATOM   446  N N   . ASP A 1 62  ? -7.655  7.907   -10.376 1.00 36.57 ? 114 ASP A N   1 
ATOM   447  C CA  . ASP A 1 62  ? -8.368  6.643   -10.236 1.00 37.24 ? 114 ASP A CA  1 
ATOM   448  C C   . ASP A 1 62  ? -7.595  5.707   -9.317  1.00 34.01 ? 114 ASP A C   1 
ATOM   449  O O   . ASP A 1 62  ? -6.364  5.673   -9.333  1.00 32.81 ? 114 ASP A O   1 
ATOM   450  C CB  . ASP A 1 62  ? -8.552  5.964   -11.597 1.00 35.16 ? 114 ASP A CB  1 
ATOM   451  C CG  . ASP A 1 62  ? -9.599  6.638   -12.468 1.00 38.45 ? 114 ASP A CG  1 
ATOM   452  O OD1 . ASP A 1 62  ? -10.131 7.696   -12.073 1.00 38.89 ? 114 ASP A OD1 1 
ATOM   453  O OD2 . ASP A 1 62  ? -9.854  6.115   -13.575 1.00 41.58 ? 114 ASP A OD2 1 
ATOM   454  N N   . PHE A 1 63  ? -8.330  4.949   -8.505  1.00 33.52 ? 115 PHE A N   1 
ATOM   455  C CA  . PHE A 1 63  ? -7.727  3.836   -7.785  1.00 28.85 ? 115 PHE A CA  1 
ATOM   456  C C   . PHE A 1 63  ? -7.145  2.855   -8.795  1.00 30.03 ? 115 PHE A C   1 
ATOM   457  O O   . PHE A 1 63  ? -7.689  2.682   -9.886  1.00 28.43 ? 115 PHE A O   1 
ATOM   458  C CB  . PHE A 1 63  ? -8.800  3.165   -6.921  1.00 28.80 ? 115 PHE A CB  1 
ATOM   459  C CG  . PHE A 1 63  ? -8.326  1.963   -6.169  1.00 28.63 ? 115 PHE A CG  1 
ATOM   460  C CD1 . PHE A 1 63  ? -7.334  2.068   -5.207  1.00 28.19 ? 115 PHE A CD1 1 
ATOM   461  C CD2 . PHE A 1 63  ? -8.882  0.713   -6.434  1.00 29.75 ? 115 PHE A CD2 1 
ATOM   462  C CE1 . PHE A 1 63  ? -6.908  0.952   -4.519  1.00 29.19 ? 115 PHE A CE1 1 
ATOM   463  C CE2 . PHE A 1 63  ? -8.453  -0.405  -5.747  1.00 27.10 ? 115 PHE A CE2 1 
ATOM   464  C CZ  . PHE A 1 63  ? -7.458  -0.285  -4.805  1.00 26.39 ? 115 PHE A CZ  1 
ATOM   465  N N   . VAL A 1 64  ? -6.012  2.242   -8.463  1.00 29.11 ? 116 VAL A N   1 
ATOM   466  C CA  . VAL A 1 64  ? -5.428  1.263   -9.380  1.00 27.88 ? 116 VAL A CA  1 
ATOM   467  C C   . VAL A 1 64  ? -5.572  -0.126  -8.773  1.00 26.74 ? 116 VAL A C   1 
ATOM   468  O O   . VAL A 1 64  ? -4.793  -0.501  -7.870  1.00 26.61 ? 116 VAL A O   1 
ATOM   469  C CB  . VAL A 1 64  ? -3.961  1.585   -9.708  1.00 28.04 ? 116 VAL A CB  1 
ATOM   470  C CG1 . VAL A 1 64  ? -3.367  0.475   -10.551 1.00 28.91 ? 116 VAL A CG1 1 
ATOM   471  C CG2 . VAL A 1 64  ? -3.877  2.900   -10.466 1.00 29.20 ? 116 VAL A CG2 1 
ATOM   472  N N   . PRO A 1 65  ? -6.551  -0.907  -9.235  1.00 29.75 ? 117 PRO A N   1 
ATOM   473  C CA  . PRO A 1 65  ? -6.839  -2.210  -8.639  1.00 24.83 ? 117 PRO A CA  1 
ATOM   474  C C   . PRO A 1 65  ? -6.001  -3.333  -9.239  1.00 24.41 ? 117 PRO A C   1 
ATOM   475  O O   . PRO A 1 65  ? -5.326  -3.172  -10.261 1.00 24.41 ? 117 PRO A O   1 
ATOM   476  C CB  . PRO A 1 65  ? -8.335  -2.401  -8.952  1.00 24.40 ? 117 PRO A CB  1 
ATOM   477  C CG  . PRO A 1 65  ? -8.485  -1.731  -10.296 1.00 28.64 ? 117 PRO A CG  1 
ATOM   478  C CD  . PRO A 1 65  ? -7.570  -0.520  -10.234 1.00 28.31 ? 117 PRO A CD  1 
ATOM   479  N N   . TYR A 1 66  ? -6.041  -4.474  -8.548  1.00 25.04 ? 118 TYR A N   1 
ATOM   480  C CA  . TYR A 1 66  ? -5.410  -5.736  -8.920  1.00 22.95 ? 118 TYR A CA  1 
ATOM   481  C C   . TYR A 1 66  ? -3.897  -5.722  -8.752  1.00 25.02 ? 118 TYR A C   1 
ATOM   482  O O   . TYR A 1 66  ? -3.215  -6.599  -9.284  1.00 25.60 ? 118 TYR A O   1 
ATOM   483  C CB  . TYR A 1 66  ? -5.794  -6.134  -10.356 1.00 23.58 ? 118 TYR A CB  1 
ATOM   484  C CG  . TYR A 1 66  ? -7.279  -6.404  -10.519 1.00 24.81 ? 118 TYR A CG  1 
ATOM   485  C CD1 . TYR A 1 66  ? -7.827  -7.623  -10.150 1.00 23.68 ? 118 TYR A CD1 1 
ATOM   486  C CD2 . TYR A 1 66  ? -8.139  -5.424  -11.006 1.00 27.03 ? 118 TYR A CD2 1 
ATOM   487  C CE1 . TYR A 1 66  ? -9.201  -7.873  -10.294 1.00 23.75 ? 118 TYR A CE1 1 
ATOM   488  C CE2 . TYR A 1 66  ? -9.498  -5.665  -11.171 1.00 26.83 ? 118 TYR A CE2 1 
ATOM   489  C CZ  . TYR A 1 66  ? -10.025 -6.888  -10.800 1.00 25.88 ? 118 TYR A CZ  1 
ATOM   490  O OH  . TYR A 1 66  ? -11.366 -7.142  -10.961 1.00 25.22 ? 118 TYR A OH  1 
ATOM   491  N N   . LEU A 1 67  ? -3.344  -4.746  -8.034  1.00 23.87 ? 119 LEU A N   1 
ATOM   492  C CA  . LEU A 1 67  ? -1.920  -4.768  -7.728  1.00 26.72 ? 119 LEU A CA  1 
ATOM   493  C C   . LEU A 1 67  ? -1.671  -5.763  -6.594  1.00 27.37 ? 119 LEU A C   1 
ATOM   494  O O   . LEU A 1 67  ? -2.592  -6.143  -5.857  1.00 26.11 ? 119 LEU A O   1 
ATOM   495  C CB  . LEU A 1 67  ? -1.443  -3.377  -7.308  1.00 25.01 ? 119 LEU A CB  1 
ATOM   496  C CG  . LEU A 1 67  ? -1.627  -2.275  -8.357  1.00 26.75 ? 119 LEU A CG  1 
ATOM   497  C CD1 . LEU A 1 67  ? -1.196  -0.929  -7.814  1.00 27.54 ? 119 LEU A CD1 1 
ATOM   498  C CD2 . LEU A 1 67  ? -0.870  -2.591  -9.655  1.00 28.15 ? 119 LEU A CD2 1 
ATOM   499  N N   . HIS A 1 68  ? -0.421  -6.191  -6.464  1.00 25.58 ? 120 HIS A N   1 
ATOM   500  C CA  . HIS A 1 68  ? -0.007  -7.115  -5.410  1.00 28.95 ? 120 HIS A CA  1 
ATOM   501  C C   . HIS A 1 68  ? 0.910   -6.324  -4.484  1.00 26.94 ? 120 HIS A C   1 
ATOM   502  O O   . HIS A 1 68  ? 2.066   -6.060  -4.820  1.00 26.79 ? 120 HIS A O   1 
ATOM   503  C CB  . HIS A 1 68  ? 0.679   -8.347  -5.996  1.00 29.44 ? 120 HIS A CB  1 
ATOM   504  C CG  . HIS A 1 68  ? -0.157  -9.062  -7.017  1.00 31.35 ? 120 HIS A CG  1 
ATOM   505  N ND1 . HIS A 1 68  ? -1.226  -9.867  -6.677  1.00 34.89 ? 120 HIS A ND1 1 
ATOM   506  C CD2 . HIS A 1 68  ? -0.084  -9.088  -8.370  1.00 33.84 ? 120 HIS A CD2 1 
ATOM   507  C CE1 . HIS A 1 68  ? -1.783  -10.348 -7.774  1.00 33.89 ? 120 HIS A CE1 1 
ATOM   508  N NE2 . HIS A 1 68  ? -1.109  -9.894  -8.817  1.00 35.62 ? 120 HIS A NE2 1 
ATOM   509  N N   . VAL A 1 69  ? 0.373   -5.922  -3.337  1.00 28.85 ? 121 VAL A N   1 
ATOM   510  C CA  . VAL A 1 69  ? 1.010   -4.963  -2.441  1.00 27.04 ? 121 VAL A CA  1 
ATOM   511  C C   . VAL A 1 69  ? 1.427   -5.682  -1.170  1.00 29.02 ? 121 VAL A C   1 
ATOM   512  O O   . VAL A 1 69  ? 0.610   -6.378  -0.549  1.00 27.98 ? 121 VAL A O   1 
ATOM   513  C CB  . VAL A 1 69  ? 0.073   -3.785  -2.128  1.00 27.44 ? 121 VAL A CB  1 
ATOM   514  C CG1 . VAL A 1 69  ? 0.820   -2.746  -1.281  1.00 27.64 ? 121 VAL A CG1 1 
ATOM   515  C CG2 . VAL A 1 69  ? -0.457  -3.165  -3.433  1.00 28.68 ? 121 VAL A CG2 1 
ATOM   516  N N   . LYS A 1 70  ? 2.691   -5.512  -0.783  1.00 28.33 ? 122 LYS A N   1 
ATOM   517  C CA  . LYS A 1 70  ? 3.246   -6.096  0.430   1.00 28.60 ? 122 LYS A CA  1 
ATOM   518  C C   . LYS A 1 70  ? 4.040   -5.034  1.181   1.00 29.57 ? 122 LYS A C   1 
ATOM   519  O O   . LYS A 1 70  ? 4.768   -4.249  0.572   1.00 27.97 ? 122 LYS A O   1 
ATOM   520  C CB  . LYS A 1 70  ? 4.143   -7.298  0.095   1.00 35.05 ? 122 LYS A CB  1 
ATOM   521  C CG  . LYS A 1 70  ? 4.714   -8.017  1.302   1.00 37.34 ? 122 LYS A CG  1 
ATOM   522  C CD  . LYS A 1 70  ? 4.769   -9.534  1.104   1.00 42.55 ? 122 LYS A CD  1 
ATOM   523  C CE  . LYS A 1 70  ? 5.132   -9.915  -0.321  1.00 44.10 ? 122 LYS A CE  1 
ATOM   524  N NZ  . LYS A 1 70  ? 5.353   -11.388 -0.442  1.00 48.67 ? 122 LYS A NZ  1 
ATOM   525  N N   . ALA A 1 71  ? 3.886   -4.992  2.498   1.00 27.05 ? 123 ALA A N   1 
ATOM   526  C CA  . ALA A 1 71  ? 4.656   -4.068  3.323   1.00 27.85 ? 123 ALA A CA  1 
ATOM   527  C C   . ALA A 1 71  ? 5.797   -4.807  4.003   1.00 28.05 ? 123 ALA A C   1 
ATOM   528  O O   . ALA A 1 71  ? 5.625   -5.932  4.476   1.00 26.66 ? 123 ALA A O   1 
ATOM   529  C CB  . ALA A 1 71  ? 3.781   -3.393  4.377   1.00 29.29 ? 123 ALA A CB  1 
ATOM   530  N N   . TYR A 1 72  ? 6.961   -4.173  4.041   1.00 25.32 ? 124 TYR A N   1 
ATOM   531  C CA  . TYR A 1 72  ? 8.122   -4.704  4.737   1.00 26.98 ? 124 TYR A CA  1 
ATOM   532  C C   . TYR A 1 72  ? 8.403   -3.749  5.880   1.00 28.26 ? 124 TYR A C   1 
ATOM   533  O O   . TYR A 1 72  ? 8.645   -2.562  5.643   1.00 30.00 ? 124 TYR A O   1 
ATOM   534  C CB  . TYR A 1 72  ? 9.335   -4.809  3.816   1.00 27.74 ? 124 TYR A CB  1 
ATOM   535  C CG  . TYR A 1 72  ? 9.157   -5.831  2.712   1.00 30.59 ? 124 TYR A CG  1 
ATOM   536  C CD1 . TYR A 1 72  ? 8.246   -5.623  1.688   1.00 31.91 ? 124 TYR A CD1 1 
ATOM   537  C CD2 . TYR A 1 72  ? 9.869   -7.008  2.717   1.00 35.28 ? 124 TYR A CD2 1 
ATOM   538  C CE1 . TYR A 1 72  ? 8.058   -6.575  0.679   1.00 34.41 ? 124 TYR A CE1 1 
ATOM   539  C CE2 . TYR A 1 72  ? 9.707   -7.940  1.709   1.00 40.38 ? 124 TYR A CE2 1 
ATOM   540  C CZ  . TYR A 1 72  ? 8.798   -7.735  0.707   1.00 39.03 ? 124 TYR A CZ  1 
ATOM   541  O OH  . TYR A 1 72  ? 8.652   -8.701  -0.266  1.00 41.38 ? 124 TYR A OH  1 
ATOM   542  N N   . ILE A 1 73  ? 8.353   -4.254  7.108   1.00 27.31 ? 125 ILE A N   1 
ATOM   543  C CA  . ILE A 1 73  ? 8.539   -3.439  8.304   1.00 29.68 ? 125 ILE A CA  1 
ATOM   544  C C   . ILE A 1 73  ? 9.747   -3.975  9.061   1.00 28.08 ? 125 ILE A C   1 
ATOM   545  O O   . ILE A 1 73  ? 9.735   -5.126  9.521   1.00 26.98 ? 125 ILE A O   1 
ATOM   546  C CB  . ILE A 1 73  ? 7.285   -3.454  9.192   1.00 30.06 ? 125 ILE A CB  1 
ATOM   547  C CG1 . ILE A 1 73  ? 6.076   -2.956  8.393   1.00 31.42 ? 125 ILE A CG1 1 
ATOM   548  C CG2 . ILE A 1 73  ? 7.526   -2.576  10.417  1.00 30.29 ? 125 ILE A CG2 1 
ATOM   549  C CD1 . ILE A 1 73  ? 4.709   -3.361  8.982   1.00 31.48 ? 125 ILE A CD1 1 
ATOM   550  N N   . GLN A 1 74  ? 10.773  -3.139  9.214   1.00 28.60 ? 126 GLN A N   1 
ATOM   551  C CA  . GLN A 1 74  ? 12.031  -3.547  9.832   1.00 28.78 ? 126 GLN A CA  1 
ATOM   552  C C   . GLN A 1 74  ? 12.432  -2.543  10.900  1.00 28.82 ? 126 GLN A C   1 
ATOM   553  O O   . GLN A 1 74  ? 12.627  -1.360  10.601  1.00 27.42 ? 126 GLN A O   1 
ATOM   554  C CB  . GLN A 1 74  ? 13.145  -3.667  8.788   1.00 28.63 ? 126 GLN A CB  1 
ATOM   555  C CG  . GLN A 1 74  ? 14.477  -4.178  9.348   1.00 32.30 ? 126 GLN A CG  1 
ATOM   556  C CD  . GLN A 1 74  ? 15.495  -4.440  8.249   1.00 36.23 ? 126 GLN A CD  1 
ATOM   557  O OE1 . GLN A 1 74  ? 15.268  -4.108  7.079   1.00 37.02 ? 126 GLN A OE1 1 
ATOM   558  N NE2 . GLN A 1 74  ? 16.631  -5.034  8.618   1.00 37.34 ? 126 GLN A NE2 1 
ATOM   559  N N   . LYS A 1 75  ? 12.576  -3.018  12.137  1.00 28.72 ? 127 LYS A N   1 
ATOM   560  C CA  . LYS A 1 75  ? 13.154  -2.176  13.169  1.00 31.58 ? 127 LYS A CA  1 
ATOM   561  C C   . LYS A 1 75  ? 14.591  -1.851  12.778  1.00 32.41 ? 127 LYS A C   1 
ATOM   562  O O   . LYS A 1 75  ? 15.370  -2.754  12.449  1.00 31.89 ? 127 LYS A O   1 
ATOM   563  C CB  . LYS A 1 75  ? 13.103  -2.896  14.520  1.00 32.79 ? 127 LYS A CB  1 
ATOM   564  C CG  . LYS A 1 75  ? 13.591  -2.066  15.684  1.00 37.31 ? 127 LYS A CG  1 
ATOM   565  C CD  . LYS A 1 75  ? 12.456  -1.240  16.246  1.00 39.17 ? 127 LYS A CD  1 
ATOM   566  C CE  . LYS A 1 75  ? 12.881  -0.553  17.527  1.00 38.74 ? 127 LYS A CE  1 
ATOM   567  N NZ  . LYS A 1 75  ? 13.363  -1.529  18.555  1.00 44.00 ? 127 LYS A NZ  1 
ATOM   568  N N   . VAL A 1 76  ? 14.932  -0.559  12.755  1.00 32.84 ? 128 VAL A N   1 
ATOM   569  C CA  . VAL A 1 76  ? 16.279  -0.158  12.350  1.00 34.79 ? 128 VAL A CA  1 
ATOM   570  C C   . VAL A 1 76  ? 17.312  -0.878  13.206  1.00 36.57 ? 128 VAL A C   1 
ATOM   571  O O   . VAL A 1 76  ? 17.230  -0.879  14.440  1.00 39.01 ? 128 VAL A O   1 
ATOM   572  C CB  . VAL A 1 76  ? 16.453  1.365   12.446  1.00 34.57 ? 128 VAL A CB  1 
ATOM   573  C CG1 . VAL A 1 76  ? 17.896  1.737   12.194  1.00 38.13 ? 128 VAL A CG1 1 
ATOM   574  C CG2 . VAL A 1 76  ? 15.577  2.070   11.435  1.00 36.18 ? 128 VAL A CG2 1 
ATOM   575  N N   . GLY A 1 77  ? 18.272  -1.520  12.552  1.00 39.97 ? 129 GLY A N   1 
ATOM   576  C CA  . GLY A 1 77  ? 19.288  -2.274  13.253  1.00 43.91 ? 129 GLY A CA  1 
ATOM   577  C C   . GLY A 1 77  ? 18.921  -3.705  13.570  1.00 43.85 ? 129 GLY A C   1 
ATOM   578  O O   . GLY A 1 77  ? 19.748  -4.428  14.145  1.00 47.95 ? 129 GLY A O   1 
ATOM   579  N N   . SER A 1 78  ? 17.714  -4.142  13.224  1.00 38.54 ? 130 SER A N   1 
ATOM   580  C CA  . SER A 1 78  ? 17.306  -5.518  13.439  1.00 36.77 ? 130 SER A CA  1 
ATOM   581  C C   . SER A 1 78  ? 17.655  -6.383  12.236  1.00 35.92 ? 130 SER A C   1 
ATOM   582  O O   . SER A 1 78  ? 17.684  -5.918  11.095  1.00 34.57 ? 130 SER A O   1 
ATOM   583  C CB  . SER A 1 78  ? 15.799  -5.611  13.685  1.00 33.76 ? 130 SER A CB  1 
ATOM   584  O OG  . SER A 1 78  ? 15.416  -6.947  13.959  1.00 35.94 ? 130 SER A OG  1 
ATOM   585  N N   . SER A 1 79  ? 17.871  -7.664  12.503  1.00 37.73 ? 131 SER A N   1 
ATOM   586  C CA  . SER A 1 79  ? 18.027  -8.659  11.451  1.00 36.99 ? 131 SER A CA  1 
ATOM   587  C C   . SER A 1 79  ? 16.705  -9.330  11.078  1.00 35.50 ? 131 SER A C   1 
ATOM   588  O O   . SER A 1 79  ? 16.696  -10.205 10.207  1.00 36.68 ? 131 SER A O   1 
ATOM   589  C CB  . SER A 1 79  ? 19.060  -9.714  11.881  1.00 38.23 ? 131 SER A CB  1 
ATOM   590  O OG  . SER A 1 79  ? 18.570  -10.493 12.971  1.00 44.62 ? 131 SER A OG  1 
ATOM   591  N N   . LYS A 1 80  ? 15.589  -8.945  11.702  1.00 31.86 ? 132 LYS A N   1 
ATOM   592  C CA  . LYS A 1 80  ? 14.277  -9.470  11.349  1.00 32.82 ? 132 LYS A CA  1 
ATOM   593  C C   . LYS A 1 80  ? 13.501  -8.444  10.535  1.00 34.27 ? 132 LYS A C   1 
ATOM   594  O O   . LYS A 1 80  ? 13.575  -7.243  10.802  1.00 30.33 ? 132 LYS A O   1 
ATOM   595  C CB  . LYS A 1 80  ? 13.479  -9.844  12.610  1.00 34.45 ? 132 LYS A CB  1 
ATOM   596  C CG  . LYS A 1 80  ? 12.109  -10.467 12.308  1.00 38.67 ? 132 LYS A CG  1 
ATOM   597  C CD  . LYS A 1 80  ? 11.377  -10.965 13.557  1.00 39.87 ? 132 LYS A CD  1 
ATOM   598  C CE  . LYS A 1 80  ? 10.844  -9.804  14.396  1.00 43.75 ? 132 LYS A CE  1 
ATOM   599  N NZ  . LYS A 1 80  ? 9.381   -9.638  14.184  1.00 47.82 ? 132 LYS A NZ  1 
ATOM   600  N N   . VAL A 1 81  ? 12.734  -8.931  9.552   1.00 29.96 ? 133 VAL A N   1 
ATOM   601  C CA  . VAL A 1 81  ? 11.818  -8.106  8.770   1.00 30.44 ? 133 VAL A CA  1 
ATOM   602  C C   . VAL A 1 81  ? 10.436  -8.750  8.800   1.00 31.13 ? 133 VAL A C   1 
ATOM   603  O O   . VAL A 1 81  ? 10.303  -9.957  8.569   1.00 31.54 ? 133 VAL A O   1 
ATOM   604  C CB  . VAL A 1 81  ? 12.285  -7.955  7.309   1.00 30.34 ? 133 VAL A CB  1 
ATOM   605  C CG1 . VAL A 1 81  ? 11.266  -7.155  6.521   1.00 31.91 ? 133 VAL A CG1 1 
ATOM   606  C CG2 . VAL A 1 81  ? 13.681  -7.316  7.226   1.00 31.74 ? 133 VAL A CG2 1 
ATOM   607  N N   . GLN A 1 82  ? 9.409   -7.947  9.074   1.00 29.95 ? 134 GLN A N   1 
ATOM   608  C CA  . GLN A 1 82  ? 8.027   -8.390  8.950   1.00 29.79 ? 134 GLN A CA  1 
ATOM   609  C C   . GLN A 1 82  ? 7.581   -8.119  7.531   1.00 29.31 ? 134 GLN A C   1 
ATOM   610  O O   . GLN A 1 82  ? 7.698   -6.988  7.060   1.00 28.73 ? 134 GLN A O   1 
ATOM   611  C CB  . GLN A 1 82  ? 7.109   -7.612  9.886   1.00 29.46 ? 134 GLN A CB  1 
ATOM   612  C CG  . GLN A 1 82  ? 7.527   -7.609  11.330  1.00 34.00 ? 134 GLN A CG  1 
ATOM   613  C CD  . GLN A 1 82  ? 6.569   -6.811  12.191  1.00 37.75 ? 134 GLN A CD  1 
ATOM   614  O OE1 . GLN A 1 82  ? 5.362   -6.771  11.919  1.00 36.17 ? 134 GLN A OE1 1 
ATOM   615  N NE2 . GLN A 1 82  ? 7.115   -6.115  13.208  1.00 35.68 ? 134 GLN A NE2 1 
ATOM   616  N N   . GLU A 1 83  ? 6.987   -9.137  6.909   1.00 27.65 ? 135 GLU A N   1 
ATOM   617  C CA  . GLU A 1 83  ? 6.402   -9.022  5.546   1.00 29.69 ? 135 GLU A CA  1 
ATOM   618  C C   . GLU A 1 83  ? 4.891   -9.271  5.694   1.00 31.49 ? 135 GLU A C   1 
ATOM   619  O O   . GLU A 1 83  ? 4.531   -10.352 6.145   1.00 34.84 ? 135 GLU A O   1 
ATOM   620  C CB  . GLU A 1 83  ? 7.212   -9.940  4.620   1.00 35.76 ? 135 GLU A CB  1 
ATOM   621  C CG  . GLU A 1 83  ? 6.455   -10.685 3.553   1.00 41.15 ? 135 GLU A CG  1 
ATOM   622  C CD  . GLU A 1 83  ? 7.400   -11.482 2.667   1.00 45.10 ? 135 GLU A CD  1 
ATOM   623  O OE1 . GLU A 1 83  ? 8.628   -11.393 2.884   1.00 48.43 ? 135 GLU A OE1 1 
ATOM   624  O OE2 . GLU A 1 83  ? 6.910   -12.201 1.778   1.00 48.90 ? 135 GLU A OE2 1 
ATOM   625  N N   . VAL A 1 84  ? 4.046   -8.310  5.321   1.00 29.96 ? 136 VAL A N   1 
ATOM   626  C CA  . VAL A 1 84  ? 2.607   -8.343  5.525   1.00 28.07 ? 136 VAL A CA  1 
ATOM   627  C C   . VAL A 1 84  ? 1.984   -8.082  4.164   1.00 29.93 ? 136 VAL A C   1 
ATOM   628  O O   . VAL A 1 84  ? 2.207   -7.018  3.567   1.00 28.35 ? 136 VAL A O   1 
ATOM   629  C CB  . VAL A 1 84  ? 2.157   -7.289  6.558   1.00 29.44 ? 136 VAL A CB  1 
ATOM   630  C CG1 . VAL A 1 84  ? 0.630   -7.321  6.795   1.00 31.20 ? 136 VAL A CG1 1 
ATOM   631  C CG2 . VAL A 1 84  ? 2.892   -7.482  7.876   1.00 32.30 ? 136 VAL A CG2 1 
ATOM   632  N N   . ALA A 1 85  ? 1.264   -9.070  3.646   1.00 30.06 ? 137 ALA A N   1 
ATOM   633  C CA  . ALA A 1 85  ? 0.502   -8.862  2.424   1.00 31.26 ? 137 ALA A CA  1 
ATOM   634  C C   . ALA A 1 85  ? -0.661  -7.926  2.722   1.00 30.32 ? 137 ALA A C   1 
ATOM   635  O O   . ALA A 1 85  ? -1.389  -8.121  3.702   1.00 29.98 ? 137 ALA A O   1 
ATOM   636  C CB  . ALA A 1 85  ? 0.000   -10.195 1.872   1.00 31.72 ? 137 ALA A CB  1 
ATOM   637  N N   . PHE A 1 86  ? -0.794  -6.869  1.923   1.00 28.65 ? 138 PHE A N   1 
ATOM   638  C CA  . PHE A 1 86  ? -1.939  -5.975  2.039   1.00 27.60 ? 138 PHE A CA  1 
ATOM   639  C C   . PHE A 1 86  ? -3.076  -6.515  1.186   1.00 28.24 ? 138 PHE A C   1 
ATOM   640  O O   . PHE A 1 86  ? -2.849  -7.206  0.187   1.00 29.37 ? 138 PHE A O   1 
ATOM   641  C CB  . PHE A 1 86  ? -1.589  -4.548  1.595   1.00 27.61 ? 138 PHE A CB  1 
ATOM   642  C CG  . PHE A 1 86  ? -0.865  -3.731  2.642   1.00 29.20 ? 138 PHE A CG  1 
ATOM   643  C CD1 . PHE A 1 86  ? -0.391  -4.320  3.805   1.00 27.92 ? 138 PHE A CD1 1 
ATOM   644  C CD2 . PHE A 1 86  ? -0.637  -2.372  2.447   1.00 29.03 ? 138 PHE A CD2 1 
ATOM   645  C CE1 . PHE A 1 86  ? 0.296   -3.569  4.776   1.00 30.03 ? 138 PHE A CE1 1 
ATOM   646  C CE2 . PHE A 1 86  ? 0.030   -1.610  3.407   1.00 29.90 ? 138 PHE A CE2 1 
ATOM   647  C CZ  . PHE A 1 86  ? 0.504   -2.203  4.581   1.00 26.27 ? 138 PHE A CZ  1 
ATOM   648  N N   . MET A 1 87  ? -4.302  -6.212  1.602   1.00 26.84 ? 139 MET A N   1 
ATOM   649  C CA  . MET A 1 87  ? -5.469  -6.620  0.837   1.00 27.83 ? 139 MET A CA  1 
ATOM   650  C C   . MET A 1 87  ? -6.200  -5.386  0.328   1.00 26.84 ? 139 MET A C   1 
ATOM   651  O O   . MET A 1 87  ? -6.240  -4.360  1.013   1.00 26.28 ? 139 MET A O   1 
ATOM   652  C CB  . MET A 1 87  ? -6.454  -7.443  1.682   1.00 29.80 ? 139 MET A CB  1 
ATOM   653  C CG  . MET A 1 87  ? -6.084  -8.896  1.826   1.00 32.92 ? 139 MET A CG  1 
ATOM   654  S SD  . MET A 1 87  ? -6.474  -9.810  0.332   1.00 36.98 ? 139 MET A SD  1 
ATOM   655  C CE  . MET A 1 87  ? -8.248  -9.510  0.114   1.00 30.79 ? 139 MET A CE  1 
ATOM   656  N N   . PRO A 1 88  ? -6.808  -5.461  -0.858  1.00 24.67 ? 140 PRO A N   1 
ATOM   657  C CA  . PRO A 1 88  ? -7.650  -4.352  -1.320  1.00 23.89 ? 140 PRO A CA  1 
ATOM   658  C C   . PRO A 1 88  ? -8.941  -4.330  -0.510  1.00 27.40 ? 140 PRO A C   1 
ATOM   659  O O   . PRO A 1 88  ? -9.488  -5.376  -0.162  1.00 27.21 ? 140 PRO A O   1 
ATOM   660  C CB  . PRO A 1 88  ? -7.906  -4.694  -2.798  1.00 25.56 ? 140 PRO A CB  1 
ATOM   661  C CG  . PRO A 1 88  ? -7.833  -6.198  -2.823  1.00 26.80 ? 140 PRO A CG  1 
ATOM   662  C CD  . PRO A 1 88  ? -6.726  -6.547  -1.844  1.00 26.08 ? 140 PRO A CD  1 
ATOM   663  N N   . MET A 1 89  ? -9.414  -3.129  -0.184  1.00 25.79 ? 141 MET A N   1 
ATOM   664  C CA  . MET A 1 89  ? -10.595 -3.023  0.662   1.00 27.30 ? 141 MET A CA  1 
ATOM   665  C C   . MET A 1 89  ? -11.148 -1.613  0.548   1.00 26.66 ? 141 MET A C   1 
ATOM   666  O O   . MET A 1 89  ? -10.444 -0.686  0.145   1.00 29.71 ? 141 MET A O   1 
ATOM   667  C CB  . MET A 1 89  ? -10.268 -3.328  2.132   1.00 27.40 ? 141 MET A CB  1 
ATOM   668  C CG  . MET A 1 89  ? -9.283  -2.340  2.709   1.00 31.17 ? 141 MET A CG  1 
ATOM   669  S SD  . MET A 1 89  ? -8.617  -2.852  4.306   1.00 33.51 ? 141 MET A SD  1 
ATOM   670  C CE  . MET A 1 89  ? -7.909  -4.464  3.969   1.00 31.60 ? 141 MET A CE  1 
ATOM   671  N N   . ASN A 1 90  ? -12.411 -1.456  0.947   1.00 26.69 ? 142 ASN A N   1 
ATOM   672  C CA  . ASN A 1 90  ? -13.032 -0.147  1.080   1.00 28.50 ? 142 ASN A CA  1 
ATOM   673  C C   . ASN A 1 90  ? -13.170 0.225   2.550   1.00 30.96 ? 142 ASN A C   1 
ATOM   674  O O   . ASN A 1 90  ? -13.530 -0.613  3.379   1.00 30.07 ? 142 ASN A O   1 
ATOM   675  C CB  . ASN A 1 90  ? -14.423 -0.110  0.457   1.00 31.91 ? 142 ASN A CB  1 
ATOM   676  C CG  . ASN A 1 90  ? -14.396 0.291   -0.981  1.00 31.81 ? 142 ASN A CG  1 
ATOM   677  O OD1 . ASN A 1 90  ? -13.326 0.532   -1.564  1.00 28.39 ? 142 ASN A OD1 1 
ATOM   678  N ND2 . ASN A 1 90  ? -15.575 0.412   -1.567  1.00 30.43 ? 142 ASN A ND2 1 
ATOM   679  N N   . ALA A 1 91  ? -12.866 1.476   2.864   1.00 31.82 ? 143 ALA A N   1 
ATOM   680  C CA  . ALA A 1 91  ? -13.342 2.114   4.080   1.00 32.67 ? 143 ALA A CA  1 
ATOM   681  C C   . ALA A 1 91  ? -14.369 3.169   3.688   1.00 35.42 ? 143 ALA A C   1 
ATOM   682  O O   . ALA A 1 91  ? -14.718 3.319   2.516   1.00 34.62 ? 143 ALA A O   1 
ATOM   683  C CB  . ALA A 1 91  ? -12.186 2.714   4.883   1.00 33.65 ? 143 ALA A CB  1 
ATOM   684  N N   . SER A 1 92  ? -14.876 3.903   4.683   1.00 38.82 ? 144 SER A N   1 
ATOM   685  C CA  . SER A 1 92  ? -15.860 4.934   4.380   1.00 36.88 ? 144 SER A CA  1 
ATOM   686  C C   . SER A 1 92  ? -15.302 6.011   3.455   1.00 37.99 ? 144 SER A C   1 
ATOM   687  O O   . SER A 1 92  ? -16.084 6.724   2.818   1.00 40.56 ? 144 SER A O   1 
ATOM   688  C CB  . SER A 1 92  ? -16.389 5.552   5.679   1.00 38.27 ? 144 SER A CB  1 
ATOM   689  O OG  . SER A 1 92  ? -15.375 6.267   6.353   1.00 36.74 ? 144 SER A OG  1 
ATOM   690  N N   . ASP A 1 93  ? -13.976 6.128   3.341   1.00 37.25 ? 145 ASP A N   1 
ATOM   691  C CA  . ASP A 1 93  ? -13.353 7.105   2.455   1.00 37.70 ? 145 ASP A CA  1 
ATOM   692  C C   . ASP A 1 93  ? -12.840 6.488   1.152   1.00 37.91 ? 145 ASP A C   1 
ATOM   693  O O   . ASP A 1 93  ? -11.955 7.070   0.508   1.00 41.58 ? 145 ASP A O   1 
ATOM   694  C CB  . ASP A 1 93  ? -12.197 7.826   3.164   1.00 39.10 ? 145 ASP A CB  1 
ATOM   695  C CG  . ASP A 1 93  ? -11.068 6.882   3.578   1.00 42.85 ? 145 ASP A CG  1 
ATOM   696  O OD1 . ASP A 1 93  ? -11.277 5.650   3.565   1.00 42.12 ? 145 ASP A OD1 1 
ATOM   697  O OD2 . ASP A 1 93  ? -9.962  7.376   3.903   1.00 45.32 ? 145 ASP A OD2 1 
ATOM   698  N N   . GLY A 1 94  ? -13.335 5.308   0.775   1.00 35.57 ? 146 GLY A N   1 
ATOM   699  C CA  . GLY A 1 94  ? -13.001 4.709   -0.500  1.00 34.34 ? 146 GLY A CA  1 
ATOM   700  C C   . GLY A 1 94  ? -11.936 3.625   -0.429  1.00 36.02 ? 146 GLY A C   1 
ATOM   701  O O   . GLY A 1 94  ? -11.588 3.128   0.648   1.00 34.63 ? 146 GLY A O   1 
ATOM   702  N N   . PRO A 1 95  ? -11.375 3.267   -1.586  1.00 32.75 ? 147 PRO A N   1 
ATOM   703  C CA  . PRO A 1 95  ? -10.493 2.092   -1.677  1.00 31.99 ? 147 PRO A CA  1 
ATOM   704  C C   . PRO A 1 95  ? -9.069  2.351   -1.214  1.00 31.84 ? 147 PRO A C   1 
ATOM   705  O O   . PRO A 1 95  ? -8.536  3.457   -1.338  1.00 33.15 ? 147 PRO A O   1 
ATOM   706  C CB  . PRO A 1 95  ? -10.489 1.776   -3.180  1.00 31.12 ? 147 PRO A CB  1 
ATOM   707  C CG  . PRO A 1 95  ? -10.646 3.130   -3.817  1.00 32.73 ? 147 PRO A CG  1 
ATOM   708  C CD  . PRO A 1 95  ? -11.626 3.870   -2.905  1.00 34.84 ? 147 PRO A CD  1 
ATOM   709  N N   . HIS A 1 96  ? -8.459  1.287   -0.683  1.00 29.57 ? 148 HIS A N   1 
ATOM   710  C CA  . HIS A 1 96  ? -7.051  1.271   -0.289  1.00 31.20 ? 148 HIS A CA  1 
ATOM   711  C C   . HIS A 1 96  ? -6.547  -0.164  -0.382  1.00 28.20 ? 148 HIS A C   1 
ATOM   712  O O   . HIS A 1 96  ? -7.323  -1.103  -0.571  1.00 27.63 ? 148 HIS A O   1 
ATOM   713  C CB  . HIS A 1 96  ? -6.797  1.765   1.151   1.00 35.67 ? 148 HIS A CB  1 
ATOM   714  C CG  . HIS A 1 96  ? -7.737  2.827   1.629   1.00 37.31 ? 148 HIS A CG  1 
ATOM   715  N ND1 . HIS A 1 96  ? -7.385  4.160   1.684   1.00 42.44 ? 148 HIS A ND1 1 
ATOM   716  C CD2 . HIS A 1 96  ? -8.979  2.747   2.162   1.00 38.98 ? 148 HIS A CD2 1 
ATOM   717  C CE1 . HIS A 1 96  ? -8.394  4.862   2.170   1.00 41.81 ? 148 HIS A CE1 1 
ATOM   718  N NE2 . HIS A 1 96  ? -9.371  4.028   2.472   1.00 40.51 ? 148 HIS A NE2 1 
ATOM   719  N N   . TYR A 1 97  ? -5.234  -0.331  -0.236  1.00 27.63 ? 149 TYR A N   1 
ATOM   720  C CA  . TYR A 1 97  ? -4.649  -1.619  0.117   1.00 24.64 ? 149 TYR A CA  1 
ATOM   721  C C   . TYR A 1 97  ? -4.216  -1.517  1.569   1.00 25.18 ? 149 TYR A C   1 
ATOM   722  O O   . TYR A 1 97  ? -3.577  -0.532  1.931   1.00 28.20 ? 149 TYR A O   1 
ATOM   723  C CB  . TYR A 1 97  ? -3.432  -1.947  -0.747  1.00 25.55 ? 149 TYR A CB  1 
ATOM   724  C CG  . TYR A 1 97  ? -3.737  -2.139  -2.219  1.00 23.28 ? 149 TYR A CG  1 
ATOM   725  C CD1 . TYR A 1 97  ? -3.740  -1.052  -3.091  1.00 24.71 ? 149 TYR A CD1 1 
ATOM   726  C CD2 . TYR A 1 97  ? -4.031  -3.396  -2.728  1.00 24.64 ? 149 TYR A CD2 1 
ATOM   727  C CE1 . TYR A 1 97  ? -4.017  -1.231  -4.474  1.00 26.91 ? 149 TYR A CE1 1 
ATOM   728  C CE2 . TYR A 1 97  ? -4.314  -3.581  -4.080  1.00 24.54 ? 149 TYR A CE2 1 
ATOM   729  C CZ  . TYR A 1 97  ? -4.298  -2.495  -4.942  1.00 24.53 ? 149 TYR A CZ  1 
ATOM   730  O OH  . TYR A 1 97  ? -4.555  -2.672  -6.289  1.00 24.04 ? 149 TYR A OH  1 
ATOM   731  N N   . GLY A 1 98  ? -4.546  -2.514  2.394   1.00 26.42 ? 150 GLY A N   1 
ATOM   732  C CA  . GLY A 1 98  ? -4.147  -2.382  3.789   1.00 28.37 ? 150 GLY A CA  1 
ATOM   733  C C   . GLY A 1 98  ? -4.187  -3.671  4.588   1.00 28.05 ? 150 GLY A C   1 
ATOM   734  O O   . GLY A 1 98  ? -4.538  -4.741  4.085   1.00 28.15 ? 150 GLY A O   1 
ATOM   735  N N   . ALA A 1 99  ? -3.841  -3.541  5.872   1.00 26.25 ? 151 ALA A N   1 
ATOM   736  C CA  . ALA A 1 99  ? -3.834  -4.653  6.819   1.00 27.09 ? 151 ALA A CA  1 
ATOM   737  C C   . ALA A 1 99  ? -3.722  -4.106  8.234   1.00 26.56 ? 151 ALA A C   1 
ATOM   738  O O   . ALA A 1 99  ? -3.147  -3.032  8.448   1.00 26.15 ? 151 ALA A O   1 
ATOM   739  C CB  . ALA A 1 99  ? -2.663  -5.614  6.562   1.00 28.62 ? 151 ALA A CB  1 
ATOM   740  N N   . ASN A 1 100 ? -4.261  -4.856  9.198   1.00 25.05 ? 152 ASN A N   1 
ATOM   741  C CA  . ASN A 1 100 ? -3.934  -4.588  10.596  1.00 27.37 ? 152 ASN A CA  1 
ATOM   742  C C   . ASN A 1 100 ? -2.510  -5.080  10.880  1.00 27.90 ? 152 ASN A C   1 
ATOM   743  O O   . ASN A 1 100 ? -2.118  -6.164  10.434  1.00 29.68 ? 152 ASN A O   1 
ATOM   744  C CB  . ASN A 1 100 ? -4.930  -5.304  11.503  1.00 29.38 ? 152 ASN A CB  1 
ATOM   745  C CG  . ASN A 1 100 ? -6.232  -4.531  11.680  1.00 30.39 ? 152 ASN A CG  1 
ATOM   746  O OD1 . ASN A 1 100 ? -6.339  -3.365  11.318  1.00 28.41 ? 152 ASN A OD1 1 
ATOM   747  N ND2 . ASN A 1 100 ? -7.228  -5.189  12.245  1.00 30.70 ? 152 ASN A ND2 1 
ATOM   748  N N   . VAL A 1 101 ? -1.721  -4.287  11.620  1.00 27.26 ? 153 VAL A N   1 
ATOM   749  C CA  . VAL A 1 101 ? -0.286  -4.536  11.758  1.00 27.77 ? 153 VAL A CA  1 
ATOM   750  C C   . VAL A 1 101 ? 0.122   -4.369  13.214  1.00 29.51 ? 153 VAL A C   1 
ATOM   751  O O   . VAL A 1 101 ? -0.344  -3.447  13.893  1.00 29.16 ? 153 VAL A O   1 
ATOM   752  C CB  . VAL A 1 101 ? 0.534   -3.579  10.863  1.00 25.04 ? 153 VAL A CB  1 
ATOM   753  C CG1 . VAL A 1 101 ? 1.984   -3.472  11.306  1.00 33.58 ? 153 VAL A CG1 1 
ATOM   754  C CG2 . VAL A 1 101 ? 0.419   -4.017  9.391   1.00 28.76 ? 153 VAL A CG2 1 
ATOM   755  N N   . LYS A 1 102 ? 1.022   -5.235  13.679  1.00 26.73 ? 154 LYS A N   1 
ATOM   756  C CA  . LYS A 1 102 ? 1.673   -5.095  14.983  1.00 31.13 ? 154 LYS A CA  1 
ATOM   757  C C   . LYS A 1 102 ? 3.164   -4.848  14.777  1.00 32.40 ? 154 LYS A C   1 
ATOM   758  O O   . LYS A 1 102 ? 3.805   -5.544  13.985  1.00 29.39 ? 154 LYS A O   1 
ATOM   759  C CB  . LYS A 1 102 ? 1.456   -6.361  15.815  1.00 34.16 ? 154 LYS A CB  1 
ATOM   760  C CG  . LYS A 1 102 ? 2.151   -6.396  17.165  1.00 37.74 ? 154 LYS A CG  1 
ATOM   761  C CD  . LYS A 1 102 ? 1.450   -7.405  18.055  1.00 43.14 ? 154 LYS A CD  1 
ATOM   762  C CE  . LYS A 1 102 ? 2.437   -8.115  18.964  1.00 51.22 ? 154 LYS A CE  1 
ATOM   763  N NZ  . LYS A 1 102 ? 1.899   -9.431  19.412  1.00 51.24 ? 154 LYS A NZ  1 
ATOM   764  N N   . PHE A 1 103 ? 3.716   -3.856  15.478  1.00 28.67 ? 155 PHE A N   1 
ATOM   765  C CA  . PHE A 1 103 ? 5.157   -3.606  15.438  1.00 31.10 ? 155 PHE A CA  1 
ATOM   766  C C   . PHE A 1 103 ? 5.796   -4.574  16.423  1.00 32.54 ? 155 PHE A C   1 
ATOM   767  O O   . PHE A 1 103 ? 5.725   -4.380  17.640  1.00 31.82 ? 155 PHE A O   1 
ATOM   768  C CB  . PHE A 1 103 ? 5.446   -2.149  15.771  1.00 29.80 ? 155 PHE A CB  1 
ATOM   769  C CG  . PHE A 1 103 ? 4.974   -1.186  14.713  1.00 30.45 ? 155 PHE A CG  1 
ATOM   770  C CD1 . PHE A 1 103 ? 5.707   -0.983  13.557  1.00 30.83 ? 155 PHE A CD1 1 
ATOM   771  C CD2 . PHE A 1 103 ? 3.745   -0.552  14.842  1.00 31.00 ? 155 PHE A CD2 1 
ATOM   772  C CE1 . PHE A 1 103 ? 5.264   -0.098  12.589  1.00 30.35 ? 155 PHE A CE1 1 
ATOM   773  C CE2 . PHE A 1 103 ? 3.278   0.314   13.873  1.00 28.49 ? 155 PHE A CE2 1 
ATOM   774  C CZ  . PHE A 1 103 ? 4.031   0.541   12.747  1.00 27.54 ? 155 PHE A CZ  1 
ATOM   775  N N   . GLU A 1 104 ? 6.401   -5.637  15.889  1.00 31.43 ? 156 GLU A N   1 
ATOM   776  C CA  . GLU A 1 104 ? 6.777   -6.775  16.720  1.00 33.88 ? 156 GLU A CA  1 
ATOM   777  C C   . GLU A 1 104 ? 7.865   -6.423  17.718  1.00 34.77 ? 156 GLU A C   1 
ATOM   778  O O   . GLU A 1 104 ? 7.933   -7.031  18.792  1.00 36.80 ? 156 GLU A O   1 
ATOM   779  C CB  . GLU A 1 104 ? 7.220   -7.951  15.847  1.00 35.88 ? 156 GLU A CB  1 
ATOM   780  C CG  . GLU A 1 104 ? 6.101   -8.611  15.002  1.00 36.91 ? 156 GLU A CG  1 
ATOM   781  C CD  . GLU A 1 104 ? 4.926   -9.177  15.808  1.00 43.52 ? 156 GLU A CD  1 
ATOM   782  O OE1 . GLU A 1 104 ? 4.063   -9.845  15.193  1.00 45.01 ? 156 GLU A OE1 1 
ATOM   783  O OE2 . GLU A 1 104 ? 4.871   -9.008  17.046  1.00 48.29 ? 156 GLU A OE2 1 
ATOM   784  N N   . GLU A 1 105 ? 8.700   -5.445  17.401  1.00 33.05 ? 157 GLU A N   1 
ATOM   785  C CA  . GLU A 1 105 ? 9.798   -5.092  18.279  1.00 34.37 ? 157 GLU A CA  1 
ATOM   786  C C   . GLU A 1 105 ? 9.500   -3.844  19.103  1.00 38.59 ? 157 GLU A C   1 
ATOM   787  O O   . GLU A 1 105 ? 10.418  -3.254  19.684  1.00 39.37 ? 157 GLU A O   1 
ATOM   788  C CB  . GLU A 1 105 ? 11.088  -4.935  17.475  1.00 36.79 ? 157 GLU A CB  1 
ATOM   789  C CG  . GLU A 1 105 ? 11.721  -6.288  17.147  1.00 37.69 ? 157 GLU A CG  1 
ATOM   790  C CD  . GLU A 1 105 ? 13.002  -6.179  16.335  1.00 39.63 ? 157 GLU A CD  1 
ATOM   791  O OE1 . GLU A 1 105 ? 12.966  -6.210  15.093  1.00 41.64 ? 157 GLU A OE1 1 
ATOM   792  O OE2 . GLU A 1 105 ? 14.070  -6.041  16.971  1.00 43.30 ? 157 GLU A OE2 1 
ATOM   793  N N   . GLY A 1 106 ? 8.231   -3.445  19.179  1.00 34.08 ? 158 GLY A N   1 
ATOM   794  C CA  . GLY A 1 106 ? 7.821   -2.414  20.109  1.00 36.44 ? 158 GLY A CA  1 
ATOM   795  C C   . GLY A 1 106 ? 8.052   -1.010  19.581  1.00 34.64 ? 158 GLY A C   1 
ATOM   796  O O   . GLY A 1 106 ? 8.375   -0.782  18.413  1.00 30.94 ? 158 GLY A O   1 
ATOM   797  N N   . LEU A 1 107 ? 7.833   -0.047  20.476  1.00 34.58 ? 159 LEU A N   1 
ATOM   798  C CA  . LEU A 1 107 ? 7.993   1.358   20.128  1.00 33.16 ? 159 LEU A CA  1 
ATOM   799  C C   . LEU A 1 107 ? 9.440   1.637   19.746  1.00 34.02 ? 159 LEU A C   1 
ATOM   800  O O   . LEU A 1 107 ? 10.365  1.201   20.440  1.00 38.38 ? 159 LEU A O   1 
ATOM   801  C CB  . LEU A 1 107 ? 7.569   2.227   21.319  1.00 34.34 ? 159 LEU A CB  1 
ATOM   802  C CG  . LEU A 1 107 ? 6.103   2.654   21.391  1.00 33.01 ? 159 LEU A CG  1 
ATOM   803  C CD1 . LEU A 1 107 ? 5.205   1.484   21.766  1.00 34.36 ? 159 LEU A CD1 1 
ATOM   804  C CD2 . LEU A 1 107 ? 5.937   3.789   22.386  1.00 33.58 ? 159 LEU A CD2 1 
ATOM   805  N N   . GLY A 1 108 ? 9.644   2.350   18.645  1.00 30.39 ? 160 GLY A N   1 
ATOM   806  C CA  . GLY A 1 108 ? 10.991  2.614   18.173  1.00 31.72 ? 160 GLY A CA  1 
ATOM   807  C C   . GLY A 1 108 ? 11.022  3.048   16.719  1.00 32.97 ? 160 GLY A C   1 
ATOM   808  O O   . GLY A 1 108 ? 9.987   3.303   16.097  1.00 32.53 ? 160 GLY A O   1 
ATOM   809  N N   . LYS A 1 109 ? 12.249  3.099   16.185  1.00 29.52 ? 161 LYS A N   1 
ATOM   810  C CA  . LYS A 1 109 ? 12.515  3.592   14.835  1.00 30.83 ? 161 LYS A CA  1 
ATOM   811  C C   . LYS A 1 109 ? 12.452  2.445   13.826  1.00 32.83 ? 161 LYS A C   1 
ATOM   812  O O   . LYS A 1 109 ? 13.157  1.442   13.982  1.00 32.20 ? 161 LYS A O   1 
ATOM   813  C CB  . LYS A 1 109 ? 13.899  4.257   14.807  1.00 34.19 ? 161 LYS A CB  1 
ATOM   814  C CG  . LYS A 1 109 ? 14.170  5.166   13.634  1.00 38.40 ? 161 LYS A CG  1 
ATOM   815  C CD  . LYS A 1 109 ? 15.491  5.938   13.815  1.00 37.86 ? 161 LYS A CD  1 
ATOM   816  C CE  . LYS A 1 109 ? 16.659  4.984   13.991  1.00 39.97 ? 161 LYS A CE  1 
ATOM   817  N NZ  . LYS A 1 109 ? 17.999  5.681   14.190  1.00 37.07 ? 161 LYS A NZ  1 
ATOM   818  N N   . TYR A 1 110 ? 11.613  2.594   12.791  1.00 29.86 ? 162 TYR A N   1 
ATOM   819  C CA  . TYR A 1 110 ? 11.383  1.548   11.799  1.00 31.61 ? 162 TYR A CA  1 
ATOM   820  C C   . TYR A 1 110 ? 11.595  2.075   10.381  1.00 32.74 ? 162 TYR A C   1 
ATOM   821  O O   . TYR A 1 110 ? 11.364  3.255   10.101  1.00 35.28 ? 162 TYR A O   1 
ATOM   822  C CB  . TYR A 1 110 ? 9.934   0.990   11.889  1.00 29.45 ? 162 TYR A CB  1 
ATOM   823  C CG  . TYR A 1 110 ? 9.662   0.107   13.088  1.00 30.62 ? 162 TYR A CG  1 
ATOM   824  C CD1 . TYR A 1 110 ? 9.367   0.659   14.326  1.00 28.83 ? 162 TYR A CD1 1 
ATOM   825  C CD2 . TYR A 1 110 ? 9.703   -1.277  12.978  1.00 28.74 ? 162 TYR A CD2 1 
ATOM   826  C CE1 . TYR A 1 110 ? 9.110   -0.144  15.425  1.00 28.91 ? 162 TYR A CE1 1 
ATOM   827  C CE2 . TYR A 1 110 ? 9.469   -2.089  14.063  1.00 29.63 ? 162 TYR A CE2 1 
ATOM   828  C CZ  . TYR A 1 110 ? 9.168   -1.516  15.287  1.00 30.76 ? 162 TYR A CZ  1 
ATOM   829  O OH  . TYR A 1 110 ? 8.921   -2.320  16.360  1.00 29.85 ? 162 TYR A OH  1 
ATOM   830  N N   . ASN A 1 111 ? 12.015  1.186   9.476   1.00 29.49 ? 163 ASN A N   1 
ATOM   831  C CA  . ASN A 1 111 ? 11.932  1.429   8.041   1.00 31.43 ? 163 ASN A CA  1 
ATOM   832  C C   . ASN A 1 111 ? 10.721  0.689   7.503   1.00 27.55 ? 163 ASN A C   1 
ATOM   833  O O   . ASN A 1 111 ? 10.483  -0.460  7.889   1.00 26.84 ? 163 ASN A O   1 
ATOM   834  C CB  . ASN A 1 111 ? 13.179  0.962   7.287   1.00 30.71 ? 163 ASN A CB  1 
ATOM   835  C CG  . ASN A 1 111 ? 14.432  1.694   7.715   1.00 38.78 ? 163 ASN A CG  1 
ATOM   836  O OD1 . ASN A 1 111 ? 14.399  2.898   8.002   1.00 36.49 ? 163 ASN A OD1 1 
ATOM   837  N ND2 . ASN A 1 111 ? 15.561  0.985   7.707   1.00 40.85 ? 163 ASN A ND2 1 
ATOM   838  N N   . ILE A 1 112 ? 9.958   1.353   6.637   1.00 26.81 ? 164 ILE A N   1 
ATOM   839  C CA  . ILE A 1 112 ? 8.720   0.815   6.065   1.00 26.77 ? 164 ILE A CA  1 
ATOM   840  C C   . ILE A 1 112 ? 8.832   0.911   4.549   1.00 31.44 ? 164 ILE A C   1 
ATOM   841  O O   . ILE A 1 112 ? 9.097   1.992   4.009   1.00 30.03 ? 164 ILE A O   1 
ATOM   842  C CB  . ILE A 1 112 ? 7.471   1.569   6.562   1.00 28.28 ? 164 ILE A CB  1 
ATOM   843  C CG1 . ILE A 1 112 ? 7.340   1.496   8.099   1.00 26.31 ? 164 ILE A CG1 1 
ATOM   844  C CG2 . ILE A 1 112 ? 6.212   1.021   5.887   1.00 28.61 ? 164 ILE A CG2 1 
ATOM   845  C CD1 . ILE A 1 112 ? 6.112   2.173   8.626   1.00 33.84 ? 164 ILE A CD1 1 
ATOM   846  N N   . LYS A 1 113 ? 8.664   -0.221  3.868   1.00 29.54 ? 165 LYS A N   1 
ATOM   847  C CA  . LYS A 1 113 ? 8.704   -0.282  2.414   1.00 27.19 ? 165 LYS A CA  1 
ATOM   848  C C   . LYS A 1 113 ? 7.399   -0.888  1.927   1.00 26.37 ? 165 LYS A C   1 
ATOM   849  O O   . LYS A 1 113 ? 6.962   -1.907  2.460   1.00 26.91 ? 165 LYS A O   1 
ATOM   850  C CB  . LYS A 1 113 ? 9.867   -1.142  1.894   1.00 29.68 ? 165 LYS A CB  1 
ATOM   851  C CG  . LYS A 1 113 ? 11.256  -0.626  2.196   1.00 36.08 ? 165 LYS A CG  1 
ATOM   852  C CD  . LYS A 1 113 ? 12.261  -1.774  2.320   1.00 39.16 ? 165 LYS A CD  1 
ATOM   853  C CE  . LYS A 1 113 ? 12.264  -2.657  1.083   1.00 44.43 ? 165 LYS A CE  1 
ATOM   854  N NZ  . LYS A 1 113 ? 13.591  -3.323  0.885   1.00 58.47 ? 165 LYS A NZ  1 
ATOM   855  N N   . PHE A 1 114 ? 6.789   -0.269  0.926   1.00 25.74 ? 166 PHE A N   1 
ATOM   856  C CA  . PHE A 1 114 ? 5.680   -0.880  0.194   1.00 26.67 ? 166 PHE A CA  1 
ATOM   857  C C   . PHE A 1 114 ? 6.241   -1.425  -1.115  1.00 28.13 ? 166 PHE A C   1 
ATOM   858  O O   . PHE A 1 114 ? 6.824   -0.672  -1.899  1.00 31.65 ? 166 PHE A O   1 
ATOM   859  C CB  . PHE A 1 114 ? 4.565   0.133   -0.086  1.00 26.40 ? 166 PHE A CB  1 
ATOM   860  C CG  . PHE A 1 114 ? 3.805   0.596   1.140   1.00 25.90 ? 166 PHE A CG  1 
ATOM   861  C CD1 . PHE A 1 114 ? 3.947   -0.032  2.368   1.00 27.78 ? 166 PHE A CD1 1 
ATOM   862  C CD2 . PHE A 1 114 ? 2.959   1.698   1.052   1.00 27.19 ? 166 PHE A CD2 1 
ATOM   863  C CE1 . PHE A 1 114 ? 3.248   0.424   3.483   1.00 29.54 ? 166 PHE A CE1 1 
ATOM   864  C CE2 . PHE A 1 114 ? 2.258   2.155   2.145   1.00 27.52 ? 166 PHE A CE2 1 
ATOM   865  C CZ  . PHE A 1 114 ? 2.389   1.518   3.370   1.00 28.84 ? 166 PHE A CZ  1 
ATOM   866  N N   . GLU A 1 115 ? 6.075   -2.730  -1.341  1.00 25.83 ? 167 GLU A N   1 
ATOM   867  C CA  . GLU A 1 115 ? 6.449   -3.378  -2.590  1.00 27.61 ? 167 GLU A CA  1 
ATOM   868  C C   . GLU A 1 115 ? 5.178   -3.552  -3.414  1.00 29.03 ? 167 GLU A C   1 
ATOM   869  O O   . GLU A 1 115 ? 4.188   -4.116  -2.930  1.00 28.38 ? 167 GLU A O   1 
ATOM   870  C CB  . GLU A 1 115 ? 7.111   -4.731  -2.336  1.00 27.50 ? 167 GLU A CB  1 
ATOM   871  C CG  . GLU A 1 115 ? 7.416   -5.513  -3.597  1.00 31.18 ? 167 GLU A CG  1 
ATOM   872  C CD  . GLU A 1 115 ? 7.881   -6.925  -3.302  1.00 39.53 ? 167 GLU A CD  1 
ATOM   873  O OE1 . GLU A 1 115 ? 7.087   -7.717  -2.751  1.00 41.06 ? 167 GLU A OE1 1 
ATOM   874  O OE2 . GLU A 1 115 ? 9.060   -7.230  -3.589  1.00 45.81 ? 167 GLU A OE2 1 
ATOM   875  N N   . ILE A 1 116 ? 5.194   -3.035  -4.634  1.00 28.07 ? 168 ILE A N   1 
ATOM   876  C CA  . ILE A 1 116 ? 3.993   -2.934  -5.447  1.00 27.74 ? 168 ILE A CA  1 
ATOM   877  C C   . ILE A 1 116 ? 4.255   -3.660  -6.760  1.00 28.60 ? 168 ILE A C   1 
ATOM   878  O O   . ILE A 1 116 ? 4.950   -3.140  -7.637  1.00 28.74 ? 168 ILE A O   1 
ATOM   879  C CB  . ILE A 1 116 ? 3.568   -1.479  -5.668  1.00 25.23 ? 168 ILE A CB  1 
ATOM   880  C CG1 . ILE A 1 116 ? 3.408   -0.769  -4.312  1.00 26.88 ? 168 ILE A CG1 1 
ATOM   881  C CG2 . ILE A 1 116 ? 2.277   -1.402  -6.483  1.00 23.18 ? 168 ILE A CG2 1 
ATOM   882  C CD1 . ILE A 1 116 ? 3.427   0.731   -4.402  1.00 29.46 ? 168 ILE A CD1 1 
ATOM   883  N N   . LYS A 1 117 ? 3.715   -4.878  -6.884  1.00 28.88 ? 169 LYS A N   1 
ATOM   884  C CA  . LYS A 1 117 ? 3.856   -5.681  -8.095  1.00 30.20 ? 169 LYS A CA  1 
ATOM   885  C C   . LYS A 1 117 ? 2.683   -5.407  -9.017  1.00 29.22 ? 169 LYS A C   1 
ATOM   886  O O   . LYS A 1 117 ? 1.556   -5.218  -8.560  1.00 28.23 ? 169 LYS A O   1 
ATOM   887  C CB  . LYS A 1 117 ? 3.909   -7.178  -7.769  1.00 29.81 ? 169 LYS A CB  1 
ATOM   888  C CG  . LYS A 1 117 ? 5.136   -7.593  -6.949  1.00 37.32 ? 169 LYS A CG  1 
ATOM   889  C CD  . LYS A 1 117 ? 5.155   -9.096  -6.706  1.00 40.71 ? 169 LYS A CD  1 
ATOM   890  C CE  . LYS A 1 117 ? 6.361   -9.505  -5.867  1.00 47.66 ? 169 LYS A CE  1 
ATOM   891  N NZ  . LYS A 1 117 ? 6.400   -10.989 -5.695  1.00 51.21 ? 169 LYS A NZ  1 
ATOM   892  N N   . ALA A 1 118 ? 2.964   -5.388  -10.318 1.00 27.49 ? 170 ALA A N   1 
ATOM   893  C CA  . ALA A 1 118 ? 1.940   -5.190  -11.321 1.00 27.67 ? 170 ALA A CA  1 
ATOM   894  C C   . ALA A 1 118 ? 0.981   -6.377  -11.319 1.00 27.51 ? 170 ALA A C   1 
ATOM   895  O O   . ALA A 1 118 ? 1.306   -7.445  -10.793 1.00 27.73 ? 170 ALA A O   1 
ATOM   896  C CB  . ALA A 1 118 ? 2.585   -5.027  -12.695 1.00 28.20 ? 170 ALA A CB  1 
ATOM   897  N N   . PRO A 1 119 ? -0.201  -6.228  -11.931 1.00 27.40 ? 171 PRO A N   1 
ATOM   898  C CA  . PRO A 1 119 ? -1.219  -7.292  -11.816 1.00 28.62 ? 171 PRO A CA  1 
ATOM   899  C C   . PRO A 1 119 ? -0.809  -8.624  -12.412 1.00 31.50 ? 171 PRO A C   1 
ATOM   900  O O   . PRO A 1 119 ? -1.345  -9.653  -11.985 1.00 31.11 ? 171 PRO A O   1 
ATOM   901  C CB  . PRO A 1 119 ? -2.426  -6.705  -12.563 1.00 29.03 ? 171 PRO A CB  1 
ATOM   902  C CG  . PRO A 1 119 ? -2.235  -5.223  -12.491 1.00 27.17 ? 171 PRO A CG  1 
ATOM   903  C CD  . PRO A 1 119 ? -0.742  -5.041  -12.624 1.00 25.53 ? 171 PRO A CD  1 
ATOM   904  N N   . GLY A 1 120 ? 0.116   -8.648  -13.374 1.00 30.01 ? 172 GLY A N   1 
ATOM   905  C CA  . GLY A 1 120 ? 0.466   -9.916  -13.991 1.00 31.13 ? 172 GLY A CA  1 
ATOM   906  C C   . GLY A 1 120 ? -0.716  -10.437 -14.796 1.00 33.35 ? 172 GLY A C   1 
ATOM   907  O O   . GLY A 1 120 ? -1.351  -9.685  -15.544 1.00 30.36 ? 172 GLY A O   1 
ATOM   908  N N   . ASN A 1 121 ? -1.049  -11.721 -14.625 1.00 33.73 ? 173 ASN A N   1 
ATOM   909  C CA  . ASN A 1 121 ? -2.177  -12.293 -15.372 1.00 36.76 ? 173 ASN A CA  1 
ATOM   910  C C   . ASN A 1 121 ? -3.547  -11.850 -14.837 1.00 33.97 ? 173 ASN A C   1 
ATOM   911  O O   . ASN A 1 121 ? -4.570  -12.275 -15.386 1.00 35.52 ? 173 ASN A O   1 
ATOM   912  C CB  . ASN A 1 121 ? -2.104  -13.828 -15.359 1.00 39.05 ? 173 ASN A CB  1 
ATOM   913  C CG  . ASN A 1 121 ? -0.870  -14.376 -16.078 1.00 46.54 ? 173 ASN A CG  1 
ATOM   914  O OD1 . ASN A 1 121 ? -0.619  -14.064 -17.247 1.00 48.66 ? 173 ASN A OD1 1 
ATOM   915  N ND2 . ASN A 1 121 ? -0.106  -15.217 -15.383 1.00 51.26 ? 173 ASN A ND2 1 
ATOM   916  N N   . ASP A 1 122 ? -3.598  -11.031 -13.780 1.00 31.68 ? 174 ASP A N   1 
ATOM   917  C CA  . ASP A 1 122 ? -4.848  -10.667 -13.110 1.00 30.20 ? 174 ASP A CA  1 
ATOM   918  C C   . ASP A 1 122 ? -5.572  -9.483  -13.734 1.00 31.28 ? 174 ASP A C   1 
ATOM   919  O O   . ASP A 1 122 ? -6.760  -9.292  -13.450 1.00 30.29 ? 174 ASP A O   1 
ATOM   920  C CB  . ASP A 1 122 ? -4.567  -10.368 -11.631 1.00 30.18 ? 174 ASP A CB  1 
ATOM   921  C CG  . ASP A 1 122 ? -4.295  -11.622 -10.831 1.00 36.86 ? 174 ASP A CG  1 
ATOM   922  O OD1 . ASP A 1 122 ? -4.495  -12.736 -11.367 1.00 36.58 ? 174 ASP A OD1 1 
ATOM   923  O OD2 . ASP A 1 122 ? -3.804  -11.491 -9.697  1.00 39.21 ? 174 ASP A OD2 1 
ATOM   924  N N   . TYR A 1 123 ? -4.903  -8.699  -14.581 1.00 30.71 ? 175 TYR A N   1 
ATOM   925  C CA  . TYR A 1 123 ? -5.522  -7.554  -15.242 1.00 28.63 ? 175 TYR A CA  1 
ATOM   926  C C   . TYR A 1 123 ? -4.926  -7.444  -16.634 1.00 30.12 ? 175 TYR A C   1 
ATOM   927  O O   . TYR A 1 123 ? -3.702  -7.421  -16.773 1.00 31.22 ? 175 TYR A O   1 
ATOM   928  C CB  . TYR A 1 123 ? -5.265  -6.262  -14.471 1.00 32.09 ? 175 TYR A CB  1 
ATOM   929  C CG  . TYR A 1 123 ? -6.223  -5.122  -14.728 1.00 27.89 ? 175 TYR A CG  1 
ATOM   930  C CD1 . TYR A 1 123 ? -7.495  -5.115  -14.177 1.00 30.57 ? 175 TYR A CD1 1 
ATOM   931  C CD2 . TYR A 1 123 ? -5.836  -4.041  -15.519 1.00 27.28 ? 175 TYR A CD2 1 
ATOM   932  C CE1 . TYR A 1 123 ? -8.360  -4.067  -14.391 1.00 30.76 ? 175 TYR A CE1 1 
ATOM   933  C CE2 . TYR A 1 123 ? -6.697  -2.983  -15.746 1.00 27.84 ? 175 TYR A CE2 1 
ATOM   934  C CZ  . TYR A 1 123 ? -7.963  -3.009  -15.184 1.00 29.45 ? 175 TYR A CZ  1 
ATOM   935  O OH  . TYR A 1 123 ? -8.835  -1.963  -15.394 1.00 31.08 ? 175 TYR A OH  1 
ATOM   936  N N   . LEU A 1 124 ? -5.766  -7.381  -17.658 1.00 27.50 ? 176 LEU A N   1 
ATOM   937  C CA  . LEU A 1 124 ? -5.256  -7.392  -19.026 1.00 26.96 ? 176 LEU A CA  1 
ATOM   938  C C   . LEU A 1 124 ? -5.265  -5.998  -19.633 1.00 29.42 ? 176 LEU A C   1 
ATOM   939  O O   . LEU A 1 124 ? -5.851  -5.057  -19.101 1.00 32.63 ? 176 LEU A O   1 
ATOM   940  C CB  . LEU A 1 124 ? -6.086  -8.332  -19.906 1.00 30.61 ? 176 LEU A CB  1 
ATOM   941  C CG  . LEU A 1 124 ? -6.392  -9.723  -19.345 1.00 31.99 ? 176 LEU A CG  1 
ATOM   942  C CD1 . LEU A 1 124 ? -7.024  -10.570 -20.447 1.00 34.22 ? 176 LEU A CD1 1 
ATOM   943  C CD2 . LEU A 1 124 ? -5.137  -10.394 -18.812 1.00 32.36 ? 176 LEU A CD2 1 
ATOM   944  N N   . LEU A 1 125 ? -4.605  -5.878  -20.795 1.00 30.14 ? 177 LEU A N   1 
ATOM   945  C CA  . LEU A 1 125 ? -4.585  -4.635  -21.547 1.00 27.63 ? 177 LEU A CA  1 
ATOM   946  C C   . LEU A 1 125 ? -4.960  -4.931  -22.994 1.00 29.06 ? 177 LEU A C   1 
ATOM   947  O O   . LEU A 1 125 ? -4.372  -5.826  -23.612 1.00 31.61 ? 177 LEU A O   1 
ATOM   948  C CB  . LEU A 1 125 ? -3.190  -3.999  -21.525 1.00 29.05 ? 177 LEU A CB  1 
ATOM   949  C CG  . LEU A 1 125 ? -2.631  -3.564  -20.171 1.00 27.50 ? 177 LEU A CG  1 
ATOM   950  C CD1 . LEU A 1 125 ? -1.183  -3.149  -20.421 1.00 28.55 ? 177 LEU A CD1 1 
ATOM   951  C CD2 . LEU A 1 125 ? -3.424  -2.440  -19.540 1.00 24.02 ? 177 LEU A CD2 1 
ATOM   952  N N   . HIS A 1 126 ? -5.902  -4.172  -23.545 1.00 27.86 ? 178 HIS A N   1 
ATOM   953  C CA  . HIS A 1 126 ? -6.037  -4.174  -24.998 1.00 29.50 ? 178 HIS A CA  1 
ATOM   954  C C   . HIS A 1 126 ? -4.744  -3.624  -25.593 1.00 30.43 ? 178 HIS A C   1 
ATOM   955  O O   . HIS A 1 126 ? -4.248  -2.581  -25.148 1.00 31.13 ? 178 HIS A O   1 
ATOM   956  C CB  . HIS A 1 126 ? -7.201  -3.303  -25.470 1.00 30.10 ? 178 HIS A CB  1 
ATOM   957  C CG  . HIS A 1 126 ? -8.565  -3.766  -25.057 1.00 32.39 ? 178 HIS A CG  1 
ATOM   958  N ND1 . HIS A 1 126 ? -9.692  -3.413  -25.769 1.00 31.73 ? 178 HIS A ND1 1 
ATOM   959  C CD2 . HIS A 1 126 ? -9.004  -4.453  -23.974 1.00 31.97 ? 178 HIS A CD2 1 
ATOM   960  C CE1 . HIS A 1 126 ? -10.763 -3.910  -25.172 1.00 33.00 ? 178 HIS A CE1 1 
ATOM   961  N NE2 . HIS A 1 126 ? -10.376 -4.537  -24.074 1.00 30.28 ? 178 HIS A NE2 1 
ATOM   962  N N   . VAL A 1 127 ? -4.195  -4.306  -26.601 1.00 29.05 ? 179 VAL A N   1 
ATOM   963  C CA  . VAL A 1 127 ? -2.949  -3.869  -27.234 1.00 29.00 ? 179 VAL A CA  1 
ATOM   964  C C   . VAL A 1 127 ? -3.083  -3.677  -28.737 1.00 31.74 ? 179 VAL A C   1 
ATOM   965  O O   . VAL A 1 127 ? -2.095  -3.320  -29.392 1.00 30.68 ? 179 VAL A O   1 
ATOM   966  C CB  . VAL A 1 127 ? -1.782  -4.829  -26.928 1.00 30.70 ? 179 VAL A CB  1 
ATOM   967  C CG1 . VAL A 1 127 ? -1.398  -4.765  -25.444 1.00 32.75 ? 179 VAL A CG1 1 
ATOM   968  C CG2 . VAL A 1 127 ? -2.101  -6.241  -27.373 1.00 33.63 ? 179 VAL A CG2 1 
ATOM   969  N N   . ASP A 1 128 ? -4.265  -3.894  -29.308 1.00 31.14 ? 180 ASP A N   1 
ATOM   970  C CA  . ASP A 1 128 ? -4.450  -3.620  -30.721 1.00 37.10 ? 180 ASP A CA  1 
ATOM   971  C C   . ASP A 1 128 ? -4.501  -2.114  -30.940 1.00 39.13 ? 180 ASP A C   1 
ATOM   972  O O   . ASP A 1 128 ? -4.722  -1.331  -30.017 1.00 36.28 ? 180 ASP A O   1 
ATOM   973  C CB  . ASP A 1 128 ? -5.746  -4.236  -31.223 1.00 35.06 ? 180 ASP A CB  1 
ATOM   974  C CG  . ASP A 1 128 ? -6.892  -3.918  -30.324 1.00 37.68 ? 180 ASP A CG  1 
ATOM   975  O OD1 . ASP A 1 128 ? -6.941  -4.488  -29.210 1.00 36.01 ? 180 ASP A OD1 1 
ATOM   976  O OD2 . ASP A 1 128 ? -7.753  -3.107  -30.745 1.00 36.96 ? 180 ASP A OD2 1 
ATOM   977  N N   . LYS A 1 129 ? -4.338  -1.710  -32.195 1.00 38.62 ? 181 LYS A N   1 
ATOM   978  C CA  . LYS A 1 129 ? -4.163  -0.295  -32.488 1.00 37.40 ? 181 LYS A CA  1 
ATOM   979  C C   . LYS A 1 129 ? -5.478  0.461   -32.350 1.00 38.11 ? 181 LYS A C   1 
ATOM   980  O O   . LYS A 1 129 ? -5.499  1.614   -31.909 1.00 38.58 ? 181 LYS A O   1 
ATOM   981  C CB  . LYS A 1 129 ? -3.568  -0.104  -33.895 1.00 39.33 ? 181 LYS A CB  1 
ATOM   982  C CG  . LYS A 1 129 ? -2.197  -0.782  -34.211 1.00 49.46 ? 181 LYS A CG  1 
ATOM   983  C CD  . LYS A 1 129 ? -2.082  -2.313  -33.972 1.00 49.83 ? 181 LYS A CD  1 
ATOM   984  C CE  . LYS A 1 129 ? -3.269  -3.105  -34.545 1.00 47.78 ? 181 LYS A CE  1 
ATOM   985  N NZ  . LYS A 1 129 ? -3.185  -4.565  -34.245 1.00 49.77 ? 181 LYS A NZ  1 
ATOM   986  N N   . GLU A 1 130 ? -6.594  -0.172  -32.722 1.00 40.20 ? 182 GLU A N   1 
ATOM   987  C CA  . GLU A 1 130 ? -7.873  0.530   -32.714 1.00 40.53 ? 182 GLU A CA  1 
ATOM   988  C C   . GLU A 1 130 ? -8.381  0.785   -31.298 1.00 40.02 ? 182 GLU A C   1 
ATOM   989  O O   . GLU A 1 130 ? -8.860  1.887   -30.998 1.00 39.30 ? 182 GLU A O   1 
ATOM   990  C CB  . GLU A 1 130 ? -8.902  -0.248  -33.534 1.00 42.61 ? 182 GLU A CB  1 
ATOM   991  C CG  . GLU A 1 130 ? -10.350 0.202   -33.317 1.00 47.88 ? 182 GLU A CG  1 
ATOM   992  C CD  . GLU A 1 130 ? -10.916 0.993   -34.480 1.00 54.84 ? 182 GLU A CD  1 
ATOM   993  O OE1 . GLU A 1 130 ? -12.106 1.381   -34.413 1.00 53.41 ? 182 GLU A OE1 1 
ATOM   994  O OE2 . GLU A 1 130 ? -10.158 1.260   -35.440 1.00 57.66 ? 182 GLU A OE2 1 
ATOM   995  N N   . THR A 1 131 ? -8.283  -0.205  -30.408 1.00 37.25 ? 183 THR A N   1 
ATOM   996  C CA  . THR A 1 131 ? -8.842  -0.052  -29.069 1.00 37.18 ? 183 THR A CA  1 
ATOM   997  C C   . THR A 1 131 ? -7.817  -0.111  -27.942 1.00 37.25 ? 183 THR A C   1 
ATOM   998  O O   . THR A 1 131 ? -8.204  0.035   -26.781 1.00 35.02 ? 183 THR A O   1 
ATOM   999  C CB  . THR A 1 131 ? -9.901  -1.127  -28.798 1.00 37.85 ? 183 THR A CB  1 
ATOM   1000 O OG1 . THR A 1 131 ? -9.247  -2.351  -28.444 1.00 32.47 ? 183 THR A OG1 1 
ATOM   1001 C CG2 . THR A 1 131 ? -10.764 -1.367  -30.040 1.00 37.08 ? 183 THR A CG2 1 
ATOM   1002 N N   . GLY A 1 132 ? -6.531  -0.314  -28.238 1.00 36.40 ? 184 GLY A N   1 
ATOM   1003 C CA  . GLY A 1 132 ? -5.553  -0.635  -27.223 1.00 32.71 ? 184 GLY A CA  1 
ATOM   1004 C C   . GLY A 1 132 ? -4.791  0.563   -26.670 1.00 36.96 ? 184 GLY A C   1 
ATOM   1005 O O   . GLY A 1 132 ? -5.009  1.718   -27.033 1.00 36.81 ? 184 GLY A O   1 
ATOM   1006 N N   . VAL A 1 133 ? -3.885  0.245   -25.747 1.00 34.84 ? 185 VAL A N   1 
ATOM   1007 C CA  . VAL A 1 133 ? -3.014  1.219   -25.095 1.00 35.52 ? 185 VAL A CA  1 
ATOM   1008 C C   . VAL A 1 133 ? -1.578  0.913   -25.492 1.00 32.88 ? 185 VAL A C   1 
ATOM   1009 O O   . VAL A 1 133 ? -1.225  -0.228  -25.814 1.00 32.65 ? 185 VAL A O   1 
ATOM   1010 C CB  . VAL A 1 133 ? -3.162  1.196   -23.558 1.00 34.41 ? 185 VAL A CB  1 
ATOM   1011 C CG1 . VAL A 1 133 ? -4.593  1.557   -23.160 1.00 35.21 ? 185 VAL A CG1 1 
ATOM   1012 C CG2 . VAL A 1 133 ? -2.760  -0.162  -23.010 1.00 33.18 ? 185 VAL A CG2 1 
ATOM   1013 N N   . THR A 1 134 ? -0.731  1.947   -25.432 1.00 34.60 ? 186 THR A N   1 
ATOM   1014 C CA  . THR A 1 134 ? 0.681   1.821   -25.767 1.00 35.85 ? 186 THR A CA  1 
ATOM   1015 C C   . THR A 1 134 ? 1.580   1.718   -24.544 1.00 31.79 ? 186 THR A C   1 
ATOM   1016 O O   . THR A 1 134 ? 2.744   1.315   -24.682 1.00 33.38 ? 186 THR A O   1 
ATOM   1017 C CB  . THR A 1 134 ? 1.140   3.017   -26.609 1.00 34.79 ? 186 THR A CB  1 
ATOM   1018 O OG1 . THR A 1 134 ? 0.876   4.224   -25.888 1.00 41.62 ? 186 THR A OG1 1 
ATOM   1019 C CG2 . THR A 1 134 ? 0.371   3.049   -27.946 1.00 41.05 ? 186 THR A CG2 1 
ATOM   1020 N N   . GLY A 1 135 ? 1.078   2.084   -23.368 1.00 34.80 ? 187 GLY A N   1 
ATOM   1021 C CA  . GLY A 1 135 ? 1.824   1.855   -22.148 1.00 32.33 ? 187 GLY A CA  1 
ATOM   1022 C C   . GLY A 1 135 ? 1.816   0.389   -21.763 1.00 30.48 ? 187 GLY A C   1 
ATOM   1023 O O   . GLY A 1 135 ? 1.020   -0.408  -22.254 1.00 29.47 ? 187 GLY A O   1 
ATOM   1024 N N   . ARG A 1 136 ? 2.724   0.030   -20.859 1.00 29.10 ? 188 ARG A N   1 
ATOM   1025 C CA  . ARG A 1 136 ? 2.871   -1.342  -20.399 1.00 30.17 ? 188 ARG A CA  1 
ATOM   1026 C C   . ARG A 1 136 ? 3.154   -1.323  -18.902 1.00 28.48 ? 188 ARG A C   1 
ATOM   1027 O O   . ARG A 1 136 ? 3.683   -0.343  -18.374 1.00 28.71 ? 188 ARG A O   1 
ATOM   1028 C CB  . ARG A 1 136 ? 4.002   -2.045  -21.144 1.00 32.30 ? 188 ARG A CB  1 
ATOM   1029 C CG  . ARG A 1 136 ? 3.683   -2.318  -22.622 1.00 29.09 ? 188 ARG A CG  1 
ATOM   1030 C CD  . ARG A 1 136 ? 2.659   -3.448  -22.788 1.00 34.27 ? 188 ARG A CD  1 
ATOM   1031 N NE  . ARG A 1 136 ? 2.363   -3.771  -24.185 1.00 37.32 ? 188 ARG A NE  1 
ATOM   1032 C CZ  . ARG A 1 136 ? 1.732   -2.980  -25.043 1.00 35.76 ? 188 ARG A CZ  1 
ATOM   1033 N NH1 . ARG A 1 136 ? 1.083   -1.897  -24.640 1.00 31.29 ? 188 ARG A NH1 1 
ATOM   1034 N NH2 . ARG A 1 136 ? 1.702   -3.315  -26.332 1.00 34.13 ? 188 ARG A NH2 1 
ATOM   1035 N N   . PHE A 1 137 ? 2.815   -2.423  -18.227 1.00 29.84 ? 189 PHE A N   1 
ATOM   1036 C CA  . PHE A 1 137 ? 3.076   -2.546  -16.789 1.00 27.41 ? 189 PHE A CA  1 
ATOM   1037 C C   . PHE A 1 137 ? 4.569   -2.759  -16.522 1.00 30.95 ? 189 PHE A C   1 
ATOM   1038 O O   . PHE A 1 137 ? 5.335   -3.153  -17.405 1.00 29.42 ? 189 PHE A O   1 
ATOM   1039 C CB  . PHE A 1 137 ? 2.265   -3.713  -16.222 1.00 30.67 ? 189 PHE A CB  1 
ATOM   1040 C CG  . PHE A 1 137 ? 0.812   -3.380  -15.954 1.00 27.72 ? 189 PHE A CG  1 
ATOM   1041 C CD1 . PHE A 1 137 ? 0.470   -2.449  -14.993 1.00 29.26 ? 189 PHE A CD1 1 
ATOM   1042 C CD2 . PHE A 1 137 ? -0.208  -3.979  -16.698 1.00 30.89 ? 189 PHE A CD2 1 
ATOM   1043 C CE1 . PHE A 1 137 ? -0.876  -2.139  -14.733 1.00 29.65 ? 189 PHE A CE1 1 
ATOM   1044 C CE2 . PHE A 1 137 ? -1.572  -3.680  -16.437 1.00 29.31 ? 189 PHE A CE2 1 
ATOM   1045 C CZ  . PHE A 1 137 ? -1.896  -2.751  -15.465 1.00 27.25 ? 189 PHE A CZ  1 
ATOM   1046 N N   . TRP A 1 138 ? 4.983   -2.492  -15.280 1.00 27.57 ? 190 TRP A N   1 
ATOM   1047 C CA  . TRP A 1 138 ? 6.372   -2.671  -14.877 1.00 29.11 ? 190 TRP A CA  1 
ATOM   1048 C C   . TRP A 1 138 ? 6.654   -4.130  -14.545 1.00 30.28 ? 190 TRP A C   1 
ATOM   1049 O O   . TRP A 1 138 ? 5.818   -4.821  -13.959 1.00 30.20 ? 190 TRP A O   1 
ATOM   1050 C CB  . TRP A 1 138 ? 6.688   -1.786  -13.670 1.00 26.66 ? 190 TRP A CB  1 
ATOM   1051 C CG  . TRP A 1 138 ? 5.658   -1.889  -12.528 1.00 27.84 ? 190 TRP A CG  1 
ATOM   1052 C CD1 . TRP A 1 138 ? 5.767   -2.628  -11.366 1.00 27.86 ? 190 TRP A CD1 1 
ATOM   1053 C CD2 . TRP A 1 138 ? 4.398   -1.221  -12.456 1.00 28.20 ? 190 TRP A CD2 1 
ATOM   1054 N NE1 . TRP A 1 138 ? 4.640   -2.456  -10.588 1.00 28.06 ? 190 TRP A NE1 1 
ATOM   1055 C CE2 . TRP A 1 138 ? 3.787   -1.598  -11.235 1.00 28.03 ? 190 TRP A CE2 1 
ATOM   1056 C CE3 . TRP A 1 138 ? 3.717   -0.348  -13.310 1.00 29.66 ? 190 TRP A CE3 1 
ATOM   1057 C CZ2 . TRP A 1 138 ? 2.528   -1.129  -10.858 1.00 30.87 ? 190 TRP A CZ2 1 
ATOM   1058 C CZ3 . TRP A 1 138 ? 2.483   0.121   -12.934 1.00 32.07 ? 190 TRP A CZ3 1 
ATOM   1059 C CH2 . TRP A 1 138 ? 1.896   -0.267  -11.715 1.00 30.05 ? 190 TRP A CH2 1 
ATOM   1060 N N   . THR A 1 139 ? 7.849   -4.600  -14.896 1.00 28.47 ? 191 THR A N   1 
ATOM   1061 C CA  . THR A 1 139 ? 8.144   -6.008  -14.656 1.00 31.16 ? 191 THR A CA  1 
ATOM   1062 C C   . THR A 1 139 ? 8.877   -6.239  -13.339 1.00 35.35 ? 191 THR A C   1 
ATOM   1063 O O   . THR A 1 139 ? 8.738   -7.320  -12.750 1.00 38.88 ? 191 THR A O   1 
ATOM   1064 C CB  . THR A 1 139 ? 8.923   -6.591  -15.838 1.00 36.53 ? 191 THR A CB  1 
ATOM   1065 O OG1 . THR A 1 139 ? 9.930   -5.665  -16.234 1.00 39.10 ? 191 THR A OG1 1 
ATOM   1066 C CG2 . THR A 1 139 ? 7.988   -6.810  -17.008 1.00 38.60 ? 191 THR A CG2 1 
ATOM   1067 N N   . GLU A 1 140 ? 9.625   -5.247  -12.840 1.00 30.65 ? 192 GLU A N   1 
ATOM   1068 C CA  . GLU A 1 140 ? 10.149  -5.402  -11.489 1.00 33.54 ? 192 GLU A CA  1 
ATOM   1069 C C   . GLU A 1 140 ? 9.253   -4.649  -10.505 1.00 31.82 ? 192 GLU A C   1 
ATOM   1070 O O   . GLU A 1 140 ? 8.685   -3.611  -10.857 1.00 30.59 ? 192 GLU A O   1 
ATOM   1071 C CB  . GLU A 1 140 ? 11.582  -4.868  -11.400 1.00 37.16 ? 192 GLU A CB  1 
ATOM   1072 C CG  . GLU A 1 140 ? 12.665  -5.910  -11.744 1.00 40.26 ? 192 GLU A CG  1 
ATOM   1073 C CD  . GLU A 1 140 ? 14.082  -5.480  -11.337 1.00 47.09 ? 192 GLU A CD  1 
ATOM   1074 O OE1 . GLU A 1 140 ? 14.278  -4.317  -10.906 1.00 48.40 ? 192 GLU A OE1 1 
ATOM   1075 O OE2 . GLU A 1 140 ? 15.012  -6.309  -11.470 1.00 49.36 ? 192 GLU A OE2 1 
ATOM   1076 N N   . PRO A 1 141 ? 9.048   -5.131  -9.278  1.00 33.47 ? 193 PRO A N   1 
ATOM   1077 C CA  . PRO A 1 141 ? 8.161   -4.413  -8.353  1.00 30.66 ? 193 PRO A CA  1 
ATOM   1078 C C   . PRO A 1 141 ? 8.639   -2.991  -8.079  1.00 30.53 ? 193 PRO A C   1 
ATOM   1079 O O   . PRO A 1 141 ? 9.833   -2.730  -7.948  1.00 30.70 ? 193 PRO A O   1 
ATOM   1080 C CB  . PRO A 1 141 ? 8.216   -5.264  -7.074  1.00 33.64 ? 193 PRO A CB  1 
ATOM   1081 C CG  . PRO A 1 141 ? 8.611   -6.628  -7.539  1.00 36.23 ? 193 PRO A CG  1 
ATOM   1082 C CD  . PRO A 1 141 ? 9.550   -6.392  -8.704  1.00 31.94 ? 193 PRO A CD  1 
ATOM   1083 N N   . ILE A 1 142 ? 7.686   -2.064  -8.024  1.00 30.13 ? 194 ILE A N   1 
ATOM   1084 C CA  . ILE A 1 142 ? 7.949   -0.724  -7.513  1.00 30.38 ? 194 ILE A CA  1 
ATOM   1085 C C   . ILE A 1 142 ? 8.113   -0.811  -6.004  1.00 30.88 ? 194 ILE A C   1 
ATOM   1086 O O   . ILE A 1 142 ? 7.298   -1.447  -5.329  1.00 29.32 ? 194 ILE A O   1 
ATOM   1087 C CB  . ILE A 1 142 ? 6.795   0.215   -7.900  1.00 27.14 ? 194 ILE A CB  1 
ATOM   1088 C CG1 . ILE A 1 142 ? 6.824   0.532   -9.395  1.00 30.02 ? 194 ILE A CG1 1 
ATOM   1089 C CG2 . ILE A 1 142 ? 6.784   1.488   -7.029  1.00 29.70 ? 194 ILE A CG2 1 
ATOM   1090 C CD1 . ILE A 1 142 ? 5.543   1.183   -9.870  1.00 33.05 ? 194 ILE A CD1 1 
ATOM   1091 N N   . VAL A 1 143 ? 9.166   -0.187  -5.455  1.00 28.59 ? 195 VAL A N   1 
ATOM   1092 C CA  . VAL A 1 143 ? 9.361   -0.186  -4.004  1.00 31.47 ? 195 VAL A CA  1 
ATOM   1093 C C   . VAL A 1 143 ? 9.438   1.256   -3.522  1.00 32.90 ? 195 VAL A C   1 
ATOM   1094 O O   . VAL A 1 143 ? 10.377  1.988   -3.864  1.00 37.27 ? 195 VAL A O   1 
ATOM   1095 C CB  . VAL A 1 143 ? 10.605  -0.974  -3.572  1.00 35.83 ? 195 VAL A CB  1 
ATOM   1096 C CG1 . VAL A 1 143 ? 10.771  -0.881  -2.058  1.00 37.70 ? 195 VAL A CG1 1 
ATOM   1097 C CG2 . VAL A 1 143 ? 10.508  -2.420  -4.022  1.00 33.96 ? 195 VAL A CG2 1 
ATOM   1098 N N   . VAL A 1 144 ? 8.459   1.656   -2.721  1.00 27.84 ? 196 VAL A N   1 
ATOM   1099 C CA  . VAL A 1 144 ? 8.373   2.982   -2.125  1.00 29.50 ? 196 VAL A CA  1 
ATOM   1100 C C   . VAL A 1 144 ? 8.752   2.834   -0.655  1.00 31.60 ? 196 VAL A C   1 
ATOM   1101 O O   . VAL A 1 144 ? 8.090   2.092   0.074   1.00 31.19 ? 196 VAL A O   1 
ATOM   1102 C CB  . VAL A 1 144 ? 6.950   3.550   -2.273  1.00 32.01 ? 196 VAL A CB  1 
ATOM   1103 C CG1 . VAL A 1 144 ? 6.783   4.828   -1.466  1.00 31.99 ? 196 VAL A CG1 1 
ATOM   1104 C CG2 . VAL A 1 144 ? 6.611   3.784   -3.733  1.00 32.87 ? 196 VAL A CG2 1 
ATOM   1105 N N   . GLU A 1 145 ? 9.812   3.523   -0.208  1.00 30.56 ? 197 GLU A N   1 
ATOM   1106 C CA  . GLU A 1 145 ? 10.317  3.365   1.154   1.00 31.49 ? 197 GLU A CA  1 
ATOM   1107 C C   . GLU A 1 145 ? 10.271  4.684   1.913   1.00 32.80 ? 197 GLU A C   1 
ATOM   1108 O O   . GLU A 1 145 ? 10.579  5.745   1.350   1.00 33.87 ? 197 GLU A O   1 
ATOM   1109 C CB  . GLU A 1 145 ? 11.764  2.848   1.143   1.00 33.42 ? 197 GLU A CB  1 
ATOM   1110 C CG  . GLU A 1 145 ? 12.416  2.758   2.520   1.00 37.63 ? 197 GLU A CG  1 
ATOM   1111 C CD  . GLU A 1 145 ? 13.694  1.949   2.503   1.00 43.80 ? 197 GLU A CD  1 
ATOM   1112 O OE1 . GLU A 1 145 ? 14.544  2.241   1.645   1.00 44.85 ? 197 GLU A OE1 1 
ATOM   1113 O OE2 . GLU A 1 145 ? 13.876  1.063   3.370   1.00 49.67 ? 197 GLU A OE2 1 
ATOM   1114 N N   . TRP A 1 146 ? 9.907   4.604   3.198   1.00 33.87 ? 198 TRP A N   1 
ATOM   1115 C CA  . TRP A 1 146 ? 10.076  5.690   4.163   1.00 34.30 ? 198 TRP A CA  1 
ATOM   1116 C C   . TRP A 1 146 ? 11.052  5.216   5.230   1.00 34.29 ? 198 TRP A C   1 
ATOM   1117 O O   . TRP A 1 146 ? 10.793  4.208   5.898   1.00 33.30 ? 198 TRP A O   1 
ATOM   1118 C CB  . TRP A 1 146 ? 8.746   6.058   4.814   1.00 32.22 ? 198 TRP A CB  1 
ATOM   1119 C CG  . TRP A 1 146 ? 7.760   6.661   3.862   1.00 34.08 ? 198 TRP A CG  1 
ATOM   1120 C CD1 . TRP A 1 146 ? 7.690   7.962   3.455   1.00 32.60 ? 198 TRP A CD1 1 
ATOM   1121 C CD2 . TRP A 1 146 ? 6.717   5.962   3.163   1.00 30.12 ? 198 TRP A CD2 1 
ATOM   1122 N NE1 . TRP A 1 146 ? 6.647   8.123   2.564   1.00 32.84 ? 198 TRP A NE1 1 
ATOM   1123 C CE2 . TRP A 1 146 ? 6.043   6.908   2.359   1.00 32.68 ? 198 TRP A CE2 1 
ATOM   1124 C CE3 . TRP A 1 146 ? 6.289   4.628   3.139   1.00 31.77 ? 198 TRP A CE3 1 
ATOM   1125 C CZ2 . TRP A 1 146 ? 4.950   6.564   1.547   1.00 30.99 ? 198 TRP A CZ2 1 
ATOM   1126 C CZ3 . TRP A 1 146 ? 5.205   4.287   2.331   1.00 29.88 ? 198 TRP A CZ3 1 
ATOM   1127 C CH2 . TRP A 1 146 ? 4.547   5.255   1.550   1.00 30.31 ? 198 TRP A CH2 1 
ATOM   1128 N N   . LYS A 1 147 ? 12.147  5.953   5.418   1.00 31.80 ? 199 LYS A N   1 
ATOM   1129 C CA  . LYS A 1 147 ? 13.183  5.560   6.358   1.00 34.02 ? 199 LYS A CA  1 
ATOM   1130 C C   . LYS A 1 147 ? 12.988  6.282   7.695   1.00 34.09 ? 199 LYS A C   1 
ATOM   1131 O O   . LYS A 1 147 ? 12.512  7.419   7.738   1.00 37.05 ? 199 LYS A O   1 
ATOM   1132 C CB  . LYS A 1 147 ? 14.561  5.868   5.760   1.00 36.41 ? 199 LYS A CB  1 
ATOM   1133 C CG  . LYS A 1 147 ? 15.152  4.687   4.983   1.00 38.21 ? 199 LYS A CG  1 
ATOM   1134 C CD  . LYS A 1 147 ? 16.352  5.085   4.120   1.00 46.62 ? 199 LYS A CD  1 
ATOM   1135 C CE  . LYS A 1 147 ? 16.749  3.945   3.176   1.00 47.21 ? 199 LYS A CE  1 
ATOM   1136 N NZ  . LYS A 1 147 ? 17.696  2.969   3.792   1.00 50.50 ? 199 LYS A NZ  1 
ATOM   1137 N N   . ASP A 1 148 ? 13.314  5.591   8.792   1.00 34.29 ? 200 ASP A N   1 
ATOM   1138 C CA  . ASP A 1 148 ? 13.246  6.159   10.150  1.00 35.69 ? 200 ASP A CA  1 
ATOM   1139 C C   . ASP A 1 148 ? 11.843  6.632   10.536  1.00 38.77 ? 200 ASP A C   1 
ATOM   1140 O O   . ASP A 1 148 ? 11.676  7.699   11.129  1.00 37.84 ? 200 ASP A O   1 
ATOM   1141 C CB  . ASP A 1 148 ? 14.254  7.299   10.330  1.00 38.92 ? 200 ASP A CB  1 
ATOM   1142 C CG  . ASP A 1 148 ? 15.678  6.874   10.038  1.00 40.75 ? 200 ASP A CG  1 
ATOM   1143 O OD1 . ASP A 1 148 ? 16.083  5.791   10.520  1.00 41.03 ? 200 ASP A OD1 1 
ATOM   1144 O OD2 . ASP A 1 148 ? 16.392  7.614   9.323   1.00 46.37 ? 200 ASP A OD2 1 
ATOM   1145 N N   . PHE A 1 149 ? 10.824  5.829   10.225  1.00 34.31 ? 201 PHE A N   1 
ATOM   1146 C CA  . PHE A 1 149 ? 9.485   6.090   10.744  1.00 34.00 ? 201 PHE A CA  1 
ATOM   1147 C C   . PHE A 1 149 ? 9.483   5.806   12.245  1.00 35.00 ? 201 PHE A C   1 
ATOM   1148 O O   . PHE A 1 149 ? 9.975   4.762   12.689  1.00 33.03 ? 201 PHE A O   1 
ATOM   1149 C CB  . PHE A 1 149 ? 8.472   5.199   10.020  1.00 34.18 ? 201 PHE A CB  1 
ATOM   1150 C CG  . PHE A 1 149 ? 7.121   5.088   10.705  1.00 32.89 ? 201 PHE A CG  1 
ATOM   1151 C CD1 . PHE A 1 149 ? 6.168   6.084   10.536  1.00 33.29 ? 201 PHE A CD1 1 
ATOM   1152 C CD2 . PHE A 1 149 ? 6.818   4.005   11.524  1.00 31.18 ? 201 PHE A CD2 1 
ATOM   1153 C CE1 . PHE A 1 149 ? 4.918   5.984   11.133  1.00 34.39 ? 201 PHE A CE1 1 
ATOM   1154 C CE2 . PHE A 1 149 ? 5.576   3.906   12.141  1.00 31.09 ? 201 PHE A CE2 1 
ATOM   1155 C CZ  . PHE A 1 149 ? 4.624   4.899   11.944  1.00 32.19 ? 201 PHE A CZ  1 
ATOM   1156 N N   . GLU A 1 150 ? 8.957   6.733   13.043  1.00 36.24 ? 202 GLU A N   1 
ATOM   1157 C CA  . GLU A 1 150 ? 8.966   6.589   14.497  1.00 34.67 ? 202 GLU A CA  1 
ATOM   1158 C C   . GLU A 1 150 ? 7.600   6.078   14.948  1.00 33.48 ? 202 GLU A C   1 
ATOM   1159 O O   . GLU A 1 150 ? 6.606   6.807   14.881  1.00 34.92 ? 202 GLU A O   1 
ATOM   1160 C CB  . GLU A 1 150 ? 9.300   7.919   15.177  1.00 36.95 ? 202 GLU A CB  1 
ATOM   1161 C CG  . GLU A 1 150 ? 10.480  8.658   14.572  1.00 41.07 ? 202 GLU A CG  1 
ATOM   1162 C CD  . GLU A 1 150 ? 11.774  8.424   15.315  1.00 41.61 ? 202 GLU A CD  1 
ATOM   1163 O OE1 . GLU A 1 150 ? 11.725  7.849   16.424  1.00 48.10 ? 202 GLU A OE1 1 
ATOM   1164 O OE2 . GLU A 1 150 ? 12.841  8.806   14.783  1.00 48.43 ? 202 GLU A OE2 1 
ATOM   1165 N N   . TRP A 1 151 ? 7.542   4.821   15.391  1.00 30.72 ? 203 TRP A N   1 
ATOM   1166 C CA  . TRP A 1 151 ? 6.344   4.291   16.035  1.00 30.10 ? 203 TRP A CA  1 
ATOM   1167 C C   . TRP A 1 151 ? 6.459   4.578   17.527  1.00 32.75 ? 203 TRP A C   1 
ATOM   1168 O O   . TRP A 1 151 ? 7.292   3.984   18.216  1.00 29.66 ? 203 TRP A O   1 
ATOM   1169 C CB  . TRP A 1 151 ? 6.178   2.793   15.783  1.00 31.97 ? 203 TRP A CB  1 
ATOM   1170 C CG  . TRP A 1 151 ? 5.123   2.111   16.652  1.00 31.11 ? 203 TRP A CG  1 
ATOM   1171 C CD1 . TRP A 1 151 ? 5.327   1.088   17.537  1.00 32.46 ? 203 TRP A CD1 1 
ATOM   1172 C CD2 . TRP A 1 151 ? 3.717   2.404   16.703  1.00 31.56 ? 203 TRP A CD2 1 
ATOM   1173 N NE1 . TRP A 1 151 ? 4.141   0.730   18.134  1.00 30.36 ? 203 TRP A NE1 1 
ATOM   1174 C CE2 . TRP A 1 151 ? 3.137   1.520   17.634  1.00 32.80 ? 203 TRP A CE2 1 
ATOM   1175 C CE3 . TRP A 1 151 ? 2.887   3.319   16.037  1.00 33.14 ? 203 TRP A CE3 1 
ATOM   1176 C CZ2 . TRP A 1 151 ? 1.771   1.534   17.931  1.00 34.01 ? 203 TRP A CZ2 1 
ATOM   1177 C CZ3 . TRP A 1 151 ? 1.522   3.323   16.329  1.00 31.48 ? 203 TRP A CZ3 1 
ATOM   1178 C CH2 . TRP A 1 151 ? 0.982   2.440   17.263  1.00 33.32 ? 203 TRP A CH2 1 
ATOM   1179 N N   . THR A 1 152 ? 5.623   5.492   18.023  1.00 32.93 ? 204 THR A N   1 
ATOM   1180 C CA  . THR A 1 152 ? 5.630   5.888   19.431  1.00 30.08 ? 204 THR A CA  1 
ATOM   1181 C C   . THR A 1 152 ? 4.276   5.639   20.083  1.00 33.27 ? 204 THR A C   1 
ATOM   1182 O O   . THR A 1 152 ? 3.863   6.363   20.998  1.00 33.17 ? 204 THR A O   1 
ATOM   1183 C CB  . THR A 1 152 ? 6.048   7.349   19.579  1.00 32.12 ? 204 THR A CB  1 
ATOM   1184 O OG1 . THR A 1 152 ? 5.107   8.191   18.900  1.00 31.68 ? 204 THR A OG1 1 
ATOM   1185 C CG2 . THR A 1 152 ? 7.432   7.566   19.015  1.00 32.83 ? 204 THR A CG2 1 
ATOM   1186 N N   . GLY A 1 153 ? 3.583   4.599   19.633  1.00 32.07 ? 205 GLY A N   1 
ATOM   1187 C CA  . GLY A 1 153 ? 2.337   4.199   20.232  1.00 34.80 ? 205 GLY A CA  1 
ATOM   1188 C C   . GLY A 1 153 ? 1.140   4.876   19.600  1.00 33.63 ? 205 GLY A C   1 
ATOM   1189 O O   . GLY A 1 153 ? 1.262   5.683   18.672  1.00 33.59 ? 205 GLY A O   1 
ATOM   1190 N N   . PRO A 1 154 ? -0.047  4.559   20.110  1.00 35.27 ? 206 PRO A N   1 
ATOM   1191 C CA  . PRO A 1 154 ? -1.278  5.124   19.544  1.00 35.88 ? 206 PRO A CA  1 
ATOM   1192 C C   . PRO A 1 154 ? -1.278  6.646   19.519  1.00 40.76 ? 206 PRO A C   1 
ATOM   1193 O O   . PRO A 1 154 ? -0.751  7.314   20.417  1.00 39.00 ? 206 PRO A O   1 
ATOM   1194 C CB  . PRO A 1 154 ? -2.366  4.575   20.469  1.00 38.11 ? 206 PRO A CB  1 
ATOM   1195 C CG  . PRO A 1 154 ? -1.785  3.284   20.980  1.00 37.62 ? 206 PRO A CG  1 
ATOM   1196 C CD  . PRO A 1 154 ? -0.331  3.597   21.187  1.00 36.85 ? 206 PRO A CD  1 
ATOM   1197 N N   . GLN A 1 155 ? -1.861  7.185   18.451  1.00 40.49 ? 207 GLN A N   1 
ATOM   1198 C CA  . GLN A 1 155 ? -2.100  8.611   18.277  1.00 41.56 ? 207 GLN A CA  1 
ATOM   1199 C C   . GLN A 1 155 ? -3.582  8.945   18.387  1.00 43.48 ? 207 GLN A C   1 
ATOM   1200 O O   . GLN A 1 155 ? -4.013  9.999   17.911  1.00 45.78 ? 207 GLN A O   1 
ATOM   1201 C CB  . GLN A 1 155 ? -1.570  9.084   16.925  1.00 42.77 ? 207 GLN A CB  1 
ATOM   1202 C CG  . GLN A 1 155 ? -0.085  9.007   16.777  1.00 43.02 ? 207 GLN A CG  1 
ATOM   1203 C CD  . GLN A 1 155 ? 0.615   9.731   17.893  1.00 44.43 ? 207 GLN A CD  1 
ATOM   1204 O OE1 . GLN A 1 155 ? 1.294   9.112   18.708  1.00 45.50 ? 207 GLN A OE1 1 
ATOM   1205 N NE2 . GLN A 1 155 ? 0.438   11.049  17.950  1.00 44.39 ? 207 GLN A NE2 1 
ATOM   1206 N N   . TRP A 1 156 ? -4.365  8.065   19.007  1.00 45.49 ? 208 TRP A N   1 
ATOM   1207 C CA  . TRP A 1 156 ? -5.821  8.149   18.984  1.00 47.61 ? 208 TRP A CA  1 
ATOM   1208 C C   . TRP A 1 156 ? -6.385  7.670   20.322  1.00 48.99 ? 208 TRP A C   1 
ATOM   1209 O O   . TRP A 1 156 ? -5.641  7.136   21.149  1.00 52.13 ? 208 TRP A O   1 
ATOM   1210 C CB  . TRP A 1 156 ? -6.368  7.301   17.835  1.00 43.47 ? 208 TRP A CB  1 
ATOM   1211 C CG  . TRP A 1 156 ? -5.716  5.960   17.809  1.00 39.84 ? 208 TRP A CG  1 
ATOM   1212 C CD1 . TRP A 1 156 ? -6.033  4.887   18.589  1.00 36.91 ? 208 TRP A CD1 1 
ATOM   1213 C CD2 . TRP A 1 156 ? -4.580  5.569   17.028  1.00 36.80 ? 208 TRP A CD2 1 
ATOM   1214 N NE1 . TRP A 1 156 ? -5.196  3.838   18.307  1.00 38.53 ? 208 TRP A NE1 1 
ATOM   1215 C CE2 . TRP A 1 156 ? -4.288  4.232   17.361  1.00 34.78 ? 208 TRP A CE2 1 
ATOM   1216 C CE3 . TRP A 1 156 ? -3.801  6.210   16.057  1.00 36.50 ? 208 TRP A CE3 1 
ATOM   1217 C CZ2 . TRP A 1 156 ? -3.247  3.525   16.764  1.00 33.09 ? 208 TRP A CZ2 1 
ATOM   1218 C CZ3 . TRP A 1 156 ? -2.762  5.506   15.466  1.00 35.91 ? 208 TRP A CZ3 1 
ATOM   1219 C CH2 . TRP A 1 156 ? -2.495  4.177   15.823  1.00 33.01 ? 208 TRP A CH2 1 
ATOM   1220 O OXT . TRP A 1 156 ? -7.579  7.787   20.623  1.00 52.66 ? 208 TRP A OXT 1 
HETATM 1221 O O   . HOH B 2 .   ? 12.088  -5.796  12.857  1.00 32.46 ? 301 HOH A O   1 
HETATM 1222 O O   . HOH B 2 .   ? -12.303 -5.221  -22.735 1.00 34.93 ? 302 HOH A O   1 
HETATM 1223 O O   . HOH B 2 .   ? 11.642  -1.253  20.481  1.00 39.53 ? 303 HOH A O   1 
HETATM 1224 O O   . HOH B 2 .   ? 3.128   -9.140  -11.030 1.00 40.62 ? 304 HOH A O   1 
HETATM 1225 O O   . HOH B 2 .   ? -12.168 -9.517  -10.889 1.00 27.13 ? 305 HOH A O   1 
HETATM 1226 O O   . HOH B 2 .   ? -0.895  -7.467  -16.838 1.00 30.58 ? 306 HOH A O   1 
HETATM 1227 O O   . HOH B 2 .   ? -5.844  -2.088  -12.661 1.00 28.95 ? 307 HOH A O   1 
HETATM 1228 O O   . HOH B 2 .   ? 6.168   9.429   -12.020 1.00 41.87 ? 308 HOH A O   1 
HETATM 1229 O O   . HOH B 2 .   ? -3.931  9.537   -15.863 1.00 40.33 ? 309 HOH A O   1 
HETATM 1230 O O   . HOH B 2 .   ? -0.332  -8.176  10.179  1.00 33.97 ? 310 HOH A O   1 
HETATM 1231 O O   . HOH B 2 .   ? -5.543  1.566   19.731  1.00 43.05 ? 311 HOH A O   1 
HETATM 1232 O O   . HOH B 2 .   ? 1.408   7.101   22.050  1.00 32.26 ? 312 HOH A O   1 
HETATM 1233 O O   . HOH B 2 .   ? -8.229  -11.238 -12.254 1.00 35.05 ? 313 HOH A O   1 
HETATM 1234 O O   . HOH B 2 .   ? -3.680  -9.347  4.571   1.00 37.80 ? 314 HOH A O   1 
HETATM 1235 O O   . HOH B 2 .   ? -2.988  0.525   19.315  1.00 42.49 ? 315 HOH A O   1 
HETATM 1236 O O   . HOH B 2 .   ? -2.707  7.997   -4.054  1.00 38.04 ? 316 HOH A O   1 
HETATM 1237 O O   . HOH B 2 .   ? 18.658  5.513   11.447  1.00 44.63 ? 317 HOH A O   1 
HETATM 1238 O O   . HOH B 2 .   ? 9.881   -1.276  -11.727 1.00 35.41 ? 318 HOH A O   1 
HETATM 1239 O O   . HOH B 2 .   ? 4.475   -7.218  -3.602  1.00 35.45 ? 319 HOH A O   1 
HETATM 1240 O O   . HOH B 2 .   ? -6.058  3.901   -2.551  1.00 34.13 ? 320 HOH A O   1 
HETATM 1241 O O   . HOH B 2 .   ? 16.496  0.325   4.017   1.00 51.93 ? 321 HOH A O   1 
HETATM 1242 O O   . HOH B 2 .   ? 1.335   -6.776  -15.085 1.00 30.07 ? 322 HOH A O   1 
HETATM 1243 O O   . HOH B 2 .   ? 2.170   9.269   2.180   1.00 35.58 ? 323 HOH A O   1 
HETATM 1244 O O   . HOH B 2 .   ? 3.185   6.631   16.807  1.00 35.20 ? 324 HOH A O   1 
HETATM 1245 O O   . HOH B 2 .   ? -0.055  -1.701  -28.236 1.00 38.18 ? 325 HOH A O   1 
HETATM 1246 O O   . HOH B 2 .   ? 5.087   14.573  -1.663  1.00 45.46 ? 326 HOH A O   1 
HETATM 1247 O O   . HOH B 2 .   ? 5.690   -5.843  -11.060 1.00 28.86 ? 327 HOH A O   1 
HETATM 1248 O O   . HOH B 2 .   ? 1.865   -4.712  -19.712 1.00 29.11 ? 328 HOH A O   1 
HETATM 1249 O O   . HOH B 2 .   ? 1.678   -11.401 15.693  1.00 48.23 ? 329 HOH A O   1 
HETATM 1250 O O   . HOH B 2 .   ? 4.562   -5.491  -18.929 1.00 40.29 ? 330 HOH A O   1 
HETATM 1251 O O   . HOH B 2 .   ? -2.344  -6.647  -2.632  1.00 27.90 ? 331 HOH A O   1 
HETATM 1252 O O   . HOH B 2 .   ? -5.562  -7.307  5.022   1.00 36.04 ? 332 HOH A O   1 
HETATM 1253 O O   . HOH B 2 .   ? -10.217 -8.244  17.971  1.00 43.58 ? 333 HOH A O   1 
HETATM 1254 O O   . HOH B 2 .   ? 3.378   1.894   -16.469 1.00 33.63 ? 334 HOH A O   1 
HETATM 1255 O O   . HOH B 2 .   ? 9.385   6.913   -11.360 1.00 40.43 ? 335 HOH A O   1 
HETATM 1256 O O   . HOH B 2 .   ? 7.473   9.112   12.042  1.00 44.61 ? 336 HOH A O   1 
HETATM 1257 O O   . HOH B 2 .   ? 1.743   -7.544  11.914  1.00 32.51 ? 337 HOH A O   1 
HETATM 1258 O O   . HOH B 2 .   ? 0.367   13.722  -12.239 1.00 49.12 ? 338 HOH A O   1 
HETATM 1259 O O   . HOH B 2 .   ? 7.818   -6.355  21.741  1.00 41.54 ? 339 HOH A O   1 
HETATM 1260 O O   . HOH B 2 .   ? -2.340  0.460   -29.120 1.00 39.80 ? 340 HOH A O   1 
HETATM 1261 O O   . HOH B 2 .   ? 11.771  -2.395  5.508   1.00 36.89 ? 341 HOH A O   1 
HETATM 1262 O O   . HOH B 2 .   ? 4.958   3.182   -14.771 1.00 32.23 ? 342 HOH A O   1 
HETATM 1263 O O   . HOH B 2 .   ? 3.831   -6.631  -15.750 1.00 37.36 ? 343 HOH A O   1 
HETATM 1264 O O   . HOH B 2 .   ? 6.742   -1.019  23.492  1.00 42.21 ? 344 HOH A O   1 
HETATM 1265 O O   . HOH B 2 .   ? 9.852   -5.020  22.587  1.00 42.07 ? 345 HOH A O   1 
HETATM 1266 O O   . HOH B 2 .   ? -7.263  5.686   -4.856  1.00 40.60 ? 346 HOH A O   1 
HETATM 1267 O O   . HOH B 2 .   ? -6.891  -1.221  19.442  1.00 43.93 ? 347 HOH A O   1 
HETATM 1268 O O   . HOH B 2 .   ? 2.904   -9.589  -3.434  1.00 44.61 ? 348 HOH A O   1 
HETATM 1269 O O   . HOH B 2 .   ? 21.466  0.914   13.552  1.00 49.20 ? 349 HOH A O   1 
HETATM 1270 O O   . HOH B 2 .   ? 7.362   2.337   -13.253 1.00 41.28 ? 350 HOH A O   1 
HETATM 1271 O O   . HOH B 2 .   ? -1.984  14.646  11.431  1.00 51.44 ? 351 HOH A O   1 
HETATM 1272 O O   . HOH B 2 .   ? -5.193  -8.761  -3.658  1.00 37.41 ? 352 HOH A O   1 
HETATM 1273 O O   . HOH B 2 .   ? 7.168   -14.633 -3.059  1.00 54.58 ? 353 HOH A O   1 
# 
